data_6ZK3
#
_entry.id   6ZK3
#
_cell.length_a   94.810
_cell.length_b   86.710
_cell.length_c   131.910
_cell.angle_alpha   90.000
_cell.angle_beta   99.440
_cell.angle_gamma   90.000
#
_symmetry.space_group_name_H-M   'P 1 21 1'
#
loop_
_entity.id
_entity.type
_entity.pdbx_description
1 polymer 'Pyrimidine-specific ribonucleoside hydrolase rihA'
2 non-polymer 'CALCIUM ION'
3 non-polymer alpha-D-ribofuranose
4 non-polymer 1,2-ETHANEDIOL
5 non-polymer 'TRIETHYLENE GLYCOL'
6 non-polymer DI(HYDROXYETHYL)ETHER
7 water water
#
_entity_poly.entity_id   1
_entity_poly.type   'polypeptide(L)'
_entity_poly.pdbx_seq_one_letter_code
;MGSSHHHHHHSQDPNSSSMGQDGQQIRRDKLIIDTDPGIDDSMTILMAFRAPSVEIIGLTTIFGNVDTKGATRNALLLCE
RAGCPEVPVAEGSHEPLKGGKPRVADFVHGSDGIGNLFLPAPSAKKVEESAADFLINKVSEFPGEVSVLALGPLTNVALA
IKRDPSFASKVKKIVVLGGAFFAAGNVNPAAEANIHGDPEAADIVFTSGADIVVVGINITTQVCLTDEDLLELRNSKGKH
AAFLYEMCKFYRDWHAKSDGFHGIFLHDPVSFTAVLHPEYFTFKKGVVRVETQGICTGHTLMDQGLKKWNSENPWSGYKP
ISVAWTVDVPKVISFIKKLLMAP
;
_entity_poly.pdbx_strand_id   A,B,C,D,E,F
#
loop_
_chem_comp.id
_chem_comp.type
_chem_comp.name
_chem_comp.formula
CA non-polymer 'CALCIUM ION' 'Ca 2'
EDO non-polymer 1,2-ETHANEDIOL 'C2 H6 O2'
PEG non-polymer DI(HYDROXYETHYL)ETHER 'C4 H10 O3'
PGE non-polymer 'TRIETHYLENE GLYCOL' 'C6 H14 O4'
RIB D-saccharide, alpha linking alpha-D-ribofuranose 'C5 H10 O5'
#
# COMPACT_ATOMS: atom_id res chain seq x y z
N GLN A 25 13.17 -32.84 18.48
CA GLN A 25 12.30 -33.01 17.31
C GLN A 25 12.24 -31.75 16.43
N ILE A 26 12.02 -30.54 17.01
CA ILE A 26 11.93 -29.32 16.20
C ILE A 26 13.25 -28.51 16.21
N ARG A 27 13.39 -27.55 15.26
CA ARG A 27 14.55 -26.67 15.12
C ARG A 27 14.63 -25.75 16.33
N ARG A 28 15.84 -25.66 16.89
CA ARG A 28 16.13 -24.85 18.07
C ARG A 28 16.90 -23.58 17.69
N ASP A 29 16.42 -22.40 18.13
CA ASP A 29 17.07 -21.09 17.93
C ASP A 29 18.03 -20.83 19.11
N LYS A 30 19.31 -20.48 18.79
CA LYS A 30 20.31 -20.21 19.83
C LYS A 30 20.02 -18.91 20.57
N LEU A 31 20.12 -18.97 21.89
CA LEU A 31 19.83 -17.83 22.72
C LEU A 31 20.79 -17.74 23.90
N ILE A 32 21.27 -16.51 24.17
CA ILE A 32 22.05 -16.21 25.36
C ILE A 32 21.13 -15.31 26.20
N ILE A 33 20.99 -15.62 27.48
CA ILE A 33 20.19 -14.77 28.38
C ILE A 33 21.12 -14.01 29.29
N ASP A 34 21.09 -12.65 29.24
CA ASP A 34 21.90 -11.77 30.09
C ASP A 34 20.94 -11.34 31.20
N THR A 35 21.27 -11.64 32.46
CA THR A 35 20.27 -11.58 33.51
C THR A 35 20.80 -11.28 34.90
N ASP A 36 19.92 -10.74 35.77
CA ASP A 36 20.24 -10.43 37.17
C ASP A 36 19.25 -11.21 38.05
N PRO A 37 19.27 -12.56 38.04
CA PRO A 37 18.23 -13.30 38.78
C PRO A 37 18.28 -13.14 40.29
N GLY A 38 17.20 -12.62 40.92
CA GLY A 38 15.99 -12.07 40.29
C GLY A 38 14.87 -13.07 40.17
N ILE A 39 13.69 -12.71 40.72
CA ILE A 39 12.52 -13.60 40.75
C ILE A 39 11.92 -13.79 39.35
N ASP A 40 11.59 -12.70 38.65
CA ASP A 40 11.04 -12.84 37.29
C ASP A 40 12.09 -13.33 36.30
N ASP A 41 13.38 -12.97 36.50
CA ASP A 41 14.46 -13.55 35.66
C ASP A 41 14.45 -15.09 35.85
N SER A 42 14.34 -15.58 37.12
CA SER A 42 14.34 -17.02 37.41
C SER A 42 13.19 -17.73 36.74
N MET A 43 11.99 -17.12 36.78
CA MET A 43 10.80 -17.67 36.12
C MET A 43 11.10 -17.78 34.61
N THR A 44 11.68 -16.72 34.01
CA THR A 44 11.98 -16.68 32.57
C THR A 44 12.98 -17.75 32.17
N ILE A 45 14.08 -17.88 32.95
CA ILE A 45 15.12 -18.87 32.67
C ILE A 45 14.55 -20.29 32.71
N LEU A 46 13.73 -20.60 33.73
CA LEU A 46 13.13 -21.92 33.84
C LEU A 46 12.13 -22.18 32.69
N MET A 47 11.41 -21.14 32.24
CA MET A 47 10.52 -21.24 31.06
C MET A 47 11.37 -21.53 29.81
N ALA A 48 12.49 -20.79 29.65
CA ALA A 48 13.36 -20.92 28.49
C ALA A 48 13.96 -22.32 28.41
N PHE A 49 14.36 -22.92 29.55
CA PHE A 49 14.89 -24.29 29.53
C PHE A 49 13.81 -25.32 29.12
N ARG A 50 12.51 -24.96 29.27
CA ARG A 50 11.40 -25.86 28.90
C ARG A 50 10.89 -25.66 27.47
N ALA A 51 11.21 -24.50 26.86
CA ALA A 51 10.75 -24.19 25.51
C ALA A 51 11.47 -25.05 24.49
N PRO A 52 10.75 -25.93 23.77
CA PRO A 52 11.45 -26.82 22.83
C PRO A 52 12.10 -26.15 21.63
N SER A 53 11.70 -24.91 21.27
CA SER A 53 12.25 -24.22 20.11
C SER A 53 13.50 -23.39 20.46
N VAL A 54 13.95 -23.45 21.72
CA VAL A 54 15.09 -22.67 22.18
C VAL A 54 16.28 -23.54 22.56
N GLU A 55 17.50 -23.10 22.22
CA GLU A 55 18.73 -23.73 22.68
C GLU A 55 19.45 -22.66 23.46
N ILE A 56 19.45 -22.79 24.80
CA ILE A 56 20.15 -21.84 25.66
C ILE A 56 21.63 -22.15 25.57
N ILE A 57 22.41 -21.26 24.96
CA ILE A 57 23.83 -21.55 24.82
C ILE A 57 24.64 -20.98 26.01
N GLY A 58 24.01 -20.14 26.83
CA GLY A 58 24.66 -19.65 28.04
C GLY A 58 23.83 -18.62 28.76
N LEU A 59 24.16 -18.42 30.04
CA LEU A 59 23.57 -17.38 30.89
C LEU A 59 24.71 -16.42 31.22
N THR A 60 24.49 -15.13 31.03
CA THR A 60 25.54 -14.14 31.36
C THR A 60 24.95 -13.31 32.45
N THR A 61 25.71 -13.03 33.51
CA THR A 61 25.10 -12.38 34.67
C THR A 61 25.51 -10.95 34.88
N ILE A 62 24.60 -10.18 35.52
CA ILE A 62 24.80 -8.76 35.78
C ILE A 62 24.13 -8.43 37.10
N PHE A 63 24.47 -7.28 37.70
CA PHE A 63 23.87 -6.82 38.96
C PHE A 63 22.48 -6.23 38.67
N GLY A 64 21.79 -5.78 39.73
CA GLY A 64 20.50 -5.08 39.60
C GLY A 64 19.57 -5.48 40.72
N ASN A 65 18.95 -6.64 40.57
CA ASN A 65 18.07 -7.22 41.58
C ASN A 65 18.86 -7.73 42.76
N VAL A 66 20.16 -8.00 42.53
CA VAL A 66 21.08 -8.59 43.51
C VAL A 66 22.50 -8.25 42.96
N ASP A 67 23.54 -8.35 43.80
CA ASP A 67 24.88 -8.08 43.28
C ASP A 67 25.25 -9.13 42.23
N THR A 68 26.21 -8.82 41.35
CA THR A 68 26.59 -9.79 40.28
C THR A 68 26.97 -11.16 40.82
N LYS A 69 27.71 -11.23 41.94
CA LYS A 69 28.10 -12.51 42.52
C LYS A 69 26.85 -13.32 42.91
N GLY A 70 25.83 -12.65 43.45
CA GLY A 70 24.55 -13.27 43.80
C GLY A 70 23.78 -13.75 42.59
N ALA A 71 23.85 -12.96 41.50
CA ALA A 71 23.19 -13.31 40.24
C ALA A 71 23.83 -14.56 39.66
N THR A 72 25.19 -14.65 39.71
CA THR A 72 25.92 -15.83 39.21
C THR A 72 25.53 -17.06 40.01
N ARG A 73 25.46 -16.91 41.34
CA ARG A 73 25.05 -18.01 42.23
C ARG A 73 23.67 -18.53 41.83
N ASN A 74 22.69 -17.61 41.65
CA ASN A 74 21.33 -18.00 41.23
C ASN A 74 21.30 -18.62 39.87
N ALA A 75 22.06 -18.07 38.92
CA ALA A 75 22.09 -18.63 37.56
C ALA A 75 22.62 -20.06 37.56
N LEU A 76 23.70 -20.32 38.33
CA LEU A 76 24.26 -21.67 38.41
C LEU A 76 23.23 -22.63 39.05
N LEU A 77 22.53 -22.15 40.10
CA LEU A 77 21.50 -22.96 40.76
C LEU A 77 20.31 -23.24 39.82
N LEU A 78 19.95 -22.29 38.94
CA LEU A 78 18.85 -22.52 37.99
C LEU A 78 19.22 -23.56 36.96
N CYS A 79 20.50 -23.56 36.50
CA CYS A 79 20.97 -24.58 35.55
C CYS A 79 20.87 -25.96 36.20
N GLU A 80 21.24 -26.05 37.49
CA GLU A 80 21.16 -27.31 38.24
C GLU A 80 19.70 -27.74 38.41
N ARG A 81 18.81 -26.80 38.77
CA ARG A 81 17.38 -27.07 38.99
C ARG A 81 16.70 -27.52 37.70
N ALA A 82 17.13 -26.97 36.56
CA ALA A 82 16.56 -27.32 35.26
C ALA A 82 17.12 -28.64 34.70
N GLY A 83 18.12 -29.20 35.37
CA GLY A 83 18.73 -30.45 34.97
C GLY A 83 19.75 -30.29 33.86
N CYS A 84 20.34 -29.08 33.72
CA CYS A 84 21.35 -28.77 32.70
C CYS A 84 22.55 -28.03 33.32
N PRO A 85 23.31 -28.66 34.26
CA PRO A 85 24.45 -27.97 34.89
C PRO A 85 25.63 -27.68 33.97
N GLU A 86 25.59 -28.25 32.75
CA GLU A 86 26.61 -28.07 31.72
C GLU A 86 26.43 -26.76 30.95
N VAL A 87 25.24 -26.10 31.05
CA VAL A 87 24.98 -24.82 30.38
C VAL A 87 25.91 -23.77 30.99
N PRO A 88 26.79 -23.14 30.20
CA PRO A 88 27.76 -22.20 30.79
C PRO A 88 27.12 -20.98 31.42
N VAL A 89 27.67 -20.56 32.56
CA VAL A 89 27.29 -19.33 33.22
C VAL A 89 28.53 -18.44 33.23
N ALA A 90 28.46 -17.27 32.58
CA ALA A 90 29.60 -16.37 32.50
C ALA A 90 29.28 -15.12 33.33
N GLU A 91 30.11 -14.85 34.34
CA GLU A 91 29.92 -13.71 35.21
C GLU A 91 30.30 -12.40 34.53
N GLY A 92 29.41 -11.42 34.64
CA GLY A 92 29.64 -10.12 34.02
C GLY A 92 30.18 -9.08 34.96
N SER A 93 29.98 -7.82 34.58
CA SER A 93 30.49 -6.68 35.32
C SER A 93 29.86 -6.59 36.72
N HIS A 94 30.67 -6.17 37.70
CA HIS A 94 30.20 -5.98 39.08
C HIS A 94 29.66 -4.57 39.31
N GLU A 95 29.86 -3.67 38.34
CA GLU A 95 29.44 -2.27 38.47
C GLU A 95 29.04 -1.72 37.11
N PRO A 96 28.26 -0.61 37.08
CA PRO A 96 27.93 -0.01 35.78
C PRO A 96 29.15 0.62 35.11
N LEU A 97 29.01 1.02 33.84
CA LEU A 97 30.13 1.65 33.14
C LEU A 97 30.67 2.90 33.85
N LYS A 98 29.80 3.70 34.49
CA LYS A 98 30.25 4.91 35.22
C LYS A 98 30.97 4.58 36.54
N GLY A 99 30.87 3.32 36.96
CA GLY A 99 31.50 2.84 38.18
C GLY A 99 30.69 3.03 39.43
N GLY A 100 31.10 2.34 40.48
CA GLY A 100 30.46 2.42 41.79
C GLY A 100 29.73 1.16 42.16
N LYS A 101 29.84 0.75 43.45
CA LYS A 101 29.15 -0.47 43.91
C LYS A 101 27.62 -0.19 43.86
N PRO A 102 26.88 -0.99 43.05
CA PRO A 102 25.45 -0.71 42.85
C PRO A 102 24.61 -1.07 44.07
N ARG A 103 23.56 -0.25 44.31
CA ARG A 103 22.57 -0.53 45.34
C ARG A 103 21.60 -1.46 44.61
N VAL A 104 21.21 -2.55 45.25
CA VAL A 104 20.40 -3.59 44.60
C VAL A 104 18.96 -3.63 45.12
N ALA A 105 18.02 -4.14 44.31
CA ALA A 105 16.59 -4.18 44.63
C ALA A 105 16.21 -5.33 45.58
N ASP A 106 16.85 -5.38 46.76
CA ASP A 106 16.57 -6.41 47.75
C ASP A 106 15.17 -6.27 48.37
N PHE A 107 14.57 -5.06 48.27
CA PHE A 107 13.21 -4.79 48.77
C PHE A 107 12.15 -5.37 47.80
N VAL A 108 12.56 -5.77 46.59
CA VAL A 108 11.69 -6.36 45.57
C VAL A 108 11.95 -7.86 45.44
N HIS A 109 13.25 -8.24 45.35
CA HIS A 109 13.65 -9.64 45.10
C HIS A 109 14.26 -10.36 46.30
N GLY A 110 14.29 -9.74 47.46
CA GLY A 110 14.88 -10.35 48.65
C GLY A 110 16.39 -10.18 48.68
N SER A 111 17.02 -10.42 49.84
CA SER A 111 18.48 -10.29 50.03
C SER A 111 19.29 -11.28 49.20
N ASP A 112 18.70 -12.44 48.84
CA ASP A 112 19.42 -13.41 48.01
C ASP A 112 19.03 -13.28 46.53
N GLY A 113 18.10 -12.37 46.24
CA GLY A 113 17.61 -12.13 44.89
C GLY A 113 16.51 -13.08 44.45
N ILE A 114 16.14 -14.07 45.27
CA ILE A 114 15.08 -15.02 44.88
C ILE A 114 13.97 -15.16 45.97
N GLY A 115 13.71 -14.07 46.67
CA GLY A 115 12.63 -14.07 47.65
C GLY A 115 12.95 -14.60 49.02
N ASN A 116 14.24 -14.51 49.44
CA ASN A 116 14.73 -14.93 50.77
C ASN A 116 14.52 -16.41 51.06
N LEU A 117 14.93 -17.25 50.10
CA LEU A 117 14.87 -18.70 50.24
C LEU A 117 16.15 -19.23 50.88
N PHE A 118 17.28 -18.48 50.76
CA PHE A 118 18.59 -18.81 51.34
C PHE A 118 18.99 -20.25 51.09
N LEU A 119 19.16 -20.57 49.80
CA LEU A 119 19.48 -21.92 49.36
C LEU A 119 20.98 -22.24 49.40
N PRO A 120 21.37 -23.53 49.55
CA PRO A 120 22.80 -23.88 49.57
C PRO A 120 23.50 -23.53 48.25
N ALA A 121 24.83 -23.35 48.31
CA ALA A 121 25.65 -22.96 47.18
C ALA A 121 25.64 -24.01 46.05
N PRO A 122 25.69 -23.59 44.76
CA PRO A 122 25.74 -24.59 43.68
C PRO A 122 27.06 -25.37 43.65
N SER A 123 27.04 -26.54 43.01
CA SER A 123 28.17 -27.40 42.77
C SER A 123 28.79 -27.00 41.44
N ALA A 124 27.94 -26.64 40.46
CA ALA A 124 28.38 -26.18 39.13
C ALA A 124 29.17 -24.88 39.31
N LYS A 125 30.15 -24.63 38.44
CA LYS A 125 30.97 -23.43 38.56
C LYS A 125 30.85 -22.57 37.31
N LYS A 126 31.01 -21.26 37.46
CA LYS A 126 30.99 -20.34 36.34
C LYS A 126 32.18 -20.65 35.39
N VAL A 127 32.07 -20.23 34.12
CA VAL A 127 33.18 -20.38 33.17
C VAL A 127 34.23 -19.32 33.50
N GLU A 128 35.45 -19.47 32.94
CA GLU A 128 36.56 -18.54 33.21
C GLU A 128 36.37 -17.16 32.59
N GLU A 129 35.87 -17.10 31.36
CA GLU A 129 35.69 -15.83 30.65
C GLU A 129 34.56 -14.97 31.20
N SER A 130 34.68 -13.65 31.03
CA SER A 130 33.63 -12.72 31.47
C SER A 130 32.42 -12.82 30.56
N ALA A 131 31.28 -12.26 30.99
CA ALA A 131 30.05 -12.24 30.19
C ALA A 131 30.32 -11.53 28.84
N ALA A 132 31.06 -10.40 28.85
CA ALA A 132 31.34 -9.66 27.62
C ALA A 132 32.19 -10.52 26.66
N ASP A 133 33.21 -11.27 27.19
CA ASP A 133 34.06 -12.16 26.36
C ASP A 133 33.17 -13.26 25.77
N PHE A 134 32.30 -13.84 26.62
CA PHE A 134 31.39 -14.92 26.25
C PHE A 134 30.47 -14.47 25.10
N LEU A 135 29.84 -13.29 25.24
CA LEU A 135 28.95 -12.73 24.20
C LEU A 135 29.71 -12.58 22.89
N ILE A 136 30.91 -11.96 22.92
CA ILE A 136 31.74 -11.77 21.72
C ILE A 136 32.11 -13.13 21.07
N ASN A 137 32.60 -14.07 21.88
CA ASN A 137 33.02 -15.37 21.38
C ASN A 137 31.90 -16.18 20.73
N LYS A 138 30.72 -16.23 21.38
CA LYS A 138 29.61 -17.02 20.84
C LYS A 138 29.05 -16.43 19.58
N VAL A 139 28.89 -15.11 19.54
CA VAL A 139 28.35 -14.43 18.36
C VAL A 139 29.33 -14.57 17.15
N SER A 140 30.65 -14.58 17.42
CA SER A 140 31.70 -14.76 16.41
C SER A 140 31.76 -16.23 15.90
N GLU A 141 31.47 -17.20 16.78
CA GLU A 141 31.46 -18.63 16.46
C GLU A 141 30.26 -19.02 15.58
N PHE A 142 29.10 -18.39 15.84
CA PHE A 142 27.86 -18.66 15.12
C PHE A 142 27.29 -17.34 14.58
N PRO A 143 27.95 -16.72 13.58
CA PRO A 143 27.47 -15.41 13.11
C PRO A 143 26.07 -15.44 12.52
N GLY A 144 25.24 -14.50 12.95
CA GLY A 144 23.85 -14.36 12.55
C GLY A 144 22.91 -15.39 13.16
N GLU A 145 23.40 -16.25 14.10
CA GLU A 145 22.63 -17.35 14.68
C GLU A 145 22.15 -17.11 16.10
N VAL A 146 22.88 -16.29 16.86
CA VAL A 146 22.64 -16.12 18.29
C VAL A 146 21.85 -14.85 18.64
N SER A 147 20.69 -15.04 19.29
CA SER A 147 19.91 -13.90 19.81
C SER A 147 20.31 -13.71 21.25
N VAL A 148 20.19 -12.47 21.75
CA VAL A 148 20.47 -12.15 23.14
C VAL A 148 19.19 -11.63 23.77
N LEU A 149 18.79 -12.23 24.90
CA LEU A 149 17.64 -11.73 25.67
C LEU A 149 18.24 -11.03 26.88
N ALA A 150 18.11 -9.70 26.93
CA ALA A 150 18.69 -8.89 28.00
C ALA A 150 17.63 -8.55 29.03
N LEU A 151 17.80 -9.15 30.23
CA LEU A 151 16.85 -9.06 31.33
C LEU A 151 17.33 -8.21 32.48
N GLY A 152 18.51 -7.64 32.35
CA GLY A 152 19.01 -6.77 33.40
C GLY A 152 19.64 -5.52 32.83
N PRO A 153 20.40 -4.77 33.67
CA PRO A 153 21.17 -3.63 33.14
C PRO A 153 22.05 -4.10 31.97
N LEU A 154 22.29 -3.22 31.02
CA LEU A 154 22.93 -3.58 29.74
C LEU A 154 24.45 -3.51 29.69
N THR A 155 25.11 -3.42 30.85
CA THR A 155 26.57 -3.30 30.95
C THR A 155 27.35 -4.30 30.12
N ASN A 156 27.02 -5.61 30.22
CA ASN A 156 27.80 -6.61 29.48
C ASN A 156 27.64 -6.49 27.98
N VAL A 157 26.42 -6.15 27.54
CA VAL A 157 26.12 -5.99 26.11
C VAL A 157 26.85 -4.77 25.56
N ALA A 158 26.89 -3.66 26.34
CA ALA A 158 27.61 -2.46 25.94
C ALA A 158 29.11 -2.72 25.90
N LEU A 159 29.63 -3.52 26.87
CA LEU A 159 31.06 -3.87 26.86
C LEU A 159 31.43 -4.64 25.60
N ALA A 160 30.56 -5.62 25.19
CA ALA A 160 30.78 -6.41 23.96
C ALA A 160 30.78 -5.50 22.72
N ILE A 161 29.80 -4.58 22.63
CA ILE A 161 29.65 -3.63 21.51
C ILE A 161 30.87 -2.72 21.40
N LYS A 162 31.33 -2.16 22.54
CA LYS A 162 32.49 -1.25 22.56
C LYS A 162 33.77 -1.98 22.20
N ARG A 163 33.89 -3.24 22.62
CA ARG A 163 35.10 -4.01 22.35
C ARG A 163 35.11 -4.57 20.95
N ASP A 164 33.92 -4.81 20.38
CA ASP A 164 33.80 -5.42 19.07
C ASP A 164 32.82 -4.68 18.16
N PRO A 165 33.30 -3.77 17.30
CA PRO A 165 32.37 -3.05 16.39
C PRO A 165 31.60 -3.94 15.40
N SER A 166 32.00 -5.22 15.26
CA SER A 166 31.29 -6.14 14.36
C SER A 166 30.21 -6.95 15.10
N PHE A 167 30.18 -6.83 16.44
CA PHE A 167 29.17 -7.50 17.28
C PHE A 167 27.72 -7.22 16.80
N ALA A 168 27.41 -5.94 16.51
CA ALA A 168 26.07 -5.49 16.10
C ALA A 168 25.54 -6.22 14.87
N SER A 169 26.40 -6.48 13.88
CA SER A 169 26.02 -7.21 12.68
C SER A 169 26.06 -8.71 12.89
N LYS A 170 26.94 -9.20 13.79
CA LYS A 170 27.04 -10.65 13.98
C LYS A 170 25.92 -11.25 14.85
N VAL A 171 25.44 -10.48 15.83
CA VAL A 171 24.35 -10.92 16.70
C VAL A 171 23.07 -10.98 15.84
N LYS A 172 22.12 -11.84 16.21
CA LYS A 172 20.84 -11.89 15.51
C LYS A 172 20.01 -10.75 16.13
N LYS A 173 19.01 -11.05 16.97
CA LYS A 173 18.24 -10.00 17.63
C LYS A 173 18.73 -9.80 19.03
N ILE A 174 18.61 -8.56 19.53
CA ILE A 174 18.84 -8.28 20.94
C ILE A 174 17.48 -7.85 21.46
N VAL A 175 16.84 -8.70 22.27
CA VAL A 175 15.53 -8.37 22.84
C VAL A 175 15.75 -7.87 24.24
N VAL A 176 15.34 -6.64 24.54
CA VAL A 176 15.64 -5.98 25.81
C VAL A 176 14.41 -5.78 26.64
N LEU A 177 14.46 -6.20 27.91
CA LEU A 177 13.40 -5.84 28.83
C LEU A 177 13.96 -4.60 29.50
N GLY A 178 13.37 -3.46 29.21
CA GLY A 178 13.86 -2.24 29.82
C GLY A 178 13.19 -1.00 29.30
N GLY A 179 13.29 0.06 30.09
CA GLY A 179 12.75 1.35 29.71
C GLY A 179 11.28 1.54 30.03
N ALA A 180 10.82 2.78 29.85
CA ALA A 180 9.42 3.15 30.04
C ALA A 180 9.21 4.24 28.97
N PHE A 181 8.42 3.91 27.96
CA PHE A 181 8.17 4.79 26.83
C PHE A 181 6.85 5.50 27.00
N PHE A 182 6.90 6.84 27.19
CA PHE A 182 5.71 7.66 27.41
C PHE A 182 4.88 7.10 28.59
N ALA A 183 5.60 6.68 29.66
CA ALA A 183 4.99 6.10 30.84
C ALA A 183 5.93 6.31 32.03
N ALA A 184 5.38 6.17 33.24
CA ALA A 184 6.17 6.32 34.47
C ALA A 184 7.20 5.22 34.57
N GLY A 185 8.33 5.54 35.19
CA GLY A 185 9.35 4.53 35.48
C GLY A 185 8.93 3.72 36.71
N ASN A 186 9.78 2.78 37.14
CA ASN A 186 9.49 1.96 38.33
C ASN A 186 10.57 2.09 39.43
N VAL A 187 11.69 2.81 39.18
CA VAL A 187 12.70 3.15 40.20
C VAL A 187 12.31 4.53 40.75
N ASN A 188 11.84 5.39 39.84
CA ASN A 188 11.36 6.73 40.17
C ASN A 188 10.47 7.16 38.99
N PRO A 189 9.85 8.35 39.00
CA PRO A 189 8.94 8.71 37.88
C PRO A 189 9.58 8.68 36.50
N ALA A 190 10.90 8.89 36.42
CA ALA A 190 11.61 8.98 35.13
C ALA A 190 12.15 7.70 34.56
N ALA A 191 12.53 6.73 35.42
CA ALA A 191 13.32 5.59 34.94
C ALA A 191 12.87 4.23 35.37
N GLU A 192 13.06 3.27 34.45
CA GLU A 192 12.83 1.85 34.69
C GLU A 192 14.17 1.28 35.27
N ALA A 193 14.07 0.26 36.13
CA ALA A 193 15.22 -0.32 36.87
C ALA A 193 16.42 -0.73 36.03
N ASN A 194 16.23 -1.53 34.98
CA ASN A 194 17.38 -1.99 34.19
C ASN A 194 18.13 -0.84 33.55
N ILE A 195 17.40 0.14 33.02
CA ILE A 195 18.07 1.30 32.38
C ILE A 195 18.75 2.15 33.42
N HIS A 196 18.06 2.40 34.55
CA HIS A 196 18.63 3.19 35.63
C HIS A 196 19.91 2.54 36.20
N GLY A 197 19.97 1.21 36.18
CA GLY A 197 21.13 0.44 36.63
C GLY A 197 22.39 0.77 35.86
N ASP A 198 22.25 1.11 34.56
CA ASP A 198 23.39 1.52 33.73
C ASP A 198 22.92 2.33 32.52
N PRO A 199 22.69 3.65 32.72
CA PRO A 199 22.16 4.47 31.61
C PRO A 199 23.11 4.57 30.43
N GLU A 200 24.42 4.75 30.69
CA GLU A 200 25.45 4.82 29.64
C GLU A 200 25.45 3.55 28.79
N ALA A 201 25.36 2.37 29.43
CA ALA A 201 25.34 1.09 28.71
C ALA A 201 24.12 1.00 27.82
N ALA A 202 22.95 1.41 28.35
CA ALA A 202 21.71 1.35 27.58
C ALA A 202 21.82 2.28 26.36
N ASP A 203 22.37 3.50 26.53
CA ASP A 203 22.51 4.42 25.41
C ASP A 203 23.44 3.82 24.33
N ILE A 204 24.52 3.13 24.75
CA ILE A 204 25.44 2.47 23.82
C ILE A 204 24.70 1.37 23.04
N VAL A 205 23.90 0.56 23.73
CA VAL A 205 23.18 -0.54 23.08
C VAL A 205 22.17 0.02 22.10
N PHE A 206 21.35 0.98 22.53
CA PHE A 206 20.31 1.52 21.65
C PHE A 206 20.80 2.28 20.43
N THR A 207 22.05 2.80 20.46
CA THR A 207 22.62 3.53 19.30
C THR A 207 23.64 2.67 18.52
N SER A 208 23.77 1.36 18.86
CA SER A 208 24.74 0.45 18.27
C SER A 208 24.51 0.04 16.82
N GLY A 209 23.29 0.18 16.34
CA GLY A 209 22.93 -0.26 14.99
C GLY A 209 22.57 -1.74 14.93
N ALA A 210 22.55 -2.45 16.08
CA ALA A 210 22.16 -3.87 16.12
C ALA A 210 20.63 -3.97 15.94
N ASP A 211 20.12 -5.16 15.59
CA ASP A 211 18.69 -5.37 15.45
C ASP A 211 18.15 -5.52 16.88
N ILE A 212 17.67 -4.43 17.44
CA ILE A 212 17.21 -4.37 18.84
C ILE A 212 15.72 -4.24 18.91
N VAL A 213 15.13 -5.01 19.83
CA VAL A 213 13.70 -4.94 20.11
C VAL A 213 13.60 -4.60 21.59
N VAL A 214 12.96 -3.47 21.95
CA VAL A 214 12.86 -3.06 23.36
C VAL A 214 11.44 -3.19 23.84
N VAL A 215 11.28 -3.87 24.97
CA VAL A 215 9.97 -4.10 25.59
C VAL A 215 10.03 -3.34 26.90
N GLY A 216 9.33 -2.20 26.93
CA GLY A 216 9.33 -1.35 28.11
C GLY A 216 8.26 -1.75 29.11
N ILE A 217 8.32 -1.17 30.31
CA ILE A 217 7.30 -1.48 31.33
C ILE A 217 5.92 -0.86 30.97
N ASN A 218 5.87 0.04 29.96
CA ASN A 218 4.61 0.57 29.40
C ASN A 218 3.83 -0.64 28.83
N ILE A 219 4.57 -1.68 28.40
CA ILE A 219 3.97 -2.91 27.88
C ILE A 219 3.73 -3.93 29.01
N THR A 220 4.78 -4.24 29.77
CA THR A 220 4.74 -5.33 30.76
C THR A 220 3.82 -5.05 31.94
N THR A 221 3.55 -3.79 32.30
CA THR A 221 2.61 -3.49 33.38
C THR A 221 1.15 -3.84 32.98
N GLN A 222 0.92 -4.14 31.68
CA GLN A 222 -0.40 -4.57 31.18
C GLN A 222 -0.60 -6.07 31.38
N VAL A 223 0.48 -6.81 31.67
CA VAL A 223 0.50 -8.26 31.80
C VAL A 223 0.74 -8.63 33.26
N CYS A 224 -0.29 -9.19 33.91
CA CYS A 224 -0.22 -9.53 35.33
C CYS A 224 -0.68 -10.94 35.62
N LEU A 225 -0.19 -11.51 36.73
CA LEU A 225 -0.72 -12.77 37.29
C LEU A 225 -1.36 -12.34 38.60
N THR A 226 -2.65 -12.61 38.77
CA THR A 226 -3.35 -12.28 40.01
C THR A 226 -2.99 -13.31 41.08
N ASP A 227 -3.43 -13.08 42.34
CA ASP A 227 -3.25 -14.04 43.42
C ASP A 227 -3.87 -15.41 43.03
N GLU A 228 -5.02 -15.38 42.32
CA GLU A 228 -5.73 -16.58 41.85
C GLU A 228 -4.88 -17.36 40.80
N ASP A 229 -4.22 -16.62 39.88
CA ASP A 229 -3.32 -17.21 38.88
C ASP A 229 -2.13 -17.86 39.58
N LEU A 230 -1.61 -17.19 40.64
CA LEU A 230 -0.47 -17.74 41.38
C LEU A 230 -0.86 -19.04 42.10
N LEU A 231 -2.09 -19.09 42.64
CA LEU A 231 -2.59 -20.28 43.30
C LEU A 231 -2.80 -21.42 42.28
N GLU A 232 -3.30 -21.08 41.08
CA GLU A 232 -3.47 -22.03 39.97
C GLU A 232 -2.08 -22.63 39.63
N LEU A 233 -1.03 -21.80 39.64
CA LEU A 233 0.34 -22.26 39.37
C LEU A 233 0.78 -23.24 40.47
N ARG A 234 0.59 -22.89 41.75
CA ARG A 234 0.98 -23.74 42.87
C ARG A 234 0.29 -25.11 42.78
N ASN A 235 -1.00 -25.11 42.41
CA ASN A 235 -1.82 -26.32 42.34
C ASN A 235 -1.62 -27.15 41.08
N SER A 236 -0.80 -26.64 40.13
CA SER A 236 -0.57 -27.29 38.83
C SER A 236 0.41 -28.44 38.89
N LYS A 237 0.58 -29.12 37.75
CA LYS A 237 1.56 -30.19 37.60
C LYS A 237 2.91 -29.63 37.08
N GLY A 238 3.07 -28.30 37.09
CA GLY A 238 4.28 -27.63 36.63
C GLY A 238 5.53 -28.15 37.31
N LYS A 239 6.57 -28.46 36.50
CA LYS A 239 7.84 -29.02 36.99
C LYS A 239 8.42 -28.23 38.17
N HIS A 240 8.38 -26.90 38.09
CA HIS A 240 8.96 -26.01 39.09
C HIS A 240 7.89 -25.21 39.83
N ALA A 241 6.62 -25.66 39.80
CA ALA A 241 5.50 -24.95 40.42
C ALA A 241 5.73 -24.54 41.89
N ALA A 242 6.22 -25.48 42.72
CA ALA A 242 6.47 -25.21 44.16
C ALA A 242 7.51 -24.11 44.34
N PHE A 243 8.64 -24.19 43.61
CA PHE A 243 9.73 -23.22 43.69
C PHE A 243 9.28 -21.85 43.20
N LEU A 244 8.54 -21.80 42.06
CA LEU A 244 8.06 -20.55 41.49
C LEU A 244 7.10 -19.87 42.46
N TYR A 245 6.16 -20.63 43.02
CA TYR A 245 5.21 -20.09 44.00
C TYR A 245 5.91 -19.55 45.24
N GLU A 246 6.92 -20.29 45.76
CA GLU A 246 7.68 -19.85 46.95
C GLU A 246 8.43 -18.53 46.69
N MET A 247 9.13 -18.40 45.56
CA MET A 247 9.82 -17.14 45.25
C MET A 247 8.83 -15.99 45.12
N CYS A 248 7.67 -16.25 44.48
CA CYS A 248 6.67 -15.22 44.20
C CYS A 248 5.95 -14.68 45.42
N LYS A 249 6.06 -15.32 46.59
CA LYS A 249 5.42 -14.80 47.80
C LYS A 249 5.99 -13.43 48.13
N PHE A 250 7.34 -13.31 48.18
CA PHE A 250 8.01 -12.04 48.49
C PHE A 250 7.68 -11.01 47.41
N TYR A 251 7.77 -11.44 46.12
CA TYR A 251 7.54 -10.61 44.95
C TYR A 251 6.13 -10.02 44.96
N ARG A 252 5.13 -10.89 45.20
CA ARG A 252 3.72 -10.46 45.29
C ARG A 252 3.53 -9.44 46.41
N ASP A 253 4.17 -9.66 47.57
CA ASP A 253 4.05 -8.74 48.71
C ASP A 253 4.59 -7.35 48.39
N TRP A 254 5.67 -7.27 47.58
CA TRP A 254 6.20 -5.96 47.16
C TRP A 254 5.17 -5.25 46.25
N HIS A 255 4.55 -5.99 45.31
CA HIS A 255 3.56 -5.38 44.40
C HIS A 255 2.38 -4.83 45.21
N ALA A 256 1.95 -5.56 46.26
CA ALA A 256 0.83 -5.13 47.10
C ALA A 256 1.17 -3.84 47.84
N LYS A 257 2.39 -3.76 48.39
CA LYS A 257 2.86 -2.61 49.17
C LYS A 257 3.13 -1.38 48.30
N SER A 258 3.77 -1.58 47.14
CA SER A 258 4.21 -0.46 46.31
C SER A 258 3.23 -0.02 45.26
N ASP A 259 2.77 -0.97 44.46
CA ASP A 259 1.86 -0.69 43.34
C ASP A 259 0.38 -0.79 43.70
N GLY A 260 0.07 -1.36 44.87
CA GLY A 260 -1.30 -1.58 45.32
C GLY A 260 -2.00 -2.65 44.50
N PHE A 261 -1.25 -3.60 43.94
CA PHE A 261 -1.78 -4.68 43.09
C PHE A 261 -1.60 -6.01 43.82
N HIS A 262 -2.69 -6.79 43.93
CA HIS A 262 -2.63 -8.11 44.54
C HIS A 262 -2.28 -9.13 43.44
N GLY A 263 -0.99 -9.39 43.31
CA GLY A 263 -0.44 -10.29 42.30
C GLY A 263 0.94 -9.79 41.88
N ILE A 264 1.37 -10.15 40.68
CA ILE A 264 2.69 -9.71 40.17
C ILE A 264 2.58 -9.21 38.73
N PHE A 265 3.48 -8.30 38.32
CA PHE A 265 3.58 -7.92 36.92
C PHE A 265 4.48 -9.00 36.33
N LEU A 266 4.40 -9.23 35.03
CA LEU A 266 5.30 -10.18 34.39
C LEU A 266 6.18 -9.34 33.50
N HIS A 267 7.39 -8.99 33.98
CA HIS A 267 8.30 -8.19 33.18
C HIS A 267 9.18 -9.11 32.32
N ASP A 268 10.13 -9.83 32.93
CA ASP A 268 11.07 -10.65 32.14
C ASP A 268 10.37 -11.74 31.32
N PRO A 269 9.33 -12.44 31.84
CA PRO A 269 8.65 -13.44 30.98
C PRO A 269 7.97 -12.85 29.74
N VAL A 270 7.52 -11.57 29.79
CA VAL A 270 6.90 -10.92 28.60
C VAL A 270 7.97 -10.66 27.53
N SER A 271 9.17 -10.23 27.94
CA SER A 271 10.24 -10.05 26.94
C SER A 271 10.63 -11.38 26.28
N PHE A 272 10.60 -12.49 27.02
CA PHE A 272 10.86 -13.83 26.46
C PHE A 272 9.77 -14.16 25.47
N THR A 273 8.52 -13.77 25.77
CA THR A 273 7.40 -13.99 24.86
C THR A 273 7.60 -13.20 23.57
N ALA A 274 8.21 -12.00 23.64
CA ALA A 274 8.48 -11.21 22.43
C ALA A 274 9.54 -11.89 21.53
N VAL A 275 10.44 -12.70 22.13
CA VAL A 275 11.45 -13.48 21.38
C VAL A 275 10.76 -14.56 20.58
N LEU A 276 9.90 -15.36 21.23
CA LEU A 276 9.25 -16.51 20.59
C LEU A 276 7.99 -16.21 19.83
N HIS A 277 7.24 -15.21 20.28
CA HIS A 277 5.96 -14.86 19.67
C HIS A 277 5.86 -13.35 19.45
N PRO A 278 6.71 -12.76 18.57
CA PRO A 278 6.60 -11.32 18.29
C PRO A 278 5.25 -10.93 17.70
N GLU A 279 4.53 -11.91 17.12
CA GLU A 279 3.20 -11.70 16.54
C GLU A 279 2.11 -11.37 17.61
N TYR A 280 2.44 -11.51 18.92
CA TYR A 280 1.53 -11.14 20.02
C TYR A 280 1.65 -9.65 20.34
N PHE A 281 2.54 -8.94 19.63
CA PHE A 281 2.79 -7.52 19.86
C PHE A 281 2.74 -6.74 18.56
N THR A 282 2.67 -5.40 18.65
CA THR A 282 2.90 -4.53 17.51
C THR A 282 4.12 -3.74 17.96
N PHE A 283 4.91 -3.26 16.99
CA PHE A 283 6.12 -2.52 17.26
C PHE A 283 6.15 -1.24 16.44
N LYS A 284 6.84 -0.21 16.94
CA LYS A 284 7.07 1.04 16.20
C LYS A 284 8.58 1.22 16.10
N LYS A 285 9.04 1.71 14.94
CA LYS A 285 10.48 1.94 14.77
C LYS A 285 10.79 3.36 15.17
N GLY A 286 11.93 3.56 15.83
CA GLY A 286 12.36 4.90 16.15
C GLY A 286 13.70 4.92 16.82
N VAL A 287 14.37 6.07 16.76
CA VAL A 287 15.65 6.23 17.45
C VAL A 287 15.34 6.34 18.94
N VAL A 288 16.10 5.61 19.78
CA VAL A 288 15.93 5.66 21.24
C VAL A 288 17.21 6.18 21.85
N ARG A 289 17.11 7.17 22.73
CA ARG A 289 18.24 7.70 23.47
C ARG A 289 17.92 7.56 24.96
N VAL A 290 18.95 7.56 25.80
CA VAL A 290 18.81 7.44 27.25
C VAL A 290 19.45 8.65 27.88
N GLU A 291 18.75 9.29 28.84
CA GLU A 291 19.30 10.39 29.60
C GLU A 291 20.29 9.80 30.62
N THR A 292 21.50 10.35 30.71
CA THR A 292 22.53 9.81 31.60
C THR A 292 22.86 10.70 32.78
N GLN A 293 22.28 11.90 32.84
CA GLN A 293 22.57 12.80 33.97
C GLN A 293 21.29 13.51 34.46
N GLY A 294 21.39 14.14 35.62
CA GLY A 294 20.30 14.93 36.19
C GLY A 294 19.14 14.14 36.75
N ILE A 295 18.05 14.86 37.01
CA ILE A 295 16.87 14.24 37.63
C ILE A 295 16.25 13.15 36.76
N CYS A 296 16.41 13.25 35.44
CA CYS A 296 15.84 12.24 34.53
C CYS A 296 16.84 11.17 34.13
N THR A 297 17.94 10.99 34.91
CA THR A 297 18.91 9.91 34.65
C THR A 297 18.13 8.57 34.48
N GLY A 298 18.44 7.84 33.42
CA GLY A 298 17.80 6.56 33.14
C GLY A 298 16.55 6.63 32.28
N HIS A 299 16.07 7.85 31.96
CA HIS A 299 14.86 7.99 31.12
C HIS A 299 15.12 7.53 29.69
N THR A 300 14.19 6.74 29.10
CA THR A 300 14.29 6.27 27.71
C THR A 300 13.27 7.08 26.89
N LEU A 301 13.70 7.64 25.78
CA LEU A 301 12.81 8.45 24.97
C LEU A 301 13.06 8.12 23.52
N MET A 302 11.96 7.82 22.83
CA MET A 302 11.94 7.44 21.45
C MET A 302 11.46 8.58 20.54
N ASP A 303 12.11 8.74 19.37
CA ASP A 303 11.63 9.67 18.35
C ASP A 303 10.88 8.80 17.35
N GLN A 304 9.56 8.90 17.29
N GLN A 304 9.56 8.95 17.30
CA GLN A 304 8.78 8.09 16.34
CA GLN A 304 8.65 8.21 16.42
C GLN A 304 9.03 8.48 14.87
C GLN A 304 8.78 8.61 14.94
N GLY A 305 9.49 9.70 14.65
CA GLY A 305 9.76 10.21 13.30
C GLY A 305 8.53 10.74 12.57
N LEU A 306 7.49 11.12 13.33
CA LEU A 306 6.24 11.64 12.76
C LEU A 306 6.31 13.15 12.49
N LYS A 307 7.35 13.83 13.01
CA LYS A 307 7.49 15.28 12.83
C LYS A 307 8.88 15.62 12.28
N LYS A 308 8.93 16.51 11.29
CA LYS A 308 10.20 16.98 10.72
C LYS A 308 10.68 18.13 11.57
N TRP A 309 11.78 17.93 12.28
CA TRP A 309 12.38 18.93 13.15
C TRP A 309 13.06 20.01 12.33
N ASN A 310 13.06 21.25 12.85
CA ASN A 310 13.69 22.34 12.11
C ASN A 310 15.22 22.23 12.13
N SER A 311 15.75 21.68 13.22
CA SER A 311 17.19 21.54 13.40
C SER A 311 17.55 20.18 13.96
N GLU A 312 18.85 19.83 13.91
CA GLU A 312 19.29 18.54 14.42
C GLU A 312 19.22 18.49 15.94
N ASN A 313 19.00 17.31 16.46
CA ASN A 313 18.88 17.14 17.91
C ASN A 313 19.52 15.80 18.29
N PRO A 314 19.56 15.41 19.59
CA PRO A 314 20.22 14.14 19.96
C PRO A 314 19.64 12.86 19.34
N TRP A 315 18.47 12.92 18.69
CA TRP A 315 17.85 11.74 18.08
C TRP A 315 18.17 11.67 16.57
N SER A 316 18.82 12.71 16.02
CA SER A 316 19.15 12.77 14.59
C SER A 316 20.31 11.83 14.22
N GLY A 317 20.21 11.24 13.04
CA GLY A 317 21.27 10.45 12.43
C GLY A 317 21.51 9.02 12.89
N TYR A 318 20.89 8.60 14.00
CA TYR A 318 21.05 7.25 14.51
C TYR A 318 20.16 6.28 13.78
N LYS A 319 20.50 5.00 13.89
CA LYS A 319 19.68 3.95 13.30
C LYS A 319 18.53 3.67 14.26
N PRO A 320 17.30 3.59 13.76
CA PRO A 320 16.16 3.31 14.66
C PRO A 320 16.17 1.85 15.14
N ILE A 321 15.50 1.61 16.26
CA ILE A 321 15.30 0.27 16.82
C ILE A 321 13.77 0.01 16.91
N SER A 322 13.36 -1.22 17.25
CA SER A 322 11.94 -1.59 17.33
C SER A 322 11.49 -1.48 18.78
N VAL A 323 10.42 -0.74 19.03
CA VAL A 323 9.92 -0.54 20.39
C VAL A 323 8.54 -1.18 20.48
N ALA A 324 8.35 -2.14 21.41
CA ALA A 324 7.04 -2.81 21.57
C ALA A 324 6.01 -1.72 21.93
N TRP A 325 4.90 -1.70 21.20
CA TRP A 325 3.89 -0.64 21.30
C TRP A 325 2.57 -1.06 21.90
N THR A 326 2.04 -2.22 21.47
CA THR A 326 0.80 -2.81 21.98
C THR A 326 1.05 -4.29 22.21
N VAL A 327 0.24 -4.92 23.05
CA VAL A 327 0.37 -6.34 23.37
C VAL A 327 -0.99 -7.02 23.45
N ASP A 328 -1.07 -8.28 22.95
CA ASP A 328 -2.28 -9.11 23.04
C ASP A 328 -2.15 -9.83 24.38
N VAL A 329 -2.69 -9.22 25.44
CA VAL A 329 -2.55 -9.66 26.83
C VAL A 329 -3.07 -11.12 27.02
N PRO A 330 -4.28 -11.53 26.55
CA PRO A 330 -4.69 -12.94 26.73
C PRO A 330 -3.73 -13.96 26.12
N LYS A 331 -3.21 -13.69 24.90
CA LYS A 331 -2.27 -14.59 24.22
C LYS A 331 -0.95 -14.71 24.98
N VAL A 332 -0.45 -13.58 25.51
CA VAL A 332 0.81 -13.58 26.26
C VAL A 332 0.65 -14.35 27.58
N ILE A 333 -0.44 -14.07 28.34
CA ILE A 333 -0.70 -14.77 29.61
C ILE A 333 -0.84 -16.27 29.39
N SER A 334 -1.59 -16.67 28.34
CA SER A 334 -1.81 -18.08 28.02
C SER A 334 -0.49 -18.79 27.74
N PHE A 335 0.40 -18.15 26.96
CA PHE A 335 1.70 -18.70 26.63
C PHE A 335 2.58 -18.87 27.88
N ILE A 336 2.67 -17.83 28.71
CA ILE A 336 3.50 -17.86 29.93
C ILE A 336 2.99 -18.94 30.89
N LYS A 337 1.67 -18.96 31.16
CA LYS A 337 1.06 -19.96 32.05
C LYS A 337 1.31 -21.39 31.56
N LYS A 338 1.22 -21.63 30.24
CA LYS A 338 1.46 -22.93 29.63
C LYS A 338 2.88 -23.41 29.95
N LEU A 339 3.90 -22.54 29.80
CA LEU A 339 5.29 -22.90 30.09
C LEU A 339 5.55 -23.10 31.57
N LEU A 340 4.96 -22.23 32.43
CA LEU A 340 5.12 -22.35 33.89
C LEU A 340 4.44 -23.59 34.49
N MET A 341 3.31 -24.00 33.88
CA MET A 341 2.51 -25.12 34.36
C MET A 341 2.83 -26.45 33.67
N ALA A 342 3.81 -26.46 32.75
CA ALA A 342 4.20 -27.67 32.02
C ALA A 342 4.93 -28.67 32.94
N PRO A 343 4.51 -29.96 32.94
CA PRO A 343 5.19 -30.95 33.80
C PRO A 343 6.62 -31.22 33.31
N ILE B 26 -21.14 41.72 34.29
CA ILE B 26 -20.84 40.66 35.25
C ILE B 26 -19.49 40.87 35.93
N ARG B 27 -19.26 40.21 37.07
CA ARG B 27 -18.02 40.33 37.82
C ARG B 27 -16.91 39.77 36.95
N ARG B 28 -15.80 40.48 36.86
CA ARG B 28 -14.71 40.03 36.01
C ARG B 28 -13.52 39.51 36.78
N ASP B 29 -12.97 38.37 36.38
CA ASP B 29 -11.78 37.81 37.01
C ASP B 29 -10.54 38.51 36.47
N LYS B 30 -9.68 39.05 37.36
CA LYS B 30 -8.45 39.75 36.94
C LYS B 30 -7.44 38.78 36.38
N LEU B 31 -6.90 39.11 35.20
CA LEU B 31 -5.96 38.24 34.52
C LEU B 31 -4.82 39.02 33.93
N ILE B 32 -3.60 38.51 34.13
CA ILE B 32 -2.41 39.02 33.46
C ILE B 32 -2.04 37.93 32.45
N ILE B 33 -1.76 38.31 31.21
CA ILE B 33 -1.32 37.32 30.22
C ILE B 33 0.17 37.55 29.97
N ASP B 34 0.98 36.52 30.24
CA ASP B 34 2.44 36.53 30.02
C ASP B 34 2.62 35.80 28.68
N THR B 35 3.21 36.47 27.69
CA THR B 35 3.13 35.97 26.32
C THR B 35 4.30 36.36 25.42
N ASP B 36 4.49 35.57 24.33
CA ASP B 36 5.54 35.81 23.33
C ASP B 36 4.82 35.91 21.97
N PRO B 37 3.96 36.92 21.74
CA PRO B 37 3.18 36.94 20.49
C PRO B 37 4.02 37.14 19.23
N GLY B 38 4.00 36.19 18.28
CA GLY B 38 3.32 34.89 18.36
C GLY B 38 1.94 34.87 17.76
N ILE B 39 1.72 33.95 16.81
CA ILE B 39 0.45 33.85 16.10
C ILE B 39 -0.69 33.32 16.99
N ASP B 40 -0.49 32.17 17.66
CA ASP B 40 -1.54 31.64 18.53
C ASP B 40 -1.70 32.47 19.80
N ASP B 41 -0.60 33.09 20.30
CA ASP B 41 -0.72 34.06 21.42
C ASP B 41 -1.65 35.21 20.98
N SER B 42 -1.46 35.73 19.75
CA SER B 42 -2.27 36.86 19.23
C SER B 42 -3.74 36.50 19.15
N MET B 43 -4.04 35.28 18.69
CA MET B 43 -5.42 34.80 18.61
C MET B 43 -6.03 34.79 20.03
N THR B 44 -5.25 34.28 21.01
CA THR B 44 -5.71 34.16 22.40
C THR B 44 -5.96 35.53 23.02
N ILE B 45 -5.02 36.46 22.83
CA ILE B 45 -5.13 37.82 23.37
C ILE B 45 -6.38 38.52 22.85
N LEU B 46 -6.62 38.44 21.53
CA LEU B 46 -7.82 39.04 20.94
C LEU B 46 -9.11 38.40 21.49
N MET B 47 -9.13 37.06 21.69
CA MET B 47 -10.26 36.35 22.30
C MET B 47 -10.46 36.88 23.76
N ALA B 48 -9.36 36.99 24.53
CA ALA B 48 -9.42 37.41 25.94
C ALA B 48 -9.97 38.81 26.11
N PHE B 49 -9.59 39.73 25.20
CA PHE B 49 -10.11 41.10 25.26
C PHE B 49 -11.63 41.16 25.05
N ARG B 50 -12.22 40.13 24.40
CA ARG B 50 -13.66 40.08 24.13
C ARG B 50 -14.47 39.22 25.12
N ALA B 51 -13.80 38.52 26.06
CA ALA B 51 -14.44 37.64 27.03
C ALA B 51 -15.02 38.48 28.17
N PRO B 52 -16.36 38.49 28.35
CA PRO B 52 -16.96 39.37 29.37
C PRO B 52 -16.65 39.01 30.82
N SER B 53 -16.24 37.78 31.12
CA SER B 53 -15.95 37.38 32.50
C SER B 53 -14.51 37.64 32.90
N VAL B 54 -13.71 38.21 31.99
CA VAL B 54 -12.28 38.46 32.18
C VAL B 54 -11.96 39.95 32.18
N GLU B 55 -11.04 40.37 33.06
CA GLU B 55 -10.51 41.73 33.04
C GLU B 55 -9.02 41.58 32.82
N ILE B 56 -8.54 41.92 31.61
CA ILE B 56 -7.11 41.82 31.33
C ILE B 56 -6.46 43.04 31.96
N ILE B 57 -5.66 42.84 33.02
CA ILE B 57 -5.04 43.98 33.72
C ILE B 57 -3.66 44.32 33.16
N GLY B 58 -3.15 43.46 32.30
CA GLY B 58 -1.88 43.73 31.65
C GLY B 58 -1.38 42.58 30.81
N LEU B 59 -0.50 42.89 29.88
CA LEU B 59 0.22 41.89 29.07
C LEU B 59 1.69 42.00 29.47
N THR B 60 2.32 40.87 29.78
CA THR B 60 3.74 40.87 30.13
C THR B 60 4.44 40.07 29.04
N THR B 61 5.53 40.59 28.48
CA THR B 61 6.10 39.93 27.33
C THR B 61 7.40 39.18 27.60
N ILE B 62 7.63 38.16 26.79
CA ILE B 62 8.80 37.29 26.90
C ILE B 62 9.20 36.85 25.50
N PHE B 63 10.41 36.36 25.35
CA PHE B 63 10.92 35.85 24.06
C PHE B 63 10.31 34.45 23.79
N GLY B 64 10.64 33.87 22.64
CA GLY B 64 10.27 32.50 22.30
C GLY B 64 9.93 32.39 20.84
N ASN B 65 8.75 32.85 20.48
CA ASN B 65 8.30 32.91 19.08
C ASN B 65 8.99 34.02 18.32
N VAL B 66 9.51 35.01 19.07
CA VAL B 66 10.14 36.22 18.55
C VAL B 66 10.98 36.78 19.71
N ASP B 67 11.97 37.66 19.44
CA ASP B 67 12.73 38.25 20.55
C ASP B 67 11.78 39.10 21.44
N THR B 68 12.14 39.31 22.70
CA THR B 68 11.28 40.05 23.62
C THR B 68 10.85 41.42 23.08
N LYS B 69 11.77 42.17 22.47
CA LYS B 69 11.44 43.48 21.88
C LYS B 69 10.33 43.34 20.84
N GLY B 70 10.41 42.30 20.02
CA GLY B 70 9.39 42.03 18.99
C GLY B 70 8.05 41.62 19.60
N ALA B 71 8.10 40.87 20.73
CA ALA B 71 6.90 40.44 21.45
C ALA B 71 6.20 41.67 22.03
N THR B 72 6.98 42.61 22.59
CA THR B 72 6.43 43.87 23.14
C THR B 72 5.73 44.66 22.03
N ARG B 73 6.38 44.79 20.88
CA ARG B 73 5.82 45.50 19.74
C ARG B 73 4.44 44.86 19.35
N ASN B 74 4.41 43.53 19.22
CA ASN B 74 3.17 42.83 18.84
C ASN B 74 2.11 42.97 19.91
N ALA B 75 2.47 42.90 21.21
CA ALA B 75 1.50 43.03 22.30
C ALA B 75 0.88 44.43 22.29
N LEU B 76 1.70 45.46 22.08
CA LEU B 76 1.17 46.82 21.98
C LEU B 76 0.25 46.95 20.77
N LEU B 77 0.62 46.35 19.63
CA LEU B 77 -0.25 46.38 18.43
C LEU B 77 -1.59 45.66 18.66
N LEU B 78 -1.57 44.60 19.48
CA LEU B 78 -2.81 43.85 19.80
C LEU B 78 -3.74 44.68 20.66
N CYS B 79 -3.19 45.44 21.63
CA CYS B 79 -4.00 46.34 22.48
C CYS B 79 -4.69 47.40 21.62
N GLU B 80 -3.97 47.94 20.63
CA GLU B 80 -4.53 48.93 19.72
C GLU B 80 -5.63 48.32 18.87
N ARG B 81 -5.37 47.13 18.30
CA ARG B 81 -6.34 46.42 17.43
C ARG B 81 -7.63 46.08 18.18
N ALA B 82 -7.50 45.70 19.46
CA ALA B 82 -8.65 45.33 20.29
C ALA B 82 -9.42 46.53 20.81
N GLY B 83 -8.89 47.74 20.59
CA GLY B 83 -9.51 48.98 21.03
C GLY B 83 -9.29 49.29 22.49
N CYS B 84 -8.18 48.77 23.06
CA CYS B 84 -7.81 49.01 24.46
C CYS B 84 -6.31 49.39 24.59
N PRO B 85 -5.85 50.50 23.96
CA PRO B 85 -4.42 50.86 24.07
C PRO B 85 -3.97 51.27 25.48
N GLU B 86 -4.93 51.45 26.41
CA GLU B 86 -4.64 51.80 27.80
C GLU B 86 -4.16 50.59 28.61
N VAL B 87 -4.39 49.36 28.10
CA VAL B 87 -3.97 48.13 28.79
C VAL B 87 -2.45 48.11 28.86
N PRO B 88 -1.87 48.10 30.08
CA PRO B 88 -0.41 48.15 30.18
C PRO B 88 0.30 46.95 29.57
N VAL B 89 1.42 47.21 28.87
CA VAL B 89 2.28 46.16 28.33
C VAL B 89 3.62 46.34 29.06
N ALA B 90 4.05 45.32 29.80
CA ALA B 90 5.30 45.39 30.55
C ALA B 90 6.29 44.42 29.92
N GLU B 91 7.43 44.95 29.46
CA GLU B 91 8.46 44.13 28.81
C GLU B 91 9.23 43.30 29.81
N GLY B 92 9.38 42.01 29.50
CA GLY B 92 10.09 41.09 30.39
C GLY B 92 11.54 40.84 30.03
N SER B 93 12.06 39.71 30.49
CA SER B 93 13.45 39.32 30.27
C SER B 93 13.78 39.15 28.80
N HIS B 94 15.00 39.53 28.39
CA HIS B 94 15.46 39.38 27.01
C HIS B 94 16.15 38.02 26.80
N GLU B 95 16.50 37.35 27.90
CA GLU B 95 17.19 36.06 27.85
C GLU B 95 16.64 35.10 28.92
N PRO B 96 16.81 33.77 28.73
CA PRO B 96 16.40 32.84 29.80
C PRO B 96 17.28 33.03 31.05
N LEU B 97 16.87 32.44 32.19
CA LEU B 97 17.62 32.57 33.46
C LEU B 97 19.09 32.16 33.38
N LYS B 98 19.41 31.10 32.60
CA LYS B 98 20.80 30.66 32.42
C LYS B 98 21.67 31.65 31.61
N GLY B 99 20.99 32.61 30.94
CA GLY B 99 21.64 33.63 30.12
C GLY B 99 21.91 33.21 28.70
N GLY B 100 22.24 34.16 27.85
CA GLY B 100 22.54 33.93 26.44
C GLY B 100 21.33 34.21 25.56
N LYS B 101 21.59 34.52 24.29
CA LYS B 101 20.57 34.86 23.30
C LYS B 101 19.64 33.67 23.02
N PRO B 102 18.33 33.82 23.21
CA PRO B 102 17.44 32.68 22.98
C PRO B 102 17.21 32.35 21.52
N ARG B 103 16.92 31.09 21.27
CA ARG B 103 16.56 30.59 19.94
C ARG B 103 15.14 31.15 19.71
N VAL B 104 14.85 31.61 18.50
CA VAL B 104 13.55 32.19 18.19
C VAL B 104 12.86 31.33 17.13
N ALA B 105 11.54 31.08 17.30
CA ALA B 105 10.81 30.25 16.34
C ALA B 105 10.29 31.07 15.13
N ASP B 106 11.19 31.76 14.41
CA ASP B 106 10.81 32.54 13.23
C ASP B 106 10.36 31.65 12.06
N PHE B 107 10.74 30.36 12.09
CA PHE B 107 10.33 29.38 11.07
C PHE B 107 8.87 28.92 11.30
N VAL B 108 8.31 29.25 12.49
CA VAL B 108 6.92 28.92 12.83
C VAL B 108 6.03 30.18 12.79
N HIS B 109 6.51 31.28 13.41
CA HIS B 109 5.72 32.50 13.56
C HIS B 109 6.16 33.66 12.65
N GLY B 110 7.12 33.44 11.76
CA GLY B 110 7.61 34.48 10.87
C GLY B 110 8.63 35.36 11.54
N SER B 111 9.36 36.18 10.75
CA SER B 111 10.41 37.05 11.25
C SER B 111 9.88 38.15 12.18
N ASP B 112 8.62 38.56 11.99
CA ASP B 112 8.02 39.59 12.87
C ASP B 112 7.23 38.96 14.02
N GLY B 113 7.13 37.63 14.04
CA GLY B 113 6.40 36.90 15.07
C GLY B 113 4.91 36.79 14.81
N ILE B 114 4.39 37.42 13.73
CA ILE B 114 2.95 37.37 13.44
C ILE B 114 2.67 36.93 11.98
N GLY B 115 3.55 36.10 11.42
CA GLY B 115 3.33 35.54 10.09
C GLY B 115 3.78 36.38 8.93
N ASN B 116 4.78 37.25 9.14
CA ASN B 116 5.38 38.10 8.10
C ASN B 116 4.38 39.07 7.47
N LEU B 117 3.66 39.80 8.32
CA LEU B 117 2.71 40.80 7.86
C LEU B 117 3.39 42.15 7.74
N PHE B 118 4.49 42.36 8.50
CA PHE B 118 5.30 43.59 8.49
C PHE B 118 4.42 44.85 8.58
N LEU B 119 3.71 44.94 9.69
CA LEU B 119 2.77 46.01 9.96
C LEU B 119 3.44 47.18 10.65
N PRO B 120 2.87 48.40 10.52
CA PRO B 120 3.48 49.56 11.19
C PRO B 120 3.51 49.40 12.71
N ALA B 121 4.52 50.01 13.34
CA ALA B 121 4.73 49.98 14.78
C ALA B 121 3.63 50.76 15.50
N PRO B 122 3.27 50.35 16.71
CA PRO B 122 2.15 51.00 17.39
C PRO B 122 2.49 52.38 17.94
N SER B 123 1.45 53.15 18.28
CA SER B 123 1.56 54.44 18.94
C SER B 123 1.70 54.22 20.45
N ALA B 124 0.98 53.23 21.00
CA ALA B 124 1.03 52.90 22.42
C ALA B 124 2.45 52.51 22.83
N LYS B 125 2.85 52.87 24.06
CA LYS B 125 4.19 52.56 24.57
C LYS B 125 4.12 51.62 25.75
N LYS B 126 5.17 50.83 25.96
CA LYS B 126 5.25 49.92 27.11
C LYS B 126 5.33 50.75 28.41
N VAL B 127 4.99 50.15 29.55
CA VAL B 127 5.13 50.81 30.85
C VAL B 127 6.62 50.78 31.26
N GLU B 128 6.99 51.52 32.31
CA GLU B 128 8.38 51.58 32.78
C GLU B 128 8.85 50.27 33.46
N GLU B 129 7.99 49.69 34.30
CA GLU B 129 8.28 48.48 35.08
C GLU B 129 8.48 47.26 34.20
N SER B 130 9.42 46.39 34.60
CA SER B 130 9.67 45.12 33.90
C SER B 130 8.44 44.22 34.13
N ALA B 131 8.32 43.14 33.35
CA ALA B 131 7.23 42.19 33.51
C ALA B 131 7.25 41.58 34.91
N ALA B 132 8.44 41.19 35.42
CA ALA B 132 8.54 40.56 36.73
C ALA B 132 8.04 41.53 37.83
N ASP B 133 8.44 42.80 37.75
CA ASP B 133 7.99 43.77 38.76
C ASP B 133 6.50 44.09 38.61
N PHE B 134 5.98 44.10 37.36
CA PHE B 134 4.55 44.31 37.09
C PHE B 134 3.75 43.16 37.74
N LEU B 135 4.20 41.90 37.53
CA LEU B 135 3.54 40.73 38.13
C LEU B 135 3.53 40.86 39.64
N ILE B 136 4.68 41.18 40.22
CA ILE B 136 4.78 41.30 41.68
C ILE B 136 3.83 42.37 42.19
N ASN B 137 3.90 43.57 41.60
CA ASN B 137 3.07 44.70 42.05
C ASN B 137 1.56 44.46 41.98
N LYS B 138 1.08 43.87 40.88
CA LYS B 138 -0.38 43.64 40.72
C LYS B 138 -0.90 42.58 41.69
N VAL B 139 -0.13 41.51 41.85
CA VAL B 139 -0.46 40.42 42.76
C VAL B 139 -0.48 40.93 44.20
N SER B 140 0.47 41.81 44.57
CA SER B 140 0.53 42.41 45.92
C SER B 140 -0.59 43.41 46.16
N GLU B 141 -1.02 44.11 45.11
CA GLU B 141 -2.10 45.10 45.23
C GLU B 141 -3.45 44.41 45.52
N PHE B 142 -3.67 43.23 44.94
CA PHE B 142 -4.91 42.47 45.10
C PHE B 142 -4.57 41.01 45.51
N PRO B 143 -4.10 40.76 46.76
CA PRO B 143 -3.72 39.38 47.15
C PRO B 143 -4.87 38.37 46.99
N GLY B 144 -4.56 37.22 46.41
CA GLY B 144 -5.49 36.13 46.17
C GLY B 144 -6.48 36.37 45.04
N GLU B 145 -6.39 37.49 44.33
CA GLU B 145 -7.39 37.84 43.31
C GLU B 145 -6.89 37.88 41.86
N VAL B 146 -5.58 37.94 41.64
CA VAL B 146 -5.05 38.06 40.28
C VAL B 146 -4.56 36.71 39.75
N SER B 147 -5.03 36.31 38.56
CA SER B 147 -4.58 35.07 37.92
C SER B 147 -3.59 35.41 36.79
N VAL B 148 -2.72 34.45 36.45
CA VAL B 148 -1.74 34.61 35.39
C VAL B 148 -1.93 33.51 34.34
N LEU B 149 -2.07 33.88 33.07
CA LEU B 149 -2.15 32.91 31.97
C LEU B 149 -0.77 33.02 31.29
N ALA B 150 0.05 31.99 31.42
CA ALA B 150 1.41 31.97 30.89
C ALA B 150 1.45 31.22 29.57
N LEU B 151 1.69 31.97 28.49
CA LEU B 151 1.67 31.49 27.12
C LEU B 151 3.05 31.40 26.47
N GLY B 152 4.08 31.71 27.22
CA GLY B 152 5.44 31.61 26.69
C GLY B 152 6.39 30.99 27.70
N PRO B 153 7.71 31.05 27.44
CA PRO B 153 8.69 30.61 28.45
C PRO B 153 8.39 31.32 29.78
N LEU B 154 8.69 30.65 30.88
CA LEU B 154 8.26 31.12 32.21
C LEU B 154 9.22 32.03 32.96
N THR B 155 10.20 32.60 32.28
CA THR B 155 11.22 33.47 32.86
C THR B 155 10.66 34.57 33.77
N ASN B 156 9.67 35.35 33.28
CA ASN B 156 9.15 36.46 34.12
C ASN B 156 8.47 35.99 35.37
N VAL B 157 7.75 34.87 35.26
CA VAL B 157 7.02 34.29 36.41
C VAL B 157 8.04 33.76 37.43
N ALA B 158 9.12 33.09 36.95
CA ALA B 158 10.16 32.61 37.87
C ALA B 158 10.89 33.81 38.53
N LEU B 159 11.13 34.89 37.77
CA LEU B 159 11.78 36.09 38.33
C LEU B 159 10.92 36.68 39.43
N ALA B 160 9.57 36.71 39.24
CA ALA B 160 8.62 37.24 40.25
C ALA B 160 8.67 36.37 41.52
N ILE B 161 8.69 35.03 41.34
CA ILE B 161 8.74 34.08 42.47
C ILE B 161 10.04 34.23 43.27
N LYS B 162 11.18 34.37 42.56
CA LYS B 162 12.48 34.50 43.22
C LYS B 162 12.67 35.84 43.89
N ARG B 163 12.15 36.90 43.29
CA ARG B 163 12.32 38.26 43.80
C ARG B 163 11.38 38.55 44.95
N ASP B 164 10.18 37.96 44.92
CA ASP B 164 9.18 38.18 45.96
C ASP B 164 8.78 36.83 46.59
N PRO B 165 9.29 36.49 47.79
CA PRO B 165 8.93 35.20 48.42
C PRO B 165 7.45 34.99 48.71
N SER B 166 6.66 36.07 48.77
CA SER B 166 5.23 36.00 49.03
C SER B 166 4.39 35.84 47.74
N PHE B 167 5.01 36.01 46.55
CA PHE B 167 4.30 35.95 45.27
C PHE B 167 3.50 34.66 45.08
N ALA B 168 4.15 33.47 45.30
CA ALA B 168 3.48 32.17 45.10
C ALA B 168 2.22 32.01 45.93
N SER B 169 2.20 32.55 47.16
CA SER B 169 1.03 32.45 48.01
C SER B 169 -0.05 33.47 47.68
N LYS B 170 0.32 34.59 47.07
CA LYS B 170 -0.63 35.67 46.77
C LYS B 170 -1.25 35.59 45.40
N VAL B 171 -0.59 34.93 44.43
CA VAL B 171 -1.18 34.79 43.08
C VAL B 171 -2.41 33.86 43.21
N LYS B 172 -3.51 34.18 42.51
CA LYS B 172 -4.71 33.36 42.63
C LYS B 172 -4.50 32.00 42.01
N LYS B 173 -4.03 32.00 40.77
CA LYS B 173 -3.76 30.78 40.00
C LYS B 173 -2.88 31.15 38.84
N ILE B 174 -2.03 30.22 38.42
CA ILE B 174 -1.17 30.36 37.25
C ILE B 174 -1.59 29.22 36.32
N VAL B 175 -2.13 29.56 35.13
CA VAL B 175 -2.48 28.55 34.13
C VAL B 175 -1.37 28.63 33.07
N VAL B 176 -0.69 27.52 32.81
CA VAL B 176 0.48 27.46 31.93
C VAL B 176 0.19 26.66 30.68
N LEU B 177 0.52 27.22 29.50
CA LEU B 177 0.51 26.44 28.27
C LEU B 177 1.97 26.03 28.15
N GLY B 178 2.23 24.75 28.34
CA GLY B 178 3.62 24.32 28.24
C GLY B 178 3.80 22.88 28.62
N GLY B 179 4.89 22.31 28.15
CA GLY B 179 5.25 20.94 28.46
C GLY B 179 4.62 19.89 27.57
N ALA B 180 5.08 18.66 27.72
CA ALA B 180 4.56 17.50 27.01
C ALA B 180 4.65 16.36 28.03
N PHE B 181 3.48 15.90 28.48
CA PHE B 181 3.37 14.88 29.53
C PHE B 181 3.11 13.53 28.89
N PHE B 182 4.09 12.62 28.98
CA PHE B 182 4.03 11.29 28.38
C PHE B 182 3.69 11.40 26.87
N ALA B 183 4.34 12.36 26.21
CA ALA B 183 4.11 12.63 24.79
C ALA B 183 5.34 13.29 24.20
N ALA B 184 5.45 13.29 22.88
CA ALA B 184 6.57 13.90 22.20
C ALA B 184 6.56 15.41 22.38
N GLY B 185 7.73 16.00 22.43
CA GLY B 185 7.86 17.45 22.44
C GLY B 185 7.65 18.01 21.05
N ASN B 186 7.75 19.35 20.90
CA ASN B 186 7.60 19.97 19.57
C ASN B 186 8.86 20.74 19.12
N VAL B 187 9.88 20.91 19.99
CA VAL B 187 11.19 21.48 19.62
C VAL B 187 12.07 20.29 19.20
N ASN B 188 11.93 19.20 19.96
CA ASN B 188 12.64 17.95 19.71
C ASN B 188 11.83 16.85 20.42
N PRO B 189 12.20 15.55 20.34
CA PRO B 189 11.38 14.51 20.97
C PRO B 189 11.13 14.68 22.46
N ALA B 190 12.05 15.35 23.17
CA ALA B 190 11.95 15.54 24.63
C ALA B 190 11.17 16.72 25.12
N ALA B 191 11.19 17.86 24.39
CA ALA B 191 10.72 19.11 24.95
C ALA B 191 9.76 19.93 24.12
N GLU B 192 8.83 20.56 24.82
CA GLU B 192 7.89 21.53 24.26
C GLU B 192 8.60 22.90 24.28
N ALA B 193 8.28 23.79 23.31
CA ALA B 193 8.94 25.08 23.09
C ALA B 193 9.03 26.01 24.29
N ASN B 194 7.92 26.26 24.98
CA ASN B 194 7.94 27.18 26.12
C ASN B 194 8.84 26.71 27.22
N ILE B 195 8.80 25.40 27.52
CA ILE B 195 9.66 24.87 28.58
C ILE B 195 11.11 24.88 28.14
N HIS B 196 11.38 24.45 26.91
CA HIS B 196 12.74 24.43 26.35
C HIS B 196 13.36 25.85 26.31
N GLY B 197 12.52 26.86 26.10
CA GLY B 197 12.92 28.27 26.10
C GLY B 197 13.55 28.69 27.42
N ASP B 198 13.10 28.10 28.55
CA ASP B 198 13.68 28.39 29.86
C ASP B 198 13.37 27.27 30.85
N PRO B 199 14.17 26.18 30.80
CA PRO B 199 13.87 25.02 31.68
C PRO B 199 13.98 25.35 33.15
N GLU B 200 15.02 26.13 33.54
CA GLU B 200 15.22 26.53 34.94
C GLU B 200 13.99 27.32 35.46
N ALA B 201 13.47 28.26 34.65
CA ALA B 201 12.31 29.03 35.05
C ALA B 201 11.09 28.14 35.24
N ALA B 202 10.88 27.19 34.33
CA ALA B 202 9.74 26.27 34.43
C ALA B 202 9.85 25.44 35.72
N ASP B 203 11.06 24.93 36.05
CA ASP B 203 11.27 24.15 37.27
C ASP B 203 10.96 24.99 38.52
N ILE B 204 11.35 26.27 38.51
CA ILE B 204 11.05 27.20 39.61
C ILE B 204 9.55 27.37 39.77
N VAL B 205 8.84 27.59 38.65
CA VAL B 205 7.39 27.80 38.71
C VAL B 205 6.68 26.54 39.23
N PHE B 206 7.03 25.37 38.67
CA PHE B 206 6.35 24.14 39.03
C PHE B 206 6.59 23.68 40.46
N THR B 207 7.71 24.09 41.09
CA THR B 207 8.00 23.70 42.48
C THR B 207 7.73 24.87 43.47
N SER B 208 7.10 25.96 43.00
CA SER B 208 6.88 27.16 43.82
C SER B 208 5.84 27.01 44.92
N GLY B 209 4.95 26.02 44.81
CA GLY B 209 3.85 25.88 45.76
C GLY B 209 2.64 26.74 45.43
N ALA B 210 2.67 27.48 44.31
CA ALA B 210 1.51 28.29 43.87
C ALA B 210 0.42 27.33 43.32
N ASP B 211 -0.83 27.82 43.16
CA ASP B 211 -1.91 27.04 42.59
C ASP B 211 -1.69 27.09 41.07
N ILE B 212 -1.07 26.03 40.53
CA ILE B 212 -0.69 25.97 39.12
C ILE B 212 -1.50 24.93 38.38
N VAL B 213 -1.88 25.27 37.15
CA VAL B 213 -2.58 24.34 36.25
C VAL B 213 -1.74 24.32 34.97
N VAL B 214 -1.28 23.14 34.53
N VAL B 214 -1.28 23.14 34.53
CA VAL B 214 -0.46 23.05 33.31
CA VAL B 214 -0.45 23.05 33.32
C VAL B 214 -1.22 22.32 32.23
C VAL B 214 -1.18 22.30 32.21
N VAL B 215 -1.25 22.91 31.03
CA VAL B 215 -1.90 22.35 29.84
C VAL B 215 -0.75 22.08 28.86
N GLY B 216 -0.42 20.80 28.70
CA GLY B 216 0.66 20.40 27.81
C GLY B 216 0.24 20.19 26.38
N ILE B 217 1.21 20.05 25.47
CA ILE B 217 0.86 19.81 24.06
C ILE B 217 0.28 18.41 23.84
N ASN B 218 0.38 17.51 24.86
CA ASN B 218 -0.29 16.19 24.84
C ASN B 218 -1.80 16.45 24.75
N ILE B 219 -2.25 17.61 25.26
CA ILE B 219 -3.67 18.02 25.21
C ILE B 219 -3.94 18.80 23.92
N THR B 220 -3.14 19.84 23.68
CA THR B 220 -3.43 20.81 22.62
C THR B 220 -3.21 20.27 21.21
N THR B 221 -2.41 19.22 21.01
CA THR B 221 -2.25 18.61 19.67
C THR B 221 -3.52 17.82 19.28
N GLN B 222 -4.45 17.64 20.23
CA GLN B 222 -5.73 16.98 19.96
C GLN B 222 -6.73 17.97 19.39
N VAL B 223 -6.45 19.30 19.52
CA VAL B 223 -7.35 20.38 19.11
C VAL B 223 -6.77 21.11 17.89
N CYS B 224 -7.45 20.97 16.73
CA CYS B 224 -6.98 21.53 15.47
C CYS B 224 -8.04 22.33 14.73
N LEU B 225 -7.60 23.26 13.87
CA LEU B 225 -8.46 23.95 12.90
C LEU B 225 -7.94 23.48 11.54
N THR B 226 -8.80 22.86 10.73
CA THR B 226 -8.39 22.41 9.40
C THR B 226 -8.35 23.61 8.43
N ASP B 227 -7.88 23.39 7.19
CA ASP B 227 -7.91 24.41 6.14
C ASP B 227 -9.34 24.93 5.92
N GLU B 228 -10.32 24.00 5.99
CA GLU B 228 -11.75 24.31 5.83
C GLU B 228 -12.24 25.23 6.96
N ASP B 229 -11.81 24.96 8.22
CA ASP B 229 -12.14 25.78 9.39
C ASP B 229 -11.54 27.17 9.24
N LEU B 230 -10.30 27.25 8.71
CA LEU B 230 -9.64 28.54 8.49
C LEU B 230 -10.38 29.37 7.43
N LEU B 231 -10.87 28.71 6.38
CA LEU B 231 -11.63 29.37 5.33
C LEU B 231 -12.99 29.85 5.87
N GLU B 232 -13.63 29.02 6.73
CA GLU B 232 -14.88 29.37 7.40
C GLU B 232 -14.64 30.65 8.24
N LEU B 233 -13.49 30.72 8.93
CA LEU B 233 -13.13 31.91 9.73
C LEU B 233 -12.98 33.13 8.83
N ARG B 234 -12.22 33.03 7.72
CA ARG B 234 -12.02 34.15 6.80
C ARG B 234 -13.36 34.67 6.25
N ASN B 235 -14.27 33.75 5.91
CA ASN B 235 -15.58 34.07 5.34
C ASN B 235 -16.62 34.54 6.37
N SER B 236 -16.30 34.49 7.66
CA SER B 236 -17.21 34.86 8.76
C SER B 236 -17.30 36.36 8.97
N LYS B 237 -18.17 36.77 9.90
CA LYS B 237 -18.35 38.16 10.28
C LYS B 237 -17.47 38.50 11.50
N GLY B 238 -16.54 37.61 11.84
CA GLY B 238 -15.63 37.79 12.97
C GLY B 238 -14.91 39.12 12.96
N LYS B 239 -14.89 39.83 14.11
CA LYS B 239 -14.26 41.15 14.28
C LYS B 239 -12.83 41.18 13.72
N HIS B 240 -12.03 40.19 14.05
CA HIS B 240 -10.63 40.10 13.63
C HIS B 240 -10.38 38.99 12.61
N ALA B 241 -11.43 38.48 11.94
CA ALA B 241 -11.33 37.38 10.97
C ALA B 241 -10.25 37.56 9.91
N ALA B 242 -10.22 38.73 9.24
CA ALA B 242 -9.24 39.02 8.18
C ALA B 242 -7.80 38.95 8.71
N PHE B 243 -7.54 39.59 9.87
CA PHE B 243 -6.22 39.61 10.49
C PHE B 243 -5.79 38.22 10.95
N LEU B 244 -6.70 37.48 11.61
CA LEU B 244 -6.41 36.14 12.08
C LEU B 244 -6.08 35.21 10.90
N TYR B 245 -6.89 35.26 9.82
CA TYR B 245 -6.63 34.44 8.64
C TYR B 245 -5.28 34.77 8.01
N GLU B 246 -4.95 36.07 7.90
CA GLU B 246 -3.67 36.51 7.31
C GLU B 246 -2.47 36.00 8.12
N MET B 247 -2.51 36.12 9.46
CA MET B 247 -1.41 35.59 10.29
C MET B 247 -1.27 34.07 10.12
N CYS B 248 -2.42 33.37 10.08
CA CYS B 248 -2.45 31.91 10.01
C CYS B 248 -1.94 31.32 8.72
N LYS B 249 -1.77 32.11 7.65
CA LYS B 249 -1.25 31.56 6.39
C LYS B 249 0.14 30.96 6.60
N PHE B 250 1.04 31.75 7.22
CA PHE B 250 2.41 31.29 7.49
C PHE B 250 2.38 30.11 8.47
N TYR B 251 1.58 30.25 9.55
CA TYR B 251 1.43 29.24 10.60
C TYR B 251 0.97 27.90 10.04
N ARG B 252 -0.06 27.92 9.18
CA ARG B 252 -0.59 26.72 8.54
C ARG B 252 0.49 26.07 7.66
N ASP B 253 1.26 26.88 6.91
CA ASP B 253 2.32 26.34 6.03
C ASP B 253 3.39 25.59 6.84
N TRP B 254 3.70 26.08 8.06
CA TRP B 254 4.66 25.39 8.93
C TRP B 254 4.09 24.02 9.36
N HIS B 255 2.81 23.97 9.74
CA HIS B 255 2.19 22.71 10.16
C HIS B 255 2.20 21.68 9.02
N ALA B 256 1.96 22.14 7.78
CA ALA B 256 1.95 21.27 6.60
C ALA B 256 3.34 20.67 6.37
N LYS B 257 4.39 21.50 6.48
CA LYS B 257 5.79 21.10 6.25
C LYS B 257 6.36 20.22 7.37
N SER B 258 6.05 20.56 8.63
CA SER B 258 6.64 19.85 9.77
C SER B 258 5.81 18.72 10.33
N ASP B 259 4.51 18.96 10.55
CA ASP B 259 3.60 17.99 11.16
C ASP B 259 2.81 17.14 10.15
N GLY B 260 2.82 17.56 8.88
CA GLY B 260 2.10 16.87 7.81
C GLY B 260 0.59 17.04 7.94
N PHE B 261 0.18 18.14 8.60
CA PHE B 261 -1.21 18.47 8.85
C PHE B 261 -1.61 19.73 8.07
N HIS B 262 -2.69 19.66 7.27
CA HIS B 262 -3.21 20.83 6.53
C HIS B 262 -4.17 21.62 7.43
N GLY B 263 -3.58 22.51 8.22
CA GLY B 263 -4.32 23.33 9.18
C GLY B 263 -3.38 23.77 10.28
N ILE B 264 -3.93 24.07 11.48
CA ILE B 264 -3.11 24.50 12.61
C ILE B 264 -3.53 23.79 13.91
N PHE B 265 -2.60 23.64 14.85
CA PHE B 265 -2.96 23.17 16.19
C PHE B 265 -3.39 24.44 16.92
N LEU B 266 -4.21 24.31 17.97
CA LEU B 266 -4.60 25.47 18.76
C LEU B 266 -3.97 25.25 20.12
N HIS B 267 -2.80 25.85 20.35
CA HIS B 267 -2.10 25.68 21.63
C HIS B 267 -2.57 26.73 22.65
N ASP B 268 -2.16 28.00 22.47
CA ASP B 268 -2.49 29.05 23.42
C ASP B 268 -4.02 29.25 23.59
N PRO B 269 -4.86 29.20 22.53
CA PRO B 269 -6.32 29.33 22.75
C PRO B 269 -6.93 28.22 23.61
N VAL B 270 -6.34 27.00 23.60
CA VAL B 270 -6.84 25.90 24.44
C VAL B 270 -6.55 26.18 25.93
N SER B 271 -5.38 26.76 26.25
CA SER B 271 -5.08 27.11 27.64
C SER B 271 -6.03 28.19 28.15
N PHE B 272 -6.41 29.13 27.27
CA PHE B 272 -7.39 30.16 27.65
C PHE B 272 -8.76 29.51 27.88
N THR B 273 -9.10 28.49 27.06
CA THR B 273 -10.35 27.73 27.23
C THR B 273 -10.35 27.03 28.60
N ALA B 274 -9.18 26.54 29.09
CA ALA B 274 -9.08 25.92 30.42
C ALA B 274 -9.37 26.93 31.54
N VAL B 275 -9.06 28.21 31.31
CA VAL B 275 -9.33 29.28 32.29
C VAL B 275 -10.86 29.50 32.41
N LEU B 276 -11.55 29.64 31.28
CA LEU B 276 -12.99 29.94 31.23
C LEU B 276 -13.92 28.75 31.35
N HIS B 277 -13.50 27.58 30.83
CA HIS B 277 -14.31 26.38 30.82
C HIS B 277 -13.48 25.17 31.27
N PRO B 278 -13.03 25.15 32.55
CA PRO B 278 -12.28 23.99 33.04
C PRO B 278 -13.07 22.68 32.98
N GLU B 279 -14.42 22.77 32.93
CA GLU B 279 -15.31 21.61 32.82
C GLU B 279 -15.18 20.89 31.46
N TYR B 280 -14.46 21.49 30.47
CA TYR B 280 -14.21 20.82 29.18
C TYR B 280 -12.98 19.88 29.28
N PHE B 281 -12.35 19.83 30.47
CA PHE B 281 -11.13 19.05 30.70
C PHE B 281 -11.25 18.21 31.97
N THR B 282 -10.36 17.25 32.13
CA THR B 282 -10.16 16.57 33.41
C THR B 282 -8.70 16.90 33.75
N PHE B 283 -8.37 16.86 35.04
CA PHE B 283 -7.04 17.18 35.53
C PHE B 283 -6.59 16.12 36.51
N LYS B 284 -5.27 15.89 36.59
CA LYS B 284 -4.67 14.98 37.58
C LYS B 284 -3.70 15.78 38.40
N LYS B 285 -3.61 15.50 39.72
CA LYS B 285 -2.67 16.19 40.59
C LYS B 285 -1.36 15.41 40.63
N GLY B 286 -0.25 16.13 40.61
CA GLY B 286 1.04 15.48 40.74
C GLY B 286 2.18 16.47 40.79
N VAL B 287 3.30 16.05 41.38
CA VAL B 287 4.51 16.90 41.39
C VAL B 287 5.08 16.89 39.97
N VAL B 288 5.46 18.07 39.45
CA VAL B 288 6.08 18.19 38.13
C VAL B 288 7.49 18.75 38.29
N ARG B 289 8.47 18.11 37.64
CA ARG B 289 9.83 18.59 37.60
C ARG B 289 10.24 18.77 36.14
N VAL B 290 11.26 19.61 35.88
CA VAL B 290 11.77 19.85 34.53
C VAL B 290 13.23 19.52 34.49
N GLU B 291 13.64 18.76 33.47
CA GLU B 291 15.05 18.44 33.26
C GLU B 291 15.74 19.71 32.69
N THR B 292 16.87 20.10 33.28
CA THR B 292 17.55 21.35 32.88
C THR B 292 18.87 21.11 32.14
N GLN B 293 19.37 19.88 32.09
CA GLN B 293 20.60 19.61 31.34
C GLN B 293 20.48 18.32 30.53
N GLY B 294 21.48 18.04 29.71
CA GLY B 294 21.52 16.80 28.93
C GLY B 294 20.61 16.77 27.72
N ILE B 295 20.53 15.61 27.07
CA ILE B 295 19.71 15.46 25.87
C ILE B 295 18.22 15.72 26.13
N CYS B 296 17.76 15.52 27.39
CA CYS B 296 16.38 15.73 27.74
C CYS B 296 16.11 17.10 28.34
N THR B 297 17.03 18.07 28.13
CA THR B 297 16.82 19.46 28.58
C THR B 297 15.41 19.93 28.12
N GLY B 298 14.61 20.47 29.05
CA GLY B 298 13.27 20.95 28.76
C GLY B 298 12.16 19.93 28.94
N HIS B 299 12.52 18.65 29.26
CA HIS B 299 11.48 17.62 29.43
C HIS B 299 10.68 17.84 30.72
N THR B 300 9.35 17.72 30.65
CA THR B 300 8.46 17.89 31.83
C THR B 300 7.98 16.50 32.24
N LEU B 301 8.10 16.18 33.52
CA LEU B 301 7.69 14.86 33.99
C LEU B 301 6.93 14.97 35.28
N MET B 302 5.75 14.35 35.28
CA MET B 302 4.85 14.37 36.40
C MET B 302 4.91 13.04 37.19
N ASP B 303 4.89 13.15 38.53
CA ASP B 303 4.75 11.96 39.34
C ASP B 303 3.27 11.90 39.72
N GLN B 304 2.54 10.94 39.15
CA GLN B 304 1.12 10.77 39.43
C GLN B 304 0.80 10.34 40.87
N GLY B 305 1.81 9.84 41.60
CA GLY B 305 1.65 9.38 42.97
C GLY B 305 0.83 8.11 43.12
N LEU B 306 0.79 7.27 42.07
CA LEU B 306 0.07 5.99 42.11
C LEU B 306 0.97 4.85 42.66
N LYS B 307 2.29 5.11 42.84
CA LYS B 307 3.23 4.09 43.31
C LYS B 307 4.00 4.62 44.49
N LYS B 308 4.08 3.82 45.58
CA LYS B 308 4.87 4.17 46.75
C LYS B 308 6.31 3.78 46.47
N TRP B 309 7.18 4.78 46.32
CA TRP B 309 8.59 4.60 46.04
C TRP B 309 9.29 4.07 47.29
N ASN B 310 10.32 3.23 47.10
CA ASN B 310 11.05 2.66 48.21
C ASN B 310 11.90 3.73 48.92
N SER B 311 12.41 4.70 48.15
CA SER B 311 13.24 5.79 48.68
C SER B 311 12.90 7.10 47.97
N GLU B 312 13.35 8.21 48.57
CA GLU B 312 13.07 9.54 48.03
C GLU B 312 13.74 9.78 46.68
N ASN B 313 13.13 10.63 45.88
CA ASN B 313 13.64 10.94 44.55
C ASN B 313 13.38 12.42 44.25
N PRO B 314 13.76 12.97 43.08
CA PRO B 314 13.52 14.42 42.82
C PRO B 314 12.07 14.90 42.82
N TRP B 315 11.09 13.98 42.85
CA TRP B 315 9.67 14.36 42.87
C TRP B 315 9.12 14.35 44.29
N SER B 316 9.93 13.89 45.27
CA SER B 316 9.49 13.82 46.67
C SER B 316 9.45 15.17 47.37
N GLY B 317 8.47 15.34 48.23
CA GLY B 317 8.36 16.51 49.10
C GLY B 317 7.76 17.78 48.55
N TYR B 318 7.63 17.91 47.22
CA TYR B 318 7.08 19.11 46.64
C TYR B 318 5.56 19.12 46.69
N LYS B 319 4.97 20.32 46.56
CA LYS B 319 3.52 20.40 46.51
C LYS B 319 3.06 20.03 45.10
N PRO B 320 2.05 19.15 44.94
CA PRO B 320 1.61 18.82 43.57
C PRO B 320 0.90 19.98 42.88
N ILE B 321 0.86 19.93 41.55
CA ILE B 321 0.16 20.91 40.73
C ILE B 321 -0.89 20.15 39.90
N SER B 322 -1.79 20.85 39.20
CA SER B 322 -2.84 20.22 38.38
C SER B 322 -2.35 20.13 36.94
N VAL B 323 -2.46 18.97 36.34
CA VAL B 323 -2.01 18.75 34.96
C VAL B 323 -3.22 18.35 34.13
N ALA B 324 -3.51 19.09 33.04
CA ALA B 324 -4.64 18.75 32.17
C ALA B 324 -4.42 17.36 31.59
N TRP B 325 -5.41 16.47 31.72
CA TRP B 325 -5.28 15.07 31.36
C TRP B 325 -6.07 14.62 30.15
N THR B 326 -7.33 15.05 30.06
CA THR B 326 -8.21 14.76 28.92
C THR B 326 -8.90 16.04 28.54
N VAL B 327 -9.41 16.10 27.31
CA VAL B 327 -10.10 17.27 26.78
C VAL B 327 -11.30 16.85 25.93
N ASP B 328 -12.41 17.57 26.06
CA ASP B 328 -13.60 17.37 25.23
C ASP B 328 -13.37 18.23 23.99
N VAL B 329 -12.78 17.62 22.95
CA VAL B 329 -12.35 18.31 21.72
C VAL B 329 -13.52 19.05 21.03
N PRO B 330 -14.71 18.44 20.77
CA PRO B 330 -15.80 19.20 20.12
C PRO B 330 -16.22 20.45 20.89
N LYS B 331 -16.31 20.39 22.24
CA LYS B 331 -16.69 21.54 23.07
C LYS B 331 -15.65 22.66 23.00
N VAL B 332 -14.35 22.29 23.05
CA VAL B 332 -13.26 23.28 22.97
C VAL B 332 -13.26 23.96 21.60
N ILE B 333 -13.33 23.18 20.50
CA ILE B 333 -13.34 23.75 19.13
C ILE B 333 -14.54 24.68 18.93
N SER B 334 -15.73 24.25 19.39
CA SER B 334 -16.95 25.05 19.27
C SER B 334 -16.81 26.38 20.00
N PHE B 335 -16.24 26.38 21.23
CA PHE B 335 -16.02 27.59 22.01
C PHE B 335 -15.05 28.55 21.31
N ILE B 336 -13.90 28.02 20.85
CA ILE B 336 -12.86 28.83 20.20
C ILE B 336 -13.42 29.46 18.92
N LYS B 337 -14.06 28.64 18.06
CA LYS B 337 -14.66 29.12 16.81
C LYS B 337 -15.70 30.21 17.04
N LYS B 338 -16.57 30.04 18.07
CA LYS B 338 -17.61 31.01 18.42
C LYS B 338 -16.97 32.35 18.75
N LEU B 339 -15.88 32.34 19.54
CA LEU B 339 -15.14 33.54 19.94
C LEU B 339 -14.43 34.20 18.75
N LEU B 340 -13.80 33.40 17.89
CA LEU B 340 -13.08 33.91 16.71
C LEU B 340 -13.99 34.47 15.63
N MET B 341 -15.20 33.91 15.51
CA MET B 341 -16.17 34.29 14.47
C MET B 341 -17.20 35.31 14.95
N ALA B 342 -17.09 35.77 16.21
CA ALA B 342 -18.01 36.75 16.78
C ALA B 342 -17.78 38.14 16.17
N PRO B 343 -18.85 38.82 15.70
CA PRO B 343 -18.67 40.19 15.15
C PRO B 343 -18.28 41.20 16.23
N ILE C 26 -7.21 -18.69 -3.64
CA ILE C 26 -7.72 -17.53 -4.38
C ILE C 26 -7.35 -17.62 -5.86
N ARG C 27 -8.02 -16.83 -6.74
CA ARG C 27 -7.74 -16.85 -8.18
C ARG C 27 -6.32 -16.33 -8.42
N ARG C 28 -5.52 -17.05 -9.23
CA ARG C 28 -4.14 -16.66 -9.48
C ARG C 28 -3.96 -16.17 -10.89
N ASP C 29 -3.35 -14.99 -11.03
CA ASP C 29 -3.04 -14.40 -12.33
C ASP C 29 -1.77 -15.06 -12.89
N LYS C 30 -1.85 -15.58 -14.15
CA LYS C 30 -0.72 -16.25 -14.80
C LYS C 30 0.36 -15.28 -15.18
N LEU C 31 1.59 -15.61 -14.80
CA LEU C 31 2.72 -14.73 -15.04
C LEU C 31 3.94 -15.50 -15.49
N ILE C 32 4.61 -14.97 -16.53
CA ILE C 32 5.90 -15.47 -16.98
C ILE C 32 6.90 -14.38 -16.57
N ILE C 33 8.01 -14.77 -15.95
CA ILE C 33 9.04 -13.79 -15.61
C ILE C 33 10.22 -14.00 -16.55
N ASP C 34 10.56 -12.95 -17.33
CA ASP C 34 11.71 -12.98 -18.25
C ASP C 34 12.83 -12.26 -17.49
N THR C 35 13.96 -12.91 -17.26
CA THR C 35 14.90 -12.43 -16.25
C THR C 35 16.36 -12.81 -16.51
N ASP C 36 17.28 -12.02 -15.92
CA ASP C 36 18.73 -12.26 -16.00
C ASP C 36 19.26 -12.38 -14.55
N PRO C 37 18.83 -13.38 -13.77
CA PRO C 37 19.24 -13.43 -12.36
C PRO C 37 20.73 -13.61 -12.12
N GLY C 38 21.40 -12.66 -11.45
CA GLY C 38 20.88 -11.37 -11.01
C GLY C 38 20.38 -11.37 -9.57
N ILE C 39 20.93 -10.47 -8.75
CA ILE C 39 20.57 -10.39 -7.34
C ILE C 39 19.14 -9.88 -7.10
N ASP C 40 18.77 -8.71 -7.67
CA ASP C 40 17.40 -8.19 -7.50
C ASP C 40 16.40 -9.03 -8.26
N ASP C 41 16.78 -9.63 -9.40
CA ASP C 41 15.88 -10.58 -10.09
C ASP C 41 15.58 -11.75 -9.13
N SER C 42 16.61 -12.29 -8.45
CA SER C 42 16.45 -13.42 -7.51
C SER C 42 15.52 -13.08 -6.37
N MET C 43 15.66 -11.87 -5.81
CA MET C 43 14.77 -11.39 -4.75
C MET C 43 13.33 -11.38 -5.28
N THR C 44 13.12 -10.86 -6.51
CA THR C 44 11.79 -10.73 -7.11
C THR C 44 11.16 -12.11 -7.33
N ILE C 45 11.95 -13.05 -7.89
CA ILE C 45 11.46 -14.40 -8.19
C ILE C 45 11.02 -15.09 -6.88
N LEU C 46 11.85 -15.01 -5.84
CA LEU C 46 11.49 -15.61 -4.55
C LEU C 46 10.26 -14.94 -3.94
N MET C 47 10.08 -13.61 -4.11
CA MET C 47 8.88 -12.91 -3.64
C MET C 47 7.67 -13.44 -4.44
N ALA C 48 7.80 -13.55 -5.78
CA ALA C 48 6.72 -14.00 -6.66
C ALA C 48 6.23 -15.41 -6.29
N PHE C 49 7.17 -16.31 -5.94
CA PHE C 49 6.80 -17.68 -5.54
C PHE C 49 5.98 -17.67 -4.23
N ARG C 50 6.08 -16.57 -3.41
CA ARG C 50 5.32 -16.42 -2.14
C ARG C 50 4.00 -15.63 -2.27
N ALA C 51 3.75 -14.98 -3.43
CA ALA C 51 2.57 -14.15 -3.66
C ALA C 51 1.36 -15.03 -3.99
N PRO C 52 0.33 -15.07 -3.11
CA PRO C 52 -0.78 -16.01 -3.37
C PRO C 52 -1.66 -15.70 -4.58
N SER C 53 -1.65 -14.46 -5.08
CA SER C 53 -2.50 -14.10 -6.22
C SER C 53 -1.79 -14.34 -7.57
N VAL C 54 -0.59 -14.89 -7.53
CA VAL C 54 0.24 -15.11 -8.72
C VAL C 54 0.46 -16.59 -9.00
N GLU C 55 0.41 -16.97 -10.28
CA GLU C 55 0.79 -18.31 -10.69
C GLU C 55 1.96 -18.13 -11.65
N ILE C 56 3.18 -18.48 -11.20
CA ILE C 56 4.34 -18.36 -12.08
C ILE C 56 4.31 -19.57 -13.01
N ILE C 57 4.05 -19.35 -14.29
CA ILE C 57 3.96 -20.47 -15.22
C ILE C 57 5.31 -20.78 -15.88
N GLY C 58 6.28 -19.93 -15.69
CA GLY C 58 7.62 -20.19 -16.18
C GLY C 58 8.56 -19.04 -15.97
N LEU C 59 9.87 -19.34 -16.00
CA LEU C 59 10.93 -18.34 -15.97
C LEU C 59 11.62 -18.43 -17.33
N THR C 60 11.84 -17.31 -18.00
CA THR C 60 12.53 -17.31 -19.31
C THR C 60 13.80 -16.50 -19.09
N THR C 61 14.95 -17.03 -19.51
CA THR C 61 16.20 -16.36 -19.13
C THR C 61 16.87 -15.60 -20.27
N ILE C 62 17.61 -14.57 -19.89
CA ILE C 62 18.33 -13.71 -20.82
C ILE C 62 19.63 -13.27 -20.15
N PHE C 63 20.56 -12.73 -20.93
CA PHE C 63 21.84 -12.24 -20.43
C PHE C 63 21.64 -10.86 -19.79
N GLY C 64 22.71 -10.29 -19.25
CA GLY C 64 22.71 -8.92 -18.74
C GLY C 64 23.56 -8.82 -17.50
N ASN C 65 23.03 -9.29 -16.38
CA ASN C 65 23.74 -9.34 -15.10
C ASN C 65 24.77 -10.44 -15.13
N VAL C 66 24.57 -11.44 -16.00
CA VAL C 66 25.39 -12.65 -16.15
C VAL C 66 25.10 -13.21 -17.55
N ASP C 67 25.96 -14.07 -18.10
CA ASP C 67 25.66 -14.64 -19.42
C ASP C 67 24.37 -15.51 -19.33
N THR C 68 23.69 -15.71 -20.45
CA THR C 68 22.42 -16.46 -20.45
C THR C 68 22.54 -17.83 -19.78
N LYS C 69 23.64 -18.57 -20.03
CA LYS C 69 23.83 -19.89 -19.41
C LYS C 69 23.84 -19.75 -17.88
N GLY C 70 24.51 -18.70 -17.38
CA GLY C 70 24.57 -18.43 -15.94
C GLY C 70 23.21 -18.04 -15.37
N ALA C 71 22.42 -17.28 -16.15
CA ALA C 71 21.06 -16.87 -15.76
C ALA C 71 20.16 -18.12 -15.65
N THR C 72 20.29 -19.05 -16.61
CA THR C 72 19.53 -20.32 -16.59
C THR C 72 19.88 -21.14 -15.33
N ARG C 73 21.17 -21.23 -15.03
CA ARG C 73 21.64 -21.94 -13.83
C ARG C 73 21.00 -21.32 -12.56
N ASN C 74 21.06 -19.98 -12.43
CA ASN C 74 20.50 -19.27 -11.27
C ASN C 74 18.99 -19.44 -11.18
N ALA C 75 18.29 -19.39 -12.32
CA ALA C 75 16.83 -19.55 -12.36
C ALA C 75 16.42 -20.96 -11.92
N LEU C 76 17.14 -21.99 -12.37
CA LEU C 76 16.86 -23.37 -11.98
C LEU C 76 17.09 -23.53 -10.48
N LEU C 77 18.17 -22.92 -9.96
CA LEU C 77 18.47 -22.96 -8.52
C LEU C 77 17.40 -22.26 -7.67
N LEU C 78 16.80 -21.17 -8.18
CA LEU C 78 15.73 -20.47 -7.48
C LEU C 78 14.49 -21.33 -7.40
N CYS C 79 14.14 -22.04 -8.50
CA CYS C 79 12.98 -22.94 -8.48
C CYS C 79 13.18 -24.04 -7.44
N GLU C 80 14.40 -24.57 -7.37
CA GLU C 80 14.72 -25.61 -6.38
C GLU C 80 14.64 -25.06 -4.97
N ARG C 81 15.22 -23.86 -4.74
CA ARG C 81 15.23 -23.21 -3.44
C ARG C 81 13.81 -22.91 -2.95
N ALA C 82 12.92 -22.51 -3.88
CA ALA C 82 11.53 -22.15 -3.55
C ALA C 82 10.64 -23.39 -3.34
N GLY C 83 11.20 -24.57 -3.62
CA GLY C 83 10.48 -25.84 -3.48
C GLY C 83 9.52 -26.10 -4.62
N CYS C 84 9.80 -25.51 -5.81
CA CYS C 84 8.98 -25.67 -7.02
C CYS C 84 9.88 -26.02 -8.23
N PRO C 85 10.66 -27.12 -8.20
CA PRO C 85 11.52 -27.44 -9.37
C PRO C 85 10.76 -27.82 -10.63
N GLU C 86 9.43 -27.99 -10.53
CA GLU C 86 8.56 -28.31 -11.67
C GLU C 86 8.28 -27.06 -12.52
N VAL C 87 8.50 -25.84 -11.97
CA VAL C 87 8.27 -24.60 -12.71
C VAL C 87 9.27 -24.56 -13.88
N PRO C 88 8.79 -24.54 -15.13
CA PRO C 88 9.72 -24.60 -16.27
C PRO C 88 10.65 -23.39 -16.37
N VAL C 89 11.90 -23.66 -16.75
CA VAL C 89 12.90 -22.61 -17.02
C VAL C 89 13.26 -22.77 -18.51
N ALA C 90 12.99 -21.75 -19.31
CA ALA C 90 13.26 -21.81 -20.74
C ALA C 90 14.39 -20.83 -21.06
N GLU C 91 15.50 -21.36 -21.59
CA GLU C 91 16.68 -20.53 -21.89
C GLU C 91 16.47 -19.71 -23.14
N GLY C 92 16.81 -18.42 -23.04
CA GLY C 92 16.63 -17.48 -24.13
C GLY C 92 17.87 -17.24 -24.97
N SER C 93 17.88 -16.09 -25.64
CA SER C 93 18.98 -15.70 -26.54
C SER C 93 20.28 -15.52 -25.77
N HIS C 94 21.41 -15.90 -26.39
CA HIS C 94 22.74 -15.75 -25.78
C HIS C 94 23.35 -14.39 -26.13
N GLU C 95 22.78 -13.69 -27.12
CA GLU C 95 23.30 -12.42 -27.59
C GLU C 95 22.13 -11.47 -27.92
N PRO C 96 22.37 -10.15 -27.89
CA PRO C 96 21.31 -9.21 -28.32
C PRO C 96 20.98 -9.39 -29.81
N LEU C 97 19.86 -8.80 -30.27
CA LEU C 97 19.44 -8.91 -31.68
C LEU C 97 20.50 -8.48 -32.70
N LYS C 98 21.29 -7.44 -32.39
CA LYS C 98 22.36 -6.99 -33.31
C LYS C 98 23.54 -7.98 -33.40
N GLY C 99 23.58 -8.94 -32.49
CA GLY C 99 24.66 -9.94 -32.44
C GLY C 99 25.87 -9.49 -31.65
N GLY C 100 26.71 -10.44 -31.30
CA GLY C 100 27.93 -10.17 -30.53
C GLY C 100 27.77 -10.49 -29.06
N LYS C 101 28.90 -10.78 -28.40
CA LYS C 101 28.94 -11.15 -26.99
C LYS C 101 28.51 -9.99 -26.11
N PRO C 102 27.48 -10.16 -25.27
CA PRO C 102 27.03 -9.02 -24.46
C PRO C 102 27.95 -8.68 -23.30
N ARG C 103 27.92 -7.41 -22.89
CA ARG C 103 28.68 -6.95 -21.73
C ARG C 103 27.90 -7.46 -20.51
N VAL C 104 28.61 -7.98 -19.49
CA VAL C 104 27.92 -8.48 -18.30
C VAL C 104 28.21 -7.60 -17.11
N ALA C 105 27.21 -7.41 -16.23
CA ALA C 105 27.41 -6.59 -15.05
C ALA C 105 27.96 -7.43 -13.85
N ASP C 106 29.12 -8.07 -14.04
CA ASP C 106 29.73 -8.87 -12.96
C ASP C 106 30.25 -8.00 -11.81
N PHE C 107 30.48 -6.71 -12.07
CA PHE C 107 30.93 -5.74 -11.05
C PHE C 107 29.76 -5.29 -10.14
N VAL C 108 28.51 -5.63 -10.55
CA VAL C 108 27.30 -5.33 -9.78
C VAL C 108 26.75 -6.61 -9.13
N HIS C 109 26.65 -7.70 -9.92
CA HIS C 109 26.01 -8.95 -9.47
C HIS C 109 26.97 -10.10 -9.19
N GLY C 110 28.28 -9.85 -9.28
CA GLY C 110 29.28 -10.90 -9.04
C GLY C 110 29.50 -11.74 -10.27
N SER C 111 30.60 -12.54 -10.28
CA SER C 111 30.94 -13.39 -11.42
C SER C 111 29.92 -14.51 -11.66
N ASP C 112 29.21 -14.95 -10.62
CA ASP C 112 28.18 -15.99 -10.78
C ASP C 112 26.78 -15.39 -10.97
N GLY C 113 26.68 -14.06 -10.90
CA GLY C 113 25.41 -13.35 -11.05
C GLY C 113 24.60 -13.26 -9.77
N ILE C 114 25.05 -13.89 -8.67
CA ILE C 114 24.27 -13.86 -7.40
C ILE C 114 25.14 -13.43 -6.21
N GLY C 115 26.13 -12.58 -6.47
CA GLY C 115 26.95 -12.03 -5.39
C GLY C 115 28.12 -12.85 -4.94
N ASN C 116 28.67 -13.68 -5.84
CA ASN C 116 29.86 -14.51 -5.59
C ASN C 116 29.67 -15.49 -4.44
N LEU C 117 28.57 -16.25 -4.50
CA LEU C 117 28.28 -17.26 -3.50
C LEU C 117 28.86 -18.60 -3.94
N PHE C 118 29.04 -18.80 -5.26
CA PHE C 118 29.63 -20.01 -5.87
C PHE C 118 28.99 -21.29 -5.32
N LEU C 119 27.69 -21.39 -5.54
CA LEU C 119 26.91 -22.50 -5.04
C LEU C 119 26.87 -23.66 -6.03
N PRO C 120 26.61 -24.90 -5.53
CA PRO C 120 26.52 -26.05 -6.45
C PRO C 120 25.42 -25.85 -7.47
N ALA C 121 25.65 -26.40 -8.65
CA ALA C 121 24.72 -26.33 -9.75
C ALA C 121 23.47 -27.15 -9.44
N PRO C 122 22.38 -26.81 -10.15
CA PRO C 122 21.08 -27.45 -9.89
C PRO C 122 20.93 -28.87 -10.42
N SER C 123 19.95 -29.62 -9.90
CA SER C 123 19.54 -30.96 -10.37
C SER C 123 18.49 -30.76 -11.48
N ALA C 124 17.59 -29.78 -11.31
CA ALA C 124 16.54 -29.46 -12.28
C ALA C 124 17.19 -29.03 -13.58
N LYS C 125 16.53 -29.33 -14.70
CA LYS C 125 17.03 -29.00 -16.03
C LYS C 125 16.08 -28.04 -16.73
N LYS C 126 16.62 -27.23 -17.64
CA LYS C 126 15.80 -26.33 -18.47
C LYS C 126 14.90 -27.17 -19.40
N VAL C 127 13.83 -26.56 -19.91
CA VAL C 127 12.95 -27.22 -20.88
C VAL C 127 13.62 -27.18 -22.26
N GLU C 128 13.09 -27.92 -23.23
CA GLU C 128 13.63 -28.03 -24.58
C GLU C 128 13.44 -26.75 -25.40
N GLU C 129 12.27 -26.11 -25.30
CA GLU C 129 12.00 -24.92 -26.11
C GLU C 129 12.70 -23.68 -25.62
N SER C 130 13.02 -22.78 -26.55
CA SER C 130 13.69 -21.51 -26.25
C SER C 130 12.73 -20.61 -25.51
N ALA C 131 13.25 -19.58 -24.83
CA ALA C 131 12.41 -18.61 -24.12
C ALA C 131 11.38 -17.99 -25.09
N ALA C 132 11.79 -17.61 -26.32
CA ALA C 132 10.86 -16.98 -27.28
C ALA C 132 9.73 -17.93 -27.64
N ASP C 133 10.05 -19.21 -27.88
CA ASP C 133 9.02 -20.18 -28.23
C ASP C 133 8.10 -20.49 -27.03
N PHE C 134 8.66 -20.46 -25.82
CA PHE C 134 7.91 -20.68 -24.58
C PHE C 134 6.89 -19.53 -24.41
N LEU C 135 7.34 -18.27 -24.57
CA LEU C 135 6.47 -17.09 -24.49
C LEU C 135 5.32 -17.20 -25.49
N ILE C 136 5.64 -17.50 -26.76
CA ILE C 136 4.63 -17.63 -27.83
C ILE C 136 3.62 -18.72 -27.48
N ASN C 137 4.10 -19.90 -27.11
CA ASN C 137 3.22 -21.06 -26.82
C ASN C 137 2.29 -20.82 -25.62
N LYS C 138 2.80 -20.27 -24.52
CA LYS C 138 1.94 -20.05 -23.33
C LYS C 138 0.87 -18.97 -23.57
N VAL C 139 1.26 -17.89 -24.26
CA VAL C 139 0.34 -16.79 -24.57
C VAL C 139 -0.76 -17.29 -25.50
N SER C 140 -0.41 -18.16 -26.47
CA SER C 140 -1.36 -18.74 -27.40
C SER C 140 -2.26 -19.80 -26.76
N GLU C 141 -1.75 -20.49 -25.74
CA GLU C 141 -2.55 -21.50 -25.04
C GLU C 141 -3.69 -20.82 -24.24
N PHE C 142 -3.41 -19.63 -23.68
CA PHE C 142 -4.36 -18.87 -22.86
C PHE C 142 -4.48 -17.44 -23.38
N PRO C 143 -5.08 -17.18 -24.56
CA PRO C 143 -5.13 -15.79 -25.08
C PRO C 143 -5.78 -14.79 -24.13
N GLY C 144 -5.13 -13.63 -23.97
CA GLY C 144 -5.56 -12.55 -23.10
C GLY C 144 -5.41 -12.80 -21.62
N GLU C 145 -4.81 -13.93 -21.21
CA GLU C 145 -4.72 -14.30 -19.79
C GLU C 145 -3.34 -14.33 -19.20
N VAL C 146 -2.30 -14.39 -20.05
CA VAL C 146 -0.92 -14.49 -19.55
C VAL C 146 -0.22 -13.14 -19.54
N SER C 147 0.36 -12.75 -18.40
CA SER C 147 1.12 -11.50 -18.30
C SER C 147 2.63 -11.83 -18.30
N VAL C 148 3.45 -10.88 -18.73
CA VAL C 148 4.90 -11.08 -18.75
C VAL C 148 5.54 -9.96 -17.92
N LEU C 149 6.41 -10.34 -16.97
CA LEU C 149 7.18 -9.37 -16.20
C LEU C 149 8.61 -9.49 -16.76
N ALA C 150 9.07 -8.43 -17.43
CA ALA C 150 10.38 -8.42 -18.09
C ALA C 150 11.37 -7.67 -17.21
N LEU C 151 12.32 -8.43 -16.64
CA LEU C 151 13.33 -7.96 -15.69
C LEU C 151 14.73 -7.85 -16.26
N GLY C 152 14.89 -8.18 -17.53
CA GLY C 152 16.19 -8.03 -18.16
C GLY C 152 16.08 -7.41 -19.53
N PRO C 153 17.16 -7.47 -20.33
CA PRO C 153 17.09 -7.02 -21.74
C PRO C 153 15.91 -7.71 -22.41
N LEU C 154 15.30 -7.02 -23.37
CA LEU C 154 14.04 -7.48 -23.95
C LEU C 154 14.12 -8.40 -25.16
N THR C 155 15.31 -8.98 -25.42
CA THR C 155 15.55 -9.84 -26.58
C THR C 155 14.51 -10.93 -26.80
N ASN C 156 14.20 -11.73 -25.75
CA ASN C 156 13.24 -12.84 -25.94
C ASN C 156 11.85 -12.34 -26.25
N VAL C 157 11.44 -11.23 -25.64
CA VAL C 157 10.10 -10.66 -25.86
C VAL C 157 10.02 -10.12 -27.30
N ALA C 158 11.10 -9.45 -27.77
CA ALA C 158 11.14 -8.95 -29.16
C ALA C 158 11.13 -10.13 -30.15
N LEU C 159 11.86 -11.23 -29.83
CA LEU C 159 11.85 -12.42 -30.70
C LEU C 159 10.45 -13.00 -30.80
N ALA C 160 9.72 -13.08 -29.66
CA ALA C 160 8.32 -13.58 -29.65
C ALA C 160 7.43 -12.68 -30.53
N ILE C 161 7.56 -11.36 -30.43
CA ILE C 161 6.75 -10.39 -31.20
C ILE C 161 7.03 -10.54 -32.69
N LYS C 162 8.31 -10.67 -33.06
CA LYS C 162 8.70 -10.78 -34.47
C LYS C 162 8.31 -12.10 -35.09
N ARG C 163 8.42 -13.18 -34.31
CA ARG C 163 8.15 -14.53 -34.80
C ARG C 163 6.68 -14.84 -34.87
N ASP C 164 5.89 -14.25 -33.95
CA ASP C 164 4.45 -14.46 -33.90
C ASP C 164 3.72 -13.10 -34.01
N PRO C 165 3.16 -12.75 -35.19
CA PRO C 165 2.45 -11.47 -35.34
C PRO C 165 1.24 -11.28 -34.42
N SER C 166 0.67 -12.39 -33.91
CA SER C 166 -0.50 -12.33 -33.02
C SER C 166 -0.11 -12.17 -31.53
N PHE C 167 1.18 -12.32 -31.20
CA PHE C 167 1.67 -12.28 -29.81
C PHE C 167 1.26 -10.99 -29.07
N ALA C 168 1.52 -9.81 -29.69
CA ALA C 168 1.22 -8.51 -29.07
C ALA C 168 -0.25 -8.36 -28.67
N SER C 169 -1.16 -8.90 -29.49
CA SER C 169 -2.60 -8.80 -29.21
C SER C 169 -3.06 -9.84 -28.19
N LYS C 170 -2.33 -10.98 -28.07
CA LYS C 170 -2.74 -12.05 -27.16
C LYS C 170 -2.17 -11.96 -25.76
N VAL C 171 -1.01 -11.32 -25.59
CA VAL C 171 -0.41 -11.18 -24.27
C VAL C 171 -1.34 -10.26 -23.44
N LYS C 172 -1.57 -10.60 -22.16
CA LYS C 172 -2.47 -9.77 -21.34
C LYS C 172 -1.85 -8.42 -21.08
N LYS C 173 -0.63 -8.42 -20.59
CA LYS C 173 0.13 -7.19 -20.30
C LYS C 173 1.59 -7.57 -20.21
N ILE C 174 2.47 -6.62 -20.57
CA ILE C 174 3.91 -6.77 -20.43
C ILE C 174 4.32 -5.65 -19.49
N VAL C 175 4.82 -6.00 -18.29
CA VAL C 175 5.34 -4.99 -17.36
C VAL C 175 6.88 -5.08 -17.48
N VAL C 176 7.52 -3.97 -17.78
CA VAL C 176 8.94 -3.91 -18.05
C VAL C 176 9.68 -3.11 -16.99
N LEU C 177 10.77 -3.67 -16.45
CA LEU C 177 11.66 -2.89 -15.62
C LEU C 177 12.73 -2.46 -16.60
N GLY C 178 12.76 -1.19 -16.90
CA GLY C 178 13.78 -0.73 -17.85
C GLY C 178 13.62 0.73 -18.19
N GLY C 179 14.70 1.31 -18.67
CA GLY C 179 14.72 2.69 -19.12
C GLY C 179 14.95 3.71 -18.02
N ALA C 180 15.13 4.96 -18.43
CA ALA C 180 15.31 6.11 -17.54
C ALA C 180 14.62 7.25 -18.28
N PHE C 181 13.50 7.71 -17.73
CA PHE C 181 12.67 8.73 -18.37
C PHE C 181 12.94 10.08 -17.75
N PHE C 182 13.52 11.00 -18.56
CA PHE C 182 13.92 12.34 -18.10
C PHE C 182 14.80 12.24 -16.82
N ALA C 183 15.73 11.29 -16.83
CA ALA C 183 16.62 11.01 -15.69
C ALA C 183 17.88 10.33 -16.20
N ALA C 184 18.91 10.34 -15.40
CA ALA C 184 20.19 9.71 -15.77
C ALA C 184 20.03 8.18 -15.89
N GLY C 185 20.83 7.59 -16.77
CA GLY C 185 20.89 6.14 -16.90
C GLY C 185 21.76 5.56 -15.79
N ASN C 186 21.94 4.23 -15.78
CA ASN C 186 22.82 3.60 -14.77
C ASN C 186 24.01 2.84 -15.40
N VAL C 187 24.06 2.68 -16.72
CA VAL C 187 25.23 2.13 -17.44
C VAL C 187 26.12 3.32 -17.78
N ASN C 188 25.48 4.44 -18.18
CA ASN C 188 26.14 5.67 -18.52
C ASN C 188 25.07 6.78 -18.42
N PRO C 189 25.38 8.06 -18.62
CA PRO C 189 24.35 9.11 -18.45
C PRO C 189 23.07 8.94 -19.28
N ALA C 190 23.16 8.27 -20.42
CA ALA C 190 22.05 8.09 -21.36
C ALA C 190 21.17 6.90 -21.15
N ALA C 191 21.72 5.77 -20.66
CA ALA C 191 21.00 4.50 -20.71
C ALA C 191 20.96 3.68 -19.46
N GLU C 192 19.81 3.03 -19.26
CA GLU C 192 19.59 2.07 -18.19
C GLU C 192 20.06 0.69 -18.75
N ALA C 193 20.55 -0.19 -17.87
CA ALA C 193 21.17 -1.48 -18.21
C ALA C 193 20.35 -2.41 -19.10
N ASN C 194 19.09 -2.66 -18.76
CA ASN C 194 18.28 -3.58 -19.56
C ASN C 194 18.08 -3.10 -20.98
N ILE C 195 17.81 -1.81 -21.13
CA ILE C 195 17.62 -1.28 -22.48
C ILE C 195 18.93 -1.25 -23.24
N HIS C 196 20.02 -0.83 -22.59
CA HIS C 196 21.34 -0.79 -23.21
C HIS C 196 21.80 -2.21 -23.65
N GLY C 197 21.39 -3.23 -22.91
CA GLY C 197 21.68 -4.63 -23.22
C GLY C 197 21.14 -5.04 -24.58
N ASP C 198 19.98 -4.45 -25.01
CA ASP C 198 19.43 -4.74 -26.32
C ASP C 198 18.49 -3.61 -26.75
N PRO C 199 19.06 -2.51 -27.29
CA PRO C 199 18.22 -1.35 -27.67
C PRO C 199 17.21 -1.68 -28.77
N GLU C 200 17.64 -2.45 -29.80
CA GLU C 200 16.75 -2.87 -30.89
C GLU C 200 15.54 -3.64 -30.35
N ALA C 201 15.78 -4.59 -29.41
CA ALA C 201 14.69 -5.38 -28.83
C ALA C 201 13.72 -4.49 -28.07
N ALA C 202 14.26 -3.54 -27.28
CA ALA C 202 13.40 -2.63 -26.51
C ALA C 202 12.53 -1.79 -27.44
N ASP C 203 13.11 -1.27 -28.56
CA ASP C 203 12.33 -0.49 -29.52
C ASP C 203 11.22 -1.32 -30.15
N ILE C 204 11.51 -2.61 -30.45
CA ILE C 204 10.48 -3.52 -30.97
C ILE C 204 9.34 -3.71 -29.98
N VAL C 205 9.68 -3.92 -28.70
CA VAL C 205 8.64 -4.15 -27.68
C VAL C 205 7.78 -2.89 -27.51
N PHE C 206 8.43 -1.73 -27.37
CA PHE C 206 7.69 -0.49 -27.11
C PHE C 206 6.80 -0.03 -28.26
N THR C 207 7.11 -0.43 -29.49
CA THR C 207 6.27 -0.05 -30.65
C THR C 207 5.36 -1.22 -31.14
N SER C 208 5.29 -2.32 -30.37
CA SER C 208 4.53 -3.52 -30.75
C SER C 208 3.02 -3.39 -30.71
N GLY C 209 2.51 -2.40 -29.98
CA GLY C 209 1.06 -2.24 -29.82
C GLY C 209 0.49 -3.11 -28.70
N ALA C 210 1.34 -3.84 -27.98
CA ALA C 210 0.87 -4.65 -26.83
C ALA C 210 0.50 -3.73 -25.65
N ASP C 211 -0.23 -4.23 -24.64
CA ASP C 211 -0.55 -3.45 -23.45
C ASP C 211 0.71 -3.50 -22.58
N ILE C 212 1.54 -2.44 -22.69
CA ILE C 212 2.84 -2.38 -21.99
C ILE C 212 2.85 -1.34 -20.90
N VAL C 213 3.50 -1.68 -19.80
CA VAL C 213 3.71 -0.77 -18.68
C VAL C 213 5.23 -0.76 -18.45
N VAL C 214 5.85 0.43 -18.49
CA VAL C 214 7.30 0.53 -18.27
C VAL C 214 7.59 1.24 -16.98
N VAL C 215 8.45 0.64 -16.16
CA VAL C 215 8.87 1.20 -14.86
C VAL C 215 10.35 1.49 -15.03
N GLY C 216 10.68 2.76 -15.09
CA GLY C 216 12.06 3.20 -15.30
C GLY C 216 12.80 3.37 -14.00
N ILE C 217 14.14 3.52 -14.10
CA ILE C 217 14.93 3.72 -12.88
C ILE C 217 14.69 5.11 -12.26
N ASN C 218 14.03 6.04 -13.01
CA ASN C 218 13.57 7.34 -12.48
C ASN C 218 12.59 7.06 -11.32
N ILE C 219 11.91 5.90 -11.37
CA ILE C 219 10.97 5.45 -10.31
C ILE C 219 11.71 4.64 -9.25
N THR C 220 12.41 3.58 -9.70
CA THR C 220 12.99 2.60 -8.77
C THR C 220 14.12 3.14 -7.92
N THR C 221 14.83 4.19 -8.37
CA THR C 221 15.90 4.79 -7.54
C THR C 221 15.32 5.52 -6.33
N GLN C 222 13.98 5.71 -6.31
CA GLN C 222 13.31 6.34 -5.16
C GLN C 222 13.03 5.29 -4.06
N VAL C 223 13.14 3.99 -4.39
CA VAL C 223 12.81 2.86 -3.50
C VAL C 223 14.08 2.13 -3.11
N CYS C 224 14.44 2.21 -1.82
CA CYS C 224 15.69 1.65 -1.32
C CYS C 224 15.51 0.78 -0.08
N LEU C 225 16.44 -0.16 0.16
CA LEU C 225 16.57 -0.90 1.42
C LEU C 225 17.86 -0.39 2.05
N THR C 226 17.82 0.05 3.31
CA THR C 226 19.03 0.54 3.97
C THR C 226 19.81 -0.64 4.56
N ASP C 227 21.03 -0.40 5.10
CA ASP C 227 21.75 -1.47 5.79
C ASP C 227 20.91 -2.01 6.96
N GLU C 228 20.15 -1.11 7.66
CA GLU C 228 19.32 -1.60 8.78
C GLU C 228 18.19 -2.51 8.28
N ASP C 229 17.62 -2.21 7.11
CA ASP C 229 16.57 -3.05 6.51
C ASP C 229 17.14 -4.41 6.13
N LEU C 230 18.37 -4.44 5.61
CA LEU C 230 18.99 -5.71 5.21
C LEU C 230 19.26 -6.63 6.40
N LEU C 231 19.72 -6.06 7.50
CA LEU C 231 19.97 -6.78 8.73
C LEU C 231 18.65 -7.31 9.33
N GLU C 232 17.58 -6.46 9.29
CA GLU C 232 16.26 -6.85 9.79
C GLU C 232 15.76 -8.03 8.95
N LEU C 233 16.02 -8.00 7.64
CA LEU C 233 15.61 -9.10 6.77
C LEU C 233 16.36 -10.36 7.13
N ARG C 234 17.69 -10.28 7.31
CA ARG C 234 18.50 -11.44 7.67
C ARG C 234 17.97 -12.11 8.93
N ASN C 235 17.55 -11.30 9.92
CA ASN C 235 17.11 -11.78 11.21
C ASN C 235 15.65 -12.16 11.29
N SER C 236 14.94 -12.08 10.17
CA SER C 236 13.51 -12.32 10.16
C SER C 236 13.17 -13.81 9.99
N LYS C 237 11.86 -14.10 9.96
CA LYS C 237 11.35 -15.47 9.75
C LYS C 237 11.14 -15.73 8.26
N GLY C 238 11.59 -14.80 7.42
CA GLY C 238 11.52 -14.97 5.98
C GLY C 238 12.14 -16.29 5.56
N LYS C 239 11.41 -17.03 4.75
CA LYS C 239 11.86 -18.35 4.28
C LYS C 239 13.30 -18.32 3.71
N HIS C 240 13.63 -17.25 2.97
CA HIS C 240 14.92 -17.13 2.28
C HIS C 240 15.79 -16.01 2.85
N ALA C 241 15.49 -15.58 4.08
CA ALA C 241 16.17 -14.46 4.75
C ALA C 241 17.70 -14.55 4.69
N ALA C 242 18.30 -15.71 5.06
CA ALA C 242 19.77 -15.88 5.07
C ALA C 242 20.37 -15.74 3.67
N PHE C 243 19.74 -16.39 2.68
CA PHE C 243 20.21 -16.37 1.30
C PHE C 243 20.12 -14.96 0.68
N LEU C 244 18.99 -14.27 0.92
CA LEU C 244 18.79 -12.90 0.39
C LEU C 244 19.87 -11.98 0.93
N TYR C 245 20.14 -12.08 2.23
CA TYR C 245 21.16 -11.26 2.86
C TYR C 245 22.53 -11.53 2.29
N GLU C 246 22.87 -12.82 2.12
CA GLU C 246 24.18 -13.20 1.61
C GLU C 246 24.40 -12.65 0.19
N MET C 247 23.38 -12.79 -0.70
CA MET C 247 23.51 -12.22 -2.07
C MET C 247 23.72 -10.71 -2.04
N CYS C 248 22.95 -10.04 -1.16
CA CYS C 248 22.96 -8.59 -1.08
C CYS C 248 24.24 -7.98 -0.56
N LYS C 249 25.15 -8.76 0.04
CA LYS C 249 26.41 -8.18 0.53
C LYS C 249 27.19 -7.55 -0.62
N PHE C 250 27.38 -8.32 -1.70
CA PHE C 250 28.12 -7.82 -2.88
C PHE C 250 27.36 -6.64 -3.52
N TYR C 251 26.04 -6.80 -3.68
CA TYR C 251 25.15 -5.81 -4.27
C TYR C 251 25.22 -4.47 -3.52
N ARG C 252 25.12 -4.51 -2.17
CA ARG C 252 25.21 -3.34 -1.29
C ARG C 252 26.56 -2.65 -1.48
N ASP C 253 27.65 -3.44 -1.57
CA ASP C 253 29.00 -2.85 -1.74
C ASP C 253 29.12 -2.06 -3.04
N TRP C 254 28.48 -2.54 -4.12
CA TRP C 254 28.50 -1.82 -5.40
C TRP C 254 27.75 -0.48 -5.26
N HIS C 255 26.57 -0.49 -4.59
CA HIS C 255 25.82 0.76 -4.41
C HIS C 255 26.63 1.81 -3.61
N ALA C 256 27.38 1.35 -2.59
CA ALA C 256 28.20 2.29 -1.81
C ALA C 256 29.29 2.92 -2.67
N LYS C 257 29.97 2.09 -3.47
CA LYS C 257 31.08 2.51 -4.34
C LYS C 257 30.62 3.40 -5.51
N SER C 258 29.51 3.03 -6.14
CA SER C 258 29.06 3.75 -7.34
C SER C 258 28.07 4.86 -7.09
N ASP C 259 27.03 4.58 -6.29
CA ASP C 259 25.93 5.52 -6.03
C ASP C 259 26.11 6.35 -4.78
N GLY C 260 27.04 5.95 -3.92
CA GLY C 260 27.36 6.70 -2.72
C GLY C 260 26.36 6.57 -1.58
N PHE C 261 25.67 5.45 -1.47
CA PHE C 261 24.79 5.26 -0.32
C PHE C 261 24.90 3.84 0.23
N HIS C 262 24.58 3.66 1.52
CA HIS C 262 24.66 2.38 2.20
C HIS C 262 23.32 1.65 2.15
N GLY C 263 23.24 0.71 1.23
CA GLY C 263 22.03 -0.07 1.00
C GLY C 263 21.93 -0.49 -0.43
N ILE C 264 20.72 -0.80 -0.89
CA ILE C 264 20.48 -1.21 -2.27
C ILE C 264 19.24 -0.51 -2.81
N PHE C 265 19.16 -0.33 -4.14
CA PHE C 265 17.95 0.14 -4.79
C PHE C 265 17.14 -1.13 -4.99
N LEU C 266 15.82 -1.05 -5.18
CA LEU C 266 14.98 -2.22 -5.38
C LEU C 266 14.36 -2.21 -6.78
N HIS C 267 15.17 -2.35 -7.81
CA HIS C 267 14.68 -2.22 -9.19
C HIS C 267 13.64 -3.29 -9.54
N ASP C 268 14.08 -4.54 -9.69
CA ASP C 268 13.16 -5.59 -10.12
C ASP C 268 12.00 -5.81 -9.14
N PRO C 269 12.19 -5.79 -7.79
CA PRO C 269 11.04 -5.93 -6.90
C PRO C 269 9.96 -4.84 -7.05
N VAL C 270 10.37 -3.61 -7.43
CA VAL C 270 9.39 -2.52 -7.64
C VAL C 270 8.52 -2.80 -8.88
N SER C 271 9.12 -3.33 -9.96
CA SER C 271 8.31 -3.65 -11.15
C SER C 271 7.30 -4.77 -10.84
N PHE C 272 7.69 -5.73 -9.98
CA PHE C 272 6.76 -6.79 -9.55
C PHE C 272 5.63 -6.18 -8.74
N THR C 273 5.96 -5.16 -7.91
CA THR C 273 4.94 -4.45 -7.13
C THR C 273 3.95 -3.73 -8.08
N ALA C 274 4.42 -3.22 -9.24
CA ALA C 274 3.52 -2.56 -10.20
C ALA C 274 2.53 -3.56 -10.81
N VAL C 275 2.92 -4.85 -10.89
CA VAL C 275 2.05 -5.92 -11.40
C VAL C 275 0.90 -6.15 -10.43
N LEU C 276 1.22 -6.32 -9.13
CA LEU C 276 0.23 -6.67 -8.12
C LEU C 276 -0.51 -5.50 -7.51
N HIS C 277 0.16 -4.36 -7.41
CA HIS C 277 -0.40 -3.17 -6.79
C HIS C 277 -0.17 -1.93 -7.65
N PRO C 278 -0.77 -1.87 -8.87
CA PRO C 278 -0.59 -0.67 -9.71
C PRO C 278 -1.12 0.61 -9.05
N GLU C 279 -2.04 0.47 -8.06
CA GLU C 279 -2.60 1.59 -7.30
C GLU C 279 -1.55 2.30 -6.42
N TYR C 280 -0.32 1.71 -6.27
CA TYR C 280 0.78 2.37 -5.52
C TYR C 280 1.56 3.34 -6.42
N PHE C 281 1.17 3.44 -7.70
CA PHE C 281 1.84 4.27 -8.69
C PHE C 281 0.83 5.14 -9.43
N THR C 282 1.33 6.15 -10.17
CA THR C 282 0.54 6.86 -11.17
C THR C 282 1.29 6.58 -12.47
N PHE C 283 0.57 6.64 -13.58
CA PHE C 283 1.14 6.37 -14.90
C PHE C 283 0.73 7.46 -15.87
N LYS C 284 1.58 7.70 -16.87
CA LYS C 284 1.28 8.64 -17.96
C LYS C 284 1.36 7.84 -19.25
N LYS C 285 0.47 8.15 -20.20
CA LYS C 285 0.48 7.44 -21.48
C LYS C 285 1.31 8.22 -22.47
N GLY C 286 2.07 7.52 -23.28
CA GLY C 286 2.84 8.18 -24.33
C GLY C 286 3.58 7.19 -25.17
N VAL C 287 3.92 7.60 -26.39
CA VAL C 287 4.74 6.77 -27.28
C VAL C 287 6.16 6.78 -26.75
N VAL C 288 6.81 5.60 -26.67
CA VAL C 288 8.20 5.45 -26.23
C VAL C 288 9.03 4.90 -27.37
N ARG C 289 10.18 5.54 -27.63
CA ARG C 289 11.13 5.07 -28.64
C ARG C 289 12.48 4.89 -27.95
N VAL C 290 13.37 4.07 -28.54
CA VAL C 290 14.71 3.82 -27.98
C VAL C 290 15.73 4.16 -29.04
N GLU C 291 16.77 4.90 -28.63
CA GLU C 291 17.89 5.25 -29.52
C GLU C 291 18.75 3.99 -29.67
N THR C 292 19.09 3.62 -30.92
CA THR C 292 19.84 2.37 -31.14
C THR C 292 21.29 2.61 -31.60
N GLN C 293 21.65 3.86 -31.93
CA GLN C 293 23.02 4.15 -32.34
C GLN C 293 23.57 5.42 -31.67
N GLY C 294 24.85 5.65 -31.83
CA GLY C 294 25.50 6.84 -31.29
C GLY C 294 25.76 6.84 -29.80
N ILE C 295 26.17 8.01 -29.29
CA ILE C 295 26.51 8.13 -27.87
C ILE C 295 25.31 7.87 -26.94
N CYS C 296 24.09 8.10 -27.46
CA CYS C 296 22.87 7.89 -26.67
C CYS C 296 22.24 6.53 -26.91
N THR C 297 22.99 5.56 -27.47
CA THR C 297 22.50 4.19 -27.65
C THR C 297 21.87 3.71 -26.30
N GLY C 298 20.64 3.20 -26.36
CA GLY C 298 19.94 2.70 -25.19
C GLY C 298 19.04 3.71 -24.49
N HIS C 299 19.05 4.99 -24.93
CA HIS C 299 18.23 6.03 -24.30
C HIS C 299 16.74 5.79 -24.59
N THR C 300 15.89 5.90 -23.53
CA THR C 300 14.42 5.76 -23.71
C THR C 300 13.82 7.14 -23.61
N LEU C 301 12.92 7.45 -24.54
CA LEU C 301 12.30 8.77 -24.52
C LEU C 301 10.84 8.67 -24.87
N MET C 302 10.05 9.27 -24.03
CA MET C 302 8.62 9.26 -24.14
C MET C 302 8.09 10.59 -24.69
N ASP C 303 7.09 10.51 -25.59
CA ASP C 303 6.40 11.72 -26.03
C ASP C 303 5.13 11.75 -25.20
N GLN C 304 5.04 12.71 -24.27
CA GLN C 304 3.87 12.88 -23.41
C GLN C 304 2.62 13.36 -24.14
N GLY C 305 2.78 13.89 -25.36
CA GLY C 305 1.68 14.37 -26.18
C GLY C 305 1.02 15.64 -25.68
N LEU C 306 1.77 16.46 -24.94
CA LEU C 306 1.29 17.74 -24.43
C LEU C 306 1.49 18.89 -25.45
N LYS C 307 2.24 18.62 -26.54
CA LYS C 307 2.54 19.63 -27.56
C LYS C 307 2.18 19.10 -28.94
N LYS C 308 1.46 19.91 -29.73
CA LYS C 308 1.12 19.55 -31.10
C LYS C 308 2.30 19.92 -31.98
N TRP C 309 2.98 18.92 -32.53
CA TRP C 309 4.14 19.11 -33.39
C TRP C 309 3.70 19.66 -34.73
N ASN C 310 4.54 20.50 -35.34
CA ASN C 310 4.20 21.07 -36.65
C ASN C 310 4.21 20.00 -37.77
N SER C 311 5.08 19.01 -37.63
CA SER C 311 5.21 17.91 -38.59
C SER C 311 5.52 16.58 -37.87
N GLU C 312 5.38 15.48 -38.59
CA GLU C 312 5.60 14.15 -38.03
C GLU C 312 7.05 13.92 -37.63
N ASN C 313 7.25 13.07 -36.64
CA ASN C 313 8.56 12.77 -36.14
C ASN C 313 8.61 11.26 -35.74
N PRO C 314 9.74 10.72 -35.23
CA PRO C 314 9.77 9.28 -34.87
C PRO C 314 8.80 8.80 -33.79
N TRP C 315 8.12 9.73 -33.09
CA TRP C 315 7.14 9.34 -32.05
C TRP C 315 5.73 9.34 -32.60
N SER C 316 5.54 9.79 -33.85
CA SER C 316 4.21 9.87 -34.46
C SER C 316 3.68 8.51 -34.92
N GLY C 317 2.38 8.34 -34.79
CA GLY C 317 1.68 7.17 -35.33
C GLY C 317 1.65 5.91 -34.50
N TYR C 318 2.56 5.76 -33.55
CA TYR C 318 2.62 4.54 -32.75
C TYR C 318 1.55 4.54 -31.66
N LYS C 319 1.24 3.35 -31.16
CA LYS C 319 0.29 3.26 -30.06
C LYS C 319 1.02 3.62 -28.76
N PRO C 320 0.46 4.50 -27.91
CA PRO C 320 1.17 4.85 -26.66
C PRO C 320 1.19 3.67 -25.69
N ILE C 321 2.14 3.72 -24.76
CA ILE C 321 2.26 2.72 -23.69
C ILE C 321 2.14 3.47 -22.35
N SER C 322 2.06 2.75 -21.23
CA SER C 322 1.94 3.38 -19.90
C SER C 322 3.33 3.46 -19.29
N VAL C 323 3.69 4.65 -18.80
CA VAL C 323 5.00 4.86 -18.19
C VAL C 323 4.79 5.22 -16.73
N ALA C 324 5.38 4.45 -15.79
CA ALA C 324 5.24 4.77 -14.36
C ALA C 324 5.82 6.15 -14.10
N TRP C 325 5.04 7.02 -13.45
CA TRP C 325 5.39 8.44 -13.27
C TRP C 325 5.72 8.84 -11.84
N THR C 326 4.92 8.37 -10.88
CA THR C 326 5.15 8.62 -9.44
C THR C 326 4.93 7.32 -8.70
N VAL C 327 5.46 7.22 -7.49
CA VAL C 327 5.38 6.01 -6.68
C VAL C 327 5.14 6.34 -5.21
N ASP C 328 4.28 5.55 -4.53
CA ASP C 328 4.05 5.70 -3.09
C ASP C 328 5.12 4.82 -2.42
N VAL C 329 6.27 5.43 -2.10
CA VAL C 329 7.46 4.73 -1.59
C VAL C 329 7.16 3.93 -0.31
N PRO C 330 6.52 4.49 0.76
CA PRO C 330 6.24 3.65 1.95
C PRO C 330 5.39 2.41 1.66
N LYS C 331 4.34 2.53 0.80
CA LYS C 331 3.48 1.39 0.47
C LYS C 331 4.25 0.30 -0.30
N VAL C 332 5.12 0.73 -1.24
CA VAL C 332 5.92 -0.22 -2.03
C VAL C 332 6.91 -0.95 -1.12
N ILE C 333 7.64 -0.22 -0.25
CA ILE C 333 8.61 -0.83 0.66
C ILE C 333 7.92 -1.82 1.61
N SER C 334 6.75 -1.44 2.15
CA SER C 334 6.00 -2.30 3.07
C SER C 334 5.58 -3.60 2.40
N PHE C 335 5.12 -3.52 1.14
CA PHE C 335 4.73 -4.69 0.37
C PHE C 335 5.93 -5.62 0.10
N ILE C 336 7.06 -5.06 -0.36
CA ILE C 336 8.27 -5.84 -0.67
C ILE C 336 8.78 -6.53 0.58
N LYS C 337 8.91 -5.78 1.68
CA LYS C 337 9.36 -6.33 2.98
C LYS C 337 8.46 -7.47 3.46
N LYS C 338 7.14 -7.33 3.31
CA LYS C 338 6.17 -8.34 3.72
C LYS C 338 6.43 -9.67 2.99
N LEU C 339 6.65 -9.61 1.66
CA LEU C 339 6.92 -10.81 0.88
C LEU C 339 8.30 -11.40 1.16
N LEU C 340 9.32 -10.53 1.37
CA LEU C 340 10.69 -11.00 1.67
C LEU C 340 10.78 -11.65 3.07
N MET C 341 9.96 -11.18 4.00
CA MET C 341 9.97 -11.68 5.38
C MET C 341 8.92 -12.75 5.65
N ALA C 342 8.16 -13.17 4.64
CA ALA C 342 7.13 -14.20 4.82
C ALA C 342 7.75 -15.59 5.00
N PRO C 343 7.27 -16.35 6.00
CA PRO C 343 7.80 -17.70 6.22
C PRO C 343 7.32 -18.69 5.12
N ARG D 27 34.13 49.90 -17.75
CA ARG D 27 32.88 49.64 -17.04
C ARG D 27 32.05 48.58 -17.75
N ARG D 28 31.53 48.90 -18.95
CA ARG D 28 30.65 48.07 -19.79
C ARG D 28 31.23 46.73 -20.19
N ASP D 29 30.39 45.68 -20.14
CA ASP D 29 30.82 44.33 -20.52
C ASP D 29 30.64 44.17 -22.02
N LYS D 30 31.73 43.82 -22.74
CA LYS D 30 31.69 43.59 -24.20
C LYS D 30 30.92 42.32 -24.54
N LEU D 31 29.99 42.43 -25.48
CA LEU D 31 29.14 41.31 -25.85
C LEU D 31 28.94 41.23 -27.35
N ILE D 32 29.05 40.00 -27.88
CA ILE D 32 28.71 39.69 -29.26
C ILE D 32 27.45 38.84 -29.15
N ILE D 33 26.41 39.17 -29.94
CA ILE D 33 25.20 38.35 -29.94
C ILE D 33 25.17 37.59 -31.25
N ASP D 34 25.16 36.24 -31.17
CA ASP D 34 25.08 35.34 -32.33
C ASP D 34 23.63 34.94 -32.37
N THR D 35 22.93 35.24 -33.49
CA THR D 35 21.48 35.19 -33.47
C THR D 35 20.83 34.90 -34.80
N ASP D 36 19.59 34.38 -34.76
CA ASP D 36 18.77 34.06 -35.94
C ASP D 36 17.46 34.84 -35.82
N PRO D 37 17.49 36.20 -35.84
CA PRO D 37 16.25 36.94 -35.59
C PRO D 37 15.17 36.76 -36.66
N GLY D 38 13.97 36.26 -36.29
CA GLY D 38 13.61 35.73 -34.99
C GLY D 38 12.91 36.73 -34.09
N ILE D 39 11.70 36.38 -33.60
CA ILE D 39 10.90 37.30 -32.77
C ILE D 39 11.51 37.50 -31.38
N ASP D 40 11.80 36.41 -30.65
CA ASP D 40 12.40 36.57 -29.33
C ASP D 40 13.86 37.04 -29.42
N ASP D 41 14.60 36.66 -30.50
CA ASP D 41 15.93 37.24 -30.70
C ASP D 41 15.81 38.78 -30.84
N SER D 42 14.83 39.27 -31.62
CA SER D 42 14.62 40.71 -31.86
C SER D 42 14.33 41.43 -30.56
N MET D 43 13.50 40.81 -29.71
N MET D 43 13.49 40.81 -29.70
CA MET D 43 13.16 41.34 -28.39
CA MET D 43 13.15 41.35 -28.38
C MET D 43 14.44 41.48 -27.56
C MET D 43 14.44 41.49 -27.55
N THR D 44 15.30 40.44 -27.59
CA THR D 44 16.56 40.40 -26.83
C THR D 44 17.55 41.44 -27.31
N ILE D 45 17.72 41.56 -28.64
CA ILE D 45 18.64 42.54 -29.22
C ILE D 45 18.24 43.98 -28.83
N LEU D 46 16.95 44.29 -28.95
CA LEU D 46 16.44 45.63 -28.58
C LEU D 46 16.64 45.89 -27.08
N MET D 47 16.47 44.86 -26.22
CA MET D 47 16.74 44.97 -24.77
C MET D 47 18.24 45.25 -24.56
N ALA D 48 19.11 44.49 -25.24
CA ALA D 48 20.56 44.62 -25.09
C ALA D 48 21.06 46.01 -25.47
N PHE D 49 20.48 46.60 -26.53
CA PHE D 49 20.89 47.95 -26.95
C PHE D 49 20.55 49.02 -25.91
N ARG D 50 19.61 48.71 -24.99
CA ARG D 50 19.17 49.65 -23.96
C ARG D 50 19.77 49.37 -22.57
N ALA D 51 20.54 48.27 -22.43
CA ALA D 51 21.18 47.90 -21.15
C ALA D 51 22.47 48.70 -21.01
N PRO D 52 22.53 49.67 -20.05
CA PRO D 52 23.74 50.52 -19.95
C PRO D 52 25.03 49.83 -19.53
N SER D 53 24.96 48.63 -18.93
CA SER D 53 26.17 47.90 -18.49
C SER D 53 26.77 47.04 -19.61
N VAL D 54 26.12 47.03 -20.78
CA VAL D 54 26.52 46.22 -21.94
C VAL D 54 27.05 47.08 -23.08
N GLU D 55 28.13 46.62 -23.73
CA GLU D 55 28.64 47.22 -24.95
C GLU D 55 28.48 46.16 -26.04
N ILE D 56 27.49 46.36 -26.94
CA ILE D 56 27.31 45.39 -28.03
C ILE D 56 28.37 45.69 -29.06
N ILE D 57 29.31 44.77 -29.22
CA ILE D 57 30.39 45.03 -30.18
C ILE D 57 30.06 44.47 -31.57
N GLY D 58 29.01 43.66 -31.67
CA GLY D 58 28.55 43.19 -32.96
C GLY D 58 27.46 42.17 -32.87
N LEU D 59 26.73 42.00 -33.98
CA LEU D 59 25.71 40.96 -34.13
C LEU D 59 26.24 39.98 -35.20
N THR D 60 26.22 38.68 -34.92
CA THR D 60 26.66 37.69 -35.88
C THR D 60 25.45 36.87 -36.21
N THR D 61 25.17 36.63 -37.48
CA THR D 61 23.90 35.98 -37.82
C THR D 61 24.02 34.54 -38.27
N ILE D 62 22.94 33.77 -38.04
CA ILE D 62 22.88 32.35 -38.35
C ILE D 62 21.44 32.03 -38.75
N PHE D 63 21.23 30.89 -39.40
CA PHE D 63 19.90 30.43 -39.81
C PHE D 63 19.15 29.85 -38.59
N GLY D 64 17.91 29.43 -38.77
CA GLY D 64 17.14 28.72 -37.75
C GLY D 64 15.67 29.11 -37.82
N ASN D 65 15.37 30.28 -37.31
CA ASN D 65 14.03 30.85 -37.34
C ASN D 65 13.72 31.35 -38.74
N VAL D 66 14.77 31.64 -39.53
CA VAL D 66 14.69 32.20 -40.87
C VAL D 66 16.04 31.86 -41.53
N ASP D 67 16.16 31.96 -42.85
CA ASP D 67 17.44 31.67 -43.50
C ASP D 67 18.47 32.72 -43.07
N THR D 68 19.75 32.42 -43.19
CA THR D 68 20.79 33.37 -42.74
C THR D 68 20.65 34.75 -43.38
N LYS D 69 20.33 34.82 -44.68
CA LYS D 69 20.16 36.12 -45.35
C LYS D 69 19.04 36.91 -44.69
N GLY D 70 17.94 36.23 -44.31
CA GLY D 70 16.83 36.87 -43.63
C GLY D 70 17.18 37.34 -42.24
N ALA D 71 18.05 36.57 -41.55
CA ALA D 71 18.53 36.92 -40.20
C ALA D 71 19.42 38.16 -40.28
N THR D 72 20.28 38.23 -41.31
CA THR D 72 21.13 39.43 -41.51
C THR D 72 20.28 40.65 -41.78
N ARG D 73 19.25 40.50 -42.65
CA ARG D 73 18.31 41.56 -42.98
C ARG D 73 17.67 42.08 -41.70
N ASN D 74 17.16 41.16 -40.85
CA ASN D 74 16.54 41.58 -39.58
C ASN D 74 17.50 42.23 -38.63
N ALA D 75 18.73 41.68 -38.52
CA ALA D 75 19.75 42.24 -37.60
C ALA D 75 20.11 43.68 -38.01
N LEU D 76 20.30 43.93 -39.33
CA LEU D 76 20.61 45.28 -39.79
C LEU D 76 19.46 46.24 -39.50
N LEU D 77 18.21 45.76 -39.71
CA LEU D 77 17.02 46.57 -39.41
C LEU D 77 16.90 46.87 -37.91
N LEU D 78 17.29 45.92 -37.05
CA LEU D 78 17.24 46.15 -35.59
C LEU D 78 18.26 47.20 -35.18
N CYS D 79 19.48 47.17 -35.78
CA CYS D 79 20.49 48.21 -35.46
C CYS D 79 19.95 49.58 -35.86
N GLU D 80 19.24 49.66 -37.02
CA GLU D 80 18.65 50.93 -37.47
C GLU D 80 17.53 51.38 -36.52
N ARG D 81 16.67 50.43 -36.12
CA ARG D 81 15.52 50.70 -35.21
C ARG D 81 16.00 51.16 -33.83
N ALA D 82 17.13 50.60 -33.37
CA ALA D 82 17.70 50.96 -32.06
C ALA D 82 18.49 52.28 -32.10
N GLY D 83 18.66 52.84 -33.29
CA GLY D 83 19.40 54.09 -33.50
C GLY D 83 20.90 53.92 -33.48
N CYS D 84 21.41 52.69 -33.79
CA CYS D 84 22.84 52.35 -33.79
CA CYS D 84 22.84 52.43 -33.83
C CYS D 84 23.23 51.61 -35.09
N PRO D 85 23.02 52.21 -36.30
CA PRO D 85 23.37 51.47 -37.54
C PRO D 85 24.85 51.21 -37.73
N GLU D 86 25.72 51.81 -36.87
CA GLU D 86 27.17 51.61 -36.93
C GLU D 86 27.60 50.29 -36.29
N VAL D 87 26.72 49.65 -35.48
CA VAL D 87 27.04 48.37 -34.83
C VAL D 87 27.23 47.30 -35.93
N PRO D 88 28.42 46.68 -36.02
CA PRO D 88 28.65 45.74 -37.11
C PRO D 88 27.75 44.51 -37.09
N VAL D 89 27.27 44.11 -38.28
CA VAL D 89 26.49 42.89 -38.46
C VAL D 89 27.34 42.01 -39.38
N ALA D 90 27.76 40.84 -38.88
CA ALA D 90 28.59 39.92 -39.65
C ALA D 90 27.76 38.68 -39.98
N GLU D 91 27.57 38.42 -41.29
CA GLU D 91 26.78 37.28 -41.72
C GLU D 91 27.53 35.99 -41.55
N GLY D 92 26.85 35.00 -40.98
CA GLY D 92 27.45 33.70 -40.73
C GLY D 92 27.14 32.65 -41.76
N SER D 93 27.28 31.39 -41.36
CA SER D 93 27.08 30.24 -42.24
C SER D 93 25.63 30.18 -42.73
N HIS D 94 25.44 29.76 -44.00
CA HIS D 94 24.11 29.59 -44.59
C HIS D 94 23.57 28.17 -44.35
N GLU D 95 24.41 27.28 -43.85
CA GLU D 95 24.03 25.88 -43.62
C GLU D 95 24.74 25.31 -42.40
N PRO D 96 24.22 24.22 -41.81
CA PRO D 96 24.92 23.60 -40.69
C PRO D 96 26.23 22.94 -41.13
N LEU D 97 27.04 22.51 -40.16
CA LEU D 97 28.31 21.87 -40.48
C LEU D 97 28.17 20.63 -41.38
N LYS D 98 27.10 19.82 -41.18
CA LYS D 98 26.85 18.62 -42.01
C LYS D 98 26.38 18.97 -43.43
N GLY D 99 26.03 20.24 -43.65
CA GLY D 99 25.61 20.73 -44.95
C GLY D 99 24.12 20.59 -45.21
N GLY D 100 23.65 21.30 -46.24
CA GLY D 100 22.25 21.22 -46.65
C GLY D 100 21.51 22.51 -46.37
N LYS D 101 20.62 22.93 -47.28
CA LYS D 101 19.83 24.15 -47.08
C LYS D 101 18.85 23.88 -45.91
N PRO D 102 18.96 24.62 -44.79
CA PRO D 102 18.11 24.29 -43.63
C PRO D 102 16.64 24.65 -43.75
N ARG D 103 15.78 23.80 -43.17
CA ARG D 103 14.35 24.10 -43.09
C ARG D 103 14.24 25.07 -41.91
N VAL D 104 13.45 26.12 -42.06
CA VAL D 104 13.41 27.17 -41.03
C VAL D 104 12.05 27.22 -40.35
N ALA D 105 12.02 27.73 -39.11
CA ALA D 105 10.80 27.79 -38.30
C ALA D 105 9.86 28.93 -38.70
N ASP D 106 9.43 28.97 -39.97
CA ASP D 106 8.52 30.01 -40.45
C ASP D 106 7.11 29.87 -39.85
N PHE D 107 6.77 28.68 -39.33
CA PHE D 107 5.48 28.43 -38.67
C PHE D 107 5.46 29.01 -37.24
N VAL D 108 6.64 29.40 -36.72
CA VAL D 108 6.78 30.00 -35.40
C VAL D 108 7.07 31.50 -35.52
N HIS D 109 8.01 31.88 -36.41
CA HIS D 109 8.47 33.28 -36.54
C HIS D 109 8.01 33.99 -37.81
N GLY D 110 7.19 33.35 -38.64
CA GLY D 110 6.73 33.95 -39.87
C GLY D 110 7.73 33.77 -41.00
N SER D 111 7.30 34.02 -42.25
CA SER D 111 8.16 33.88 -43.43
C SER D 111 9.33 34.84 -43.46
N ASP D 112 9.20 36.01 -42.80
CA ASP D 112 10.31 36.98 -42.75
C ASP D 112 11.10 36.87 -41.45
N GLY D 113 10.68 35.96 -40.57
CA GLY D 113 11.34 35.76 -39.30
C GLY D 113 10.90 36.71 -38.20
N ILE D 114 10.03 37.70 -38.52
CA ILE D 114 9.59 38.65 -37.49
C ILE D 114 8.05 38.78 -37.43
N GLY D 115 7.36 37.68 -37.72
CA GLY D 115 5.91 37.69 -37.61
C GLY D 115 5.13 38.21 -38.78
N ASN D 116 5.71 38.11 -40.01
CA ASN D 116 5.07 38.52 -41.28
C ASN D 116 4.72 40.00 -41.34
N LEU D 117 5.70 40.84 -41.00
CA LEU D 117 5.54 42.28 -41.06
C LEU D 117 5.95 42.81 -42.44
N PHE D 118 6.82 42.06 -43.16
CA PHE D 118 7.31 42.37 -44.52
C PHE D 118 7.77 43.80 -44.65
N LEU D 119 8.80 44.14 -43.89
CA LEU D 119 9.33 45.47 -43.84
C LEU D 119 10.34 45.77 -44.96
N PRO D 120 10.47 47.05 -45.38
CA PRO D 120 11.45 47.39 -46.43
C PRO D 120 12.89 47.05 -45.99
N ALA D 121 13.77 46.86 -46.98
CA ALA D 121 15.15 46.48 -46.78
C ALA D 121 15.95 47.55 -46.02
N PRO D 122 16.92 47.13 -45.18
CA PRO D 122 17.76 48.15 -44.50
C PRO D 122 18.68 48.91 -45.46
N SER D 123 19.15 50.07 -45.01
CA SER D 123 20.12 50.91 -45.72
C SER D 123 21.50 50.52 -45.24
N ALA D 124 21.62 50.16 -43.96
CA ALA D 124 22.90 49.71 -43.37
C ALA D 124 23.32 48.41 -44.06
N LYS D 125 24.63 48.19 -44.13
CA LYS D 125 25.15 47.01 -44.81
C LYS D 125 25.94 46.14 -43.84
N LYS D 126 25.94 44.82 -44.09
CA LYS D 126 26.73 43.90 -43.29
C LYS D 126 28.24 44.19 -43.51
N VAL D 127 29.08 43.79 -42.57
CA VAL D 127 30.53 43.92 -42.73
C VAL D 127 31.01 42.86 -43.74
N GLU D 128 32.24 43.00 -44.22
CA GLU D 128 32.80 42.08 -45.22
C GLU D 128 33.12 40.69 -44.65
N GLU D 129 33.68 40.65 -43.43
CA GLU D 129 34.08 39.37 -42.82
C GLU D 129 32.89 38.52 -42.38
N SER D 130 33.09 37.21 -42.36
CA SER D 130 32.07 36.25 -41.90
C SER D 130 31.91 36.37 -40.37
N ALA D 131 30.83 35.80 -39.82
CA ALA D 131 30.59 35.77 -38.37
C ALA D 131 31.75 35.02 -37.68
N ALA D 132 32.16 33.87 -38.23
CA ALA D 132 33.29 33.11 -37.64
C ALA D 132 34.55 33.96 -37.61
N ASP D 133 34.85 34.69 -38.71
CA ASP D 133 36.02 35.60 -38.79
C ASP D 133 35.90 36.69 -37.69
N PHE D 134 34.70 37.28 -37.60
CA PHE D 134 34.38 38.37 -36.67
C PHE D 134 34.58 37.90 -35.22
N LEU D 135 34.04 36.72 -34.86
CA LEU D 135 34.21 36.14 -33.53
C LEU D 135 35.69 35.96 -33.19
N ILE D 136 36.46 35.35 -34.10
CA ILE D 136 37.89 35.11 -33.86
C ILE D 136 38.63 36.45 -33.68
N ASN D 137 38.40 37.39 -34.60
CA ASN D 137 39.09 38.68 -34.53
C ASN D 137 38.81 39.47 -33.25
N LYS D 138 37.53 39.55 -32.83
CA LYS D 138 37.18 40.33 -31.65
C LYS D 138 37.68 39.69 -30.36
N VAL D 139 37.56 38.38 -30.23
CA VAL D 139 38.06 37.63 -29.06
C VAL D 139 39.62 37.71 -28.99
N SER D 140 40.33 37.71 -30.16
CA SER D 140 41.80 37.82 -30.15
C SER D 140 42.25 39.26 -29.80
N GLU D 141 41.42 40.27 -30.20
CA GLU D 141 41.70 41.69 -29.95
C GLU D 141 41.55 42.03 -28.45
N PHE D 142 40.58 41.42 -27.79
CA PHE D 142 40.30 41.64 -26.36
C PHE D 142 40.24 40.30 -25.60
N PRO D 143 41.38 39.59 -25.42
CA PRO D 143 41.34 38.29 -24.71
C PRO D 143 40.82 38.42 -23.29
N GLY D 144 39.95 37.48 -22.92
CA GLY D 144 39.32 37.39 -21.62
C GLY D 144 38.29 38.47 -21.32
N GLU D 145 37.92 39.29 -22.33
CA GLU D 145 36.99 40.39 -22.12
C GLU D 145 35.67 40.28 -22.87
N VAL D 146 35.61 39.51 -23.97
CA VAL D 146 34.42 39.39 -24.81
C VAL D 146 33.54 38.21 -24.47
N SER D 147 32.26 38.47 -24.19
CA SER D 147 31.32 37.38 -23.96
C SER D 147 30.50 37.19 -25.23
N VAL D 148 30.03 35.95 -25.44
CA VAL D 148 29.20 35.64 -26.60
C VAL D 148 27.85 35.15 -26.07
N LEU D 149 26.76 35.75 -26.55
CA LEU D 149 25.42 35.31 -26.21
C LEU D 149 24.92 34.62 -27.47
N ALA D 150 24.79 33.28 -27.41
CA ALA D 150 24.41 32.48 -28.57
C ALA D 150 22.93 32.17 -28.49
N LEU D 151 22.17 32.78 -29.41
CA LEU D 151 20.71 32.70 -29.46
C LEU D 151 20.19 31.84 -30.60
N GLY D 152 21.09 31.26 -31.38
CA GLY D 152 20.66 30.40 -32.47
C GLY D 152 21.50 29.14 -32.54
N PRO D 153 21.37 28.38 -33.65
CA PRO D 153 22.28 27.23 -33.86
C PRO D 153 23.72 27.70 -33.71
N LEU D 154 24.59 26.79 -33.26
CA LEU D 154 25.96 27.14 -32.86
C LEU D 154 27.02 27.05 -33.95
N THR D 155 26.62 26.97 -35.22
CA THR D 155 27.52 26.83 -36.37
C THR D 155 28.69 27.83 -36.38
N ASN D 156 28.40 29.14 -36.21
CA ASN D 156 29.50 30.13 -36.28
C ASN D 156 30.47 29.99 -35.15
N VAL D 157 29.96 29.65 -33.95
CA VAL D 157 30.80 29.49 -32.76
C VAL D 157 31.69 28.26 -32.93
N ALA D 158 31.12 27.16 -33.48
CA ALA D 158 31.89 25.94 -33.73
C ALA D 158 32.95 26.21 -34.82
N LEU D 159 32.60 26.99 -35.86
CA LEU D 159 33.58 27.32 -36.92
C LEU D 159 34.75 28.10 -36.33
N ALA D 160 34.47 29.02 -35.37
CA ALA D 160 35.52 29.79 -34.70
C ALA D 160 36.43 28.89 -33.89
N ILE D 161 35.85 27.98 -33.11
CA ILE D 161 36.56 27.01 -32.27
C ILE D 161 37.44 26.09 -33.12
N LYS D 162 36.90 25.59 -34.25
CA LYS D 162 37.66 24.70 -35.13
C LYS D 162 38.79 25.41 -35.86
N ARG D 163 38.58 26.65 -36.27
CA ARG D 163 39.57 27.41 -37.01
C ARG D 163 40.66 27.99 -36.13
N ASP D 164 40.30 28.34 -34.88
CA ASP D 164 41.23 28.91 -33.91
C ASP D 164 41.23 28.08 -32.62
N PRO D 165 42.22 27.18 -32.39
CA PRO D 165 42.21 26.38 -31.14
C PRO D 165 42.36 27.18 -29.84
N SER D 166 42.79 28.44 -29.93
CA SER D 166 42.95 29.31 -28.77
C SER D 166 41.67 30.11 -28.45
N PHE D 167 40.65 30.05 -29.34
CA PHE D 167 39.39 30.76 -29.16
C PHE D 167 38.71 30.43 -27.81
N ALA D 168 38.60 29.14 -27.46
CA ALA D 168 37.95 28.70 -26.23
C ALA D 168 38.59 29.27 -24.96
N SER D 169 39.93 29.47 -24.96
CA SER D 169 40.62 30.02 -23.81
C SER D 169 40.55 31.57 -23.79
N LYS D 170 40.36 32.20 -24.96
CA LYS D 170 40.33 33.66 -25.05
C LYS D 170 38.95 34.27 -24.82
N VAL D 171 37.88 33.57 -25.19
CA VAL D 171 36.53 34.08 -25.01
C VAL D 171 36.26 34.19 -23.49
N LYS D 172 35.59 35.27 -23.04
CA LYS D 172 35.33 35.42 -21.60
C LYS D 172 34.33 34.36 -21.14
N LYS D 173 33.19 34.28 -21.82
CA LYS D 173 32.13 33.34 -21.50
C LYS D 173 31.25 33.22 -22.71
N ILE D 174 30.66 32.03 -22.89
CA ILE D 174 29.69 31.80 -23.95
C ILE D 174 28.41 31.41 -23.20
N VAL D 175 27.34 32.21 -23.33
CA VAL D 175 26.05 31.91 -22.72
C VAL D 175 25.17 31.44 -23.88
N VAL D 176 24.66 30.21 -23.78
CA VAL D 176 23.93 29.58 -24.86
C VAL D 176 22.48 29.40 -24.50
N LEU D 177 21.58 29.80 -25.40
CA LEU D 177 20.17 29.48 -25.23
C LEU D 177 20.03 28.25 -26.10
N GLY D 178 19.83 27.11 -25.47
CA GLY D 178 19.67 25.89 -26.25
C GLY D 178 19.61 24.65 -25.39
N GLY D 179 19.09 23.59 -25.98
CA GLY D 179 18.99 22.31 -25.32
C GLY D 179 17.75 22.14 -24.48
N ALA D 180 17.54 20.89 -24.01
CA ALA D 180 16.46 20.53 -23.12
C ALA D 180 17.08 19.45 -22.25
N PHE D 181 17.25 19.77 -20.96
CA PHE D 181 17.93 18.89 -20.00
C PHE D 181 16.89 18.19 -19.15
N PHE D 182 16.80 16.85 -19.33
CA PHE D 182 15.84 16.00 -18.64
C PHE D 182 14.41 16.56 -18.84
N ALA D 183 14.13 16.99 -20.09
CA ALA D 183 12.84 17.58 -20.45
C ALA D 183 12.62 17.36 -21.94
N ALA D 184 11.38 17.46 -22.37
CA ALA D 184 11.01 17.34 -23.77
C ALA D 184 11.65 18.47 -24.60
N GLY D 185 11.95 18.15 -25.85
CA GLY D 185 12.43 19.14 -26.79
C GLY D 185 11.27 19.97 -27.31
N ASN D 186 11.54 20.93 -28.23
CA ASN D 186 10.46 21.72 -28.82
C ASN D 186 10.39 21.58 -30.36
N VAL D 187 11.35 20.87 -31.00
CA VAL D 187 11.28 20.51 -32.45
C VAL D 187 10.60 19.14 -32.52
N ASN D 188 10.93 18.28 -31.56
CA ASN D 188 10.37 16.95 -31.42
C ASN D 188 10.63 16.52 -29.96
N PRO D 189 10.22 15.32 -29.52
CA PRO D 189 10.42 14.94 -28.10
C PRO D 189 11.86 14.98 -27.63
N ALA D 190 12.82 14.75 -28.54
CA ALA D 190 14.24 14.67 -28.20
C ALA D 190 15.02 15.98 -28.19
N ALA D 191 14.66 16.94 -29.06
CA ALA D 191 15.55 18.06 -29.33
C ALA D 191 14.94 19.45 -29.29
N GLU D 192 15.73 20.40 -28.81
CA GLU D 192 15.41 21.84 -28.80
C GLU D 192 15.91 22.39 -30.16
N ALA D 193 15.23 23.42 -30.69
CA ALA D 193 15.47 24.00 -32.03
C ALA D 193 16.90 24.39 -32.35
N ASN D 194 17.56 25.19 -31.48
CA ASN D 194 18.93 25.63 -31.78
C ASN D 194 19.90 24.49 -31.90
N ILE D 195 19.79 23.50 -31.00
CA ILE D 195 20.69 22.34 -31.07
C ILE D 195 20.38 21.50 -32.28
N HIS D 196 19.10 21.25 -32.54
CA HIS D 196 18.68 20.46 -33.69
C HIS D 196 19.13 21.11 -35.02
N GLY D 197 19.20 22.44 -35.05
CA GLY D 197 19.66 23.23 -36.19
C GLY D 197 21.07 22.87 -36.59
N ASP D 198 21.93 22.52 -35.61
CA ASP D 198 23.31 22.08 -35.90
C ASP D 198 23.86 21.26 -34.72
N PRO D 199 23.54 19.96 -34.68
CA PRO D 199 24.00 19.13 -33.54
C PRO D 199 25.51 19.01 -33.45
N GLU D 200 26.20 18.84 -34.61
CA GLU D 200 27.66 18.73 -34.62
C GLU D 200 28.31 19.99 -34.05
N ALA D 201 27.78 21.18 -34.43
CA ALA D 201 28.31 22.45 -33.94
C ALA D 201 28.13 22.56 -32.42
N ALA D 202 26.93 22.17 -31.93
CA ALA D 202 26.66 22.22 -30.48
C ALA D 202 27.62 21.31 -29.72
N ASP D 203 27.86 20.08 -30.24
CA ASP D 203 28.78 19.15 -29.58
C ASP D 203 30.20 19.73 -29.53
N ILE D 204 30.63 20.42 -30.61
CA ILE D 204 31.94 21.08 -30.65
C ILE D 204 32.02 22.17 -29.58
N VAL D 205 30.98 22.98 -29.47
CA VAL D 205 30.99 24.07 -28.48
C VAL D 205 31.01 23.51 -27.06
N PHE D 206 30.15 22.54 -26.76
CA PHE D 206 30.06 22.00 -25.40
C PHE D 206 31.29 21.24 -24.92
N THR D 207 32.10 20.69 -25.85
CA THR D 207 33.33 19.97 -25.50
C THR D 207 34.60 20.82 -25.72
N SER D 208 34.44 22.11 -26.04
CA SER D 208 35.56 23.00 -26.35
C SER D 208 36.48 23.36 -25.20
N GLY D 209 35.98 23.23 -23.98
CA GLY D 209 36.72 23.65 -22.79
C GLY D 209 36.56 25.12 -22.46
N ALA D 210 35.72 25.85 -23.22
CA ALA D 210 35.43 27.27 -22.95
C ALA D 210 34.56 27.40 -21.69
N ASP D 211 34.49 28.62 -21.12
CA ASP D 211 33.61 28.88 -19.97
C ASP D 211 32.21 29.04 -20.55
N ILE D 212 31.42 27.96 -20.52
CA ILE D 212 30.10 27.93 -21.14
C ILE D 212 29.01 27.83 -20.10
N VAL D 213 27.93 28.58 -20.33
CA VAL D 213 26.73 28.50 -19.50
C VAL D 213 25.61 28.16 -20.48
N VAL D 214 24.88 27.06 -20.24
CA VAL D 214 23.78 26.66 -21.13
CA VAL D 214 23.77 26.67 -21.13
C VAL D 214 22.44 26.82 -20.42
N VAL D 215 21.50 27.53 -21.07
CA VAL D 215 20.17 27.78 -20.54
C VAL D 215 19.22 27.02 -21.47
N GLY D 216 18.73 25.89 -20.96
CA GLY D 216 17.83 25.04 -21.74
C GLY D 216 16.38 25.46 -21.66
N ILE D 217 15.55 24.88 -22.52
CA ILE D 217 14.13 25.21 -22.48
C ILE D 217 13.44 24.62 -21.24
N ASN D 218 14.12 23.69 -20.51
CA ASN D 218 13.65 23.19 -19.20
C ASN D 218 13.55 24.41 -18.24
N ILE D 219 14.40 25.43 -18.48
CA ILE D 219 14.37 26.68 -17.70
C ILE D 219 13.40 27.69 -18.31
N THR D 220 13.56 28.00 -19.60
CA THR D 220 12.83 29.09 -20.25
C THR D 220 11.34 28.84 -20.40
N THR D 221 10.88 27.58 -20.43
CA THR D 221 9.43 27.29 -20.50
C THR D 221 8.74 27.66 -19.16
N GLN D 222 9.53 27.95 -18.11
CA GLN D 222 8.98 28.38 -16.81
C GLN D 222 8.71 29.90 -16.83
N VAL D 223 9.26 30.62 -17.83
CA VAL D 223 9.18 32.08 -17.92
C VAL D 223 8.29 32.46 -19.10
N CYS D 224 7.12 33.04 -18.80
CA CYS D 224 6.12 33.37 -19.81
C CYS D 224 5.60 34.77 -19.71
N LEU D 225 5.12 35.32 -20.82
CA LEU D 225 4.35 36.56 -20.83
C LEU D 225 2.95 36.12 -21.25
N THR D 226 1.94 36.39 -20.43
CA THR D 226 0.54 36.07 -20.77
C THR D 226 0.02 37.10 -21.78
N ASP D 227 -1.17 36.86 -22.32
CA ASP D 227 -1.83 37.81 -23.23
C ASP D 227 -1.99 39.18 -22.51
N GLU D 228 -2.26 39.15 -21.17
CA GLU D 228 -2.40 40.38 -20.37
C GLU D 228 -1.07 41.15 -20.29
N ASP D 229 0.06 40.42 -20.14
CA ASP D 229 1.41 41.01 -20.12
C ASP D 229 1.72 41.63 -21.46
N LEU D 230 1.30 40.96 -22.55
CA LEU D 230 1.55 41.49 -23.90
C LEU D 230 0.75 42.77 -24.12
N LEU D 231 -0.49 42.83 -23.60
CA LEU D 231 -1.33 44.02 -23.71
C LEU D 231 -0.73 45.16 -22.87
N GLU D 232 -0.20 44.83 -21.68
CA GLU D 232 0.47 45.80 -20.80
C GLU D 232 1.66 46.40 -21.57
N LEU D 233 2.41 45.56 -22.31
CA LEU D 233 3.53 46.03 -23.12
C LEU D 233 3.04 46.97 -24.22
N ARG D 234 1.99 46.58 -24.99
CA ARG D 234 1.43 47.42 -26.05
C ARG D 234 1.02 48.79 -25.51
N ASN D 235 0.39 48.80 -24.33
CA ASN D 235 -0.15 50.02 -23.71
C ASN D 235 0.89 50.88 -23.01
N SER D 236 2.12 50.36 -22.88
CA SER D 236 3.19 51.06 -22.18
C SER D 236 3.81 52.19 -23.01
N LYS D 237 4.73 52.95 -22.38
CA LYS D 237 5.45 53.98 -23.10
C LYS D 237 6.79 53.42 -23.65
N GLY D 238 6.92 52.08 -23.68
CA GLY D 238 8.13 51.42 -24.17
C GLY D 238 8.54 51.89 -25.54
N LYS D 239 9.82 52.21 -25.72
CA LYS D 239 10.40 52.70 -26.98
C LYS D 239 9.96 51.88 -28.20
N HIS D 240 10.01 50.54 -28.09
CA HIS D 240 9.68 49.64 -29.19
C HIS D 240 8.39 48.84 -28.91
N ALA D 241 7.53 49.32 -27.99
CA ALA D 241 6.30 48.62 -27.62
C ALA D 241 5.41 48.22 -28.80
N ALA D 242 5.13 49.15 -29.72
CA ALA D 242 4.26 48.87 -30.87
C ALA D 242 4.83 47.77 -31.77
N PHE D 243 6.14 47.84 -32.07
CA PHE D 243 6.82 46.86 -32.90
C PHE D 243 6.86 45.49 -32.22
N LEU D 244 7.20 45.46 -30.92
CA LEU D 244 7.27 44.20 -30.17
C LEU D 244 5.91 43.53 -30.13
N TYR D 245 4.85 44.31 -29.85
CA TYR D 245 3.50 43.75 -29.82
C TYR D 245 3.07 43.21 -31.20
N GLU D 246 3.39 43.95 -32.29
CA GLU D 246 3.02 43.49 -33.65
C GLU D 246 3.73 42.17 -34.00
N MET D 247 5.03 42.06 -33.74
CA MET D 247 5.75 40.77 -34.00
C MET D 247 5.16 39.65 -33.17
N CYS D 248 4.82 39.92 -31.89
CA CYS D 248 4.33 38.89 -30.96
C CYS D 248 2.96 38.35 -31.28
N LYS D 249 2.18 39.00 -32.16
CA LYS D 249 0.86 38.47 -32.51
C LYS D 249 1.01 37.07 -33.15
N PHE D 250 1.90 36.95 -34.15
CA PHE D 250 2.13 35.68 -34.83
C PHE D 250 2.71 34.66 -33.83
N TYR D 251 3.73 35.09 -33.04
CA TYR D 251 4.41 34.27 -32.06
C TYR D 251 3.41 33.70 -31.02
N ARG D 252 2.56 34.57 -30.46
CA ARG D 252 1.53 34.16 -29.49
C ARG D 252 0.59 33.13 -30.11
N ASP D 253 0.18 33.35 -31.38
CA ASP D 253 -0.74 32.43 -32.05
C ASP D 253 -0.14 31.03 -32.20
N TRP D 254 1.17 30.94 -32.45
CA TRP D 254 1.84 29.64 -32.52
C TRP D 254 1.81 28.94 -31.13
N HIS D 255 2.08 29.68 -30.05
CA HIS D 255 2.08 29.08 -28.71
C HIS D 255 0.67 28.54 -28.37
N ALA D 256 -0.38 29.29 -28.78
CA ALA D 256 -1.76 28.86 -28.52
C ALA D 256 -2.10 27.57 -29.27
N LYS D 257 -1.66 27.47 -30.53
CA LYS D 257 -1.91 26.33 -31.41
C LYS D 257 -1.11 25.09 -31.02
N SER D 258 0.17 25.28 -30.68
CA SER D 258 1.06 24.16 -30.42
C SER D 258 1.17 23.76 -28.96
N ASP D 259 1.42 24.73 -28.07
CA ASP D 259 1.64 24.47 -26.65
C ASP D 259 0.36 24.57 -25.80
N GLY D 260 -0.69 25.14 -26.38
CA GLY D 260 -1.97 25.34 -25.67
C GLY D 260 -1.86 26.43 -24.62
N PHE D 261 -0.91 27.32 -24.82
CA PHE D 261 -0.62 28.42 -23.89
C PHE D 261 -1.01 29.73 -24.56
N HIS D 262 -1.82 30.56 -23.86
CA HIS D 262 -2.24 31.86 -24.34
C HIS D 262 -1.22 32.92 -23.89
N GLY D 263 -0.21 33.13 -24.72
CA GLY D 263 0.88 34.05 -24.42
C GLY D 263 2.13 33.53 -25.12
N ILE D 264 3.32 33.89 -24.63
CA ILE D 264 4.58 33.44 -25.24
C ILE D 264 5.56 32.98 -24.17
N PHE D 265 6.46 32.07 -24.53
CA PHE D 265 7.57 31.70 -23.65
C PHE D 265 8.61 32.77 -23.90
N LEU D 266 9.48 33.02 -22.93
CA LEU D 266 10.58 33.94 -23.12
C LEU D 266 11.84 33.09 -23.19
N HIS D 267 12.32 32.78 -24.39
CA HIS D 267 13.52 31.97 -24.50
C HIS D 267 14.77 32.87 -24.54
N ASP D 268 15.01 33.55 -25.66
CA ASP D 268 16.22 34.38 -25.81
C ASP D 268 16.33 35.50 -24.76
N PRO D 269 15.24 36.19 -24.35
CA PRO D 269 15.39 37.21 -23.29
C PRO D 269 15.84 36.63 -21.93
N VAL D 270 15.48 35.37 -21.63
CA VAL D 270 15.90 34.72 -20.36
C VAL D 270 17.41 34.46 -20.40
N SER D 271 17.96 34.01 -21.55
CA SER D 271 19.41 33.80 -21.64
C SER D 271 20.16 35.13 -21.47
N PHE D 272 19.60 36.26 -21.97
CA PHE D 272 20.21 37.58 -21.79
C PHE D 272 20.17 37.95 -20.32
N THR D 273 19.07 37.58 -19.62
CA THR D 273 18.94 37.83 -18.19
C THR D 273 20.03 37.05 -17.43
N ALA D 274 20.40 35.82 -17.89
CA ALA D 274 21.44 35.03 -17.24
C ALA D 274 22.82 35.71 -17.38
N VAL D 275 23.02 36.51 -18.45
CA VAL D 275 24.26 37.27 -18.68
C VAL D 275 24.38 38.38 -17.64
N LEU D 276 23.33 39.18 -17.49
CA LEU D 276 23.34 40.36 -16.61
C LEU D 276 23.02 40.07 -15.15
N HIS D 277 22.17 39.07 -14.90
CA HIS D 277 21.74 38.73 -13.55
C HIS D 277 21.82 37.21 -13.30
N PRO D 278 23.06 36.63 -13.31
CA PRO D 278 23.19 35.19 -13.04
C PRO D 278 22.67 34.80 -11.66
N GLU D 279 22.60 35.77 -10.73
CA GLU D 279 22.09 35.58 -9.36
C GLU D 279 20.58 35.24 -9.33
N TYR D 280 19.86 35.38 -10.49
CA TYR D 280 18.43 35.01 -10.60
C TYR D 280 18.29 33.51 -10.89
N PHE D 281 19.42 32.79 -11.05
CA PHE D 281 19.44 31.38 -11.39
C PHE D 281 20.37 30.59 -10.46
N THR D 282 20.24 29.26 -10.47
CA THR D 282 21.23 28.36 -9.87
C THR D 282 21.75 27.56 -11.07
N PHE D 283 22.98 27.05 -10.96
CA PHE D 283 23.61 26.29 -12.03
C PHE D 283 24.21 25.01 -11.46
N LYS D 284 24.29 23.96 -12.30
CA LYS D 284 24.96 22.69 -11.94
C LYS D 284 26.06 22.48 -12.95
N LYS D 285 27.22 21.95 -12.51
CA LYS D 285 28.32 21.69 -13.43
C LYS D 285 28.24 20.27 -13.93
N GLY D 286 28.55 20.08 -15.21
CA GLY D 286 28.58 18.73 -15.75
C GLY D 286 29.01 18.72 -17.19
N VAL D 287 29.52 17.57 -17.64
CA VAL D 287 29.89 17.39 -19.06
C VAL D 287 28.59 17.28 -19.85
N VAL D 288 28.51 17.99 -21.01
CA VAL D 288 27.33 17.94 -21.87
C VAL D 288 27.76 17.42 -23.23
N ARG D 289 27.03 16.43 -23.77
CA ARG D 289 27.27 15.91 -25.10
C ARG D 289 25.95 16.05 -25.87
N VAL D 290 26.04 16.08 -27.20
CA VAL D 290 24.88 16.20 -28.08
C VAL D 290 24.86 14.98 -29.00
N GLU D 291 23.68 14.35 -29.12
CA GLU D 291 23.50 13.24 -30.06
C GLU D 291 23.44 13.83 -31.48
N THR D 292 24.21 13.26 -32.42
CA THR D 292 24.26 13.80 -33.78
C THR D 292 23.62 12.88 -34.82
N GLN D 293 23.18 11.70 -34.42
CA GLN D 293 22.53 10.80 -35.39
C GLN D 293 21.30 10.11 -34.79
N GLY D 294 20.52 9.46 -35.65
CA GLY D 294 19.35 8.71 -35.22
C GLY D 294 18.15 9.52 -34.80
N ILE D 295 17.18 8.82 -34.21
CA ILE D 295 15.92 9.46 -33.80
C ILE D 295 16.15 10.55 -32.74
N CYS D 296 17.22 10.43 -31.93
CA CYS D 296 17.50 11.43 -30.90
C CYS D 296 18.49 12.50 -31.34
N THR D 297 18.69 12.69 -32.67
CA THR D 297 19.55 13.74 -33.20
C THR D 297 19.15 15.08 -32.53
N GLY D 298 20.14 15.80 -32.02
CA GLY D 298 19.91 17.09 -31.37
C GLY D 298 19.68 17.03 -29.87
N HIS D 299 19.58 15.81 -29.30
CA HIS D 299 19.35 15.67 -27.85
C HIS D 299 20.58 16.12 -27.06
N THR D 300 20.38 16.91 -25.98
CA THR D 300 21.47 17.37 -25.10
C THR D 300 21.37 16.57 -23.80
N LEU D 301 22.49 16.00 -23.35
CA LEU D 301 22.45 15.22 -22.14
C LEU D 301 23.66 15.57 -21.32
N MET D 302 23.40 15.83 -20.04
CA MET D 302 24.42 16.24 -19.10
C MET D 302 24.74 15.10 -18.13
N ASP D 303 26.03 14.93 -17.82
CA ASP D 303 26.43 13.98 -16.80
C ASP D 303 26.65 14.82 -15.55
N GLN D 304 25.76 14.69 -14.57
CA GLN D 304 25.87 15.44 -13.31
C GLN D 304 27.07 15.03 -12.44
N GLY D 305 27.65 13.85 -12.72
CA GLY D 305 28.80 13.33 -12.00
C GLY D 305 28.49 12.84 -10.60
N LEU D 306 27.23 12.48 -10.34
CA LEU D 306 26.77 11.98 -9.04
C LEU D 306 26.95 10.47 -8.89
N LYS D 307 27.27 9.78 -10.00
CA LYS D 307 27.46 8.31 -10.01
C LYS D 307 28.81 7.97 -10.63
N LYS D 308 29.58 7.12 -9.96
CA LYS D 308 30.87 6.65 -10.47
C LYS D 308 30.61 5.50 -11.42
N TRP D 309 30.91 5.73 -12.70
CA TRP D 309 30.74 4.73 -13.75
C TRP D 309 31.83 3.69 -13.67
N ASN D 310 31.50 2.44 -14.01
CA ASN D 310 32.48 1.35 -13.96
C ASN D 310 33.52 1.49 -15.07
N SER D 311 33.11 2.04 -16.22
CA SER D 311 33.99 2.20 -17.37
C SER D 311 33.76 3.54 -18.05
N GLU D 312 34.71 3.94 -18.89
CA GLU D 312 34.64 5.21 -19.61
C GLU D 312 33.50 5.21 -20.62
N ASN D 313 32.94 6.38 -20.83
CA ASN D 313 31.81 6.53 -21.73
C ASN D 313 31.95 7.88 -22.48
N PRO D 314 31.04 8.24 -23.38
CA PRO D 314 31.19 9.50 -24.12
C PRO D 314 31.24 10.79 -23.27
N TRP D 315 30.89 10.73 -21.95
CA TRP D 315 30.93 11.90 -21.09
C TRP D 315 32.24 11.98 -20.29
N SER D 316 33.08 10.95 -20.39
CA SER D 316 34.35 10.90 -19.64
C SER D 316 35.42 11.83 -20.23
N GLY D 317 36.20 12.42 -19.35
CA GLY D 317 37.37 13.22 -19.70
C GLY D 317 37.21 14.64 -20.17
N TYR D 318 35.99 15.05 -20.51
CA TYR D 318 35.75 16.42 -20.98
C TYR D 318 35.69 17.39 -19.82
N LYS D 319 35.88 18.68 -20.12
CA LYS D 319 35.75 19.69 -19.08
C LYS D 319 34.24 19.97 -18.90
N PRO D 320 33.74 20.01 -17.65
CA PRO D 320 32.30 20.29 -17.47
C PRO D 320 31.96 21.75 -17.79
N ILE D 321 30.68 22.00 -18.08
CA ILE D 321 30.15 23.33 -18.34
C ILE D 321 29.07 23.61 -17.30
N SER D 322 28.53 24.85 -17.24
CA SER D 322 27.49 25.22 -16.28
C SER D 322 26.14 25.11 -16.96
N VAL D 323 25.22 24.38 -16.34
CA VAL D 323 23.88 24.19 -16.90
C VAL D 323 22.88 24.89 -15.96
N ALA D 324 22.09 25.85 -16.48
CA ALA D 324 21.08 26.53 -15.63
C ALA D 324 20.11 25.47 -15.10
N TRP D 325 19.88 25.47 -13.78
CA TRP D 325 19.11 24.43 -13.11
C TRP D 325 17.77 24.88 -12.55
N THR D 326 17.75 26.06 -11.90
CA THR D 326 16.53 26.66 -11.37
C THR D 326 16.56 28.15 -11.73
N VAL D 327 15.39 28.77 -11.71
CA VAL D 327 15.25 30.19 -12.06
C VAL D 327 14.26 30.88 -11.10
N ASP D 328 14.55 32.13 -10.71
CA ASP D 328 13.63 32.94 -9.92
C ASP D 328 12.75 33.66 -10.94
N VAL D 329 11.60 33.04 -11.25
CA VAL D 329 10.67 33.49 -12.31
C VAL D 329 10.18 34.95 -12.08
N PRO D 330 9.69 35.36 -10.87
CA PRO D 330 9.26 36.76 -10.72
C PRO D 330 10.36 37.78 -10.99
N LYS D 331 11.60 37.53 -10.52
CA LYS D 331 12.74 38.44 -10.74
C LYS D 331 13.10 38.56 -12.23
N VAL D 332 13.08 37.43 -12.95
CA VAL D 332 13.39 37.43 -14.38
C VAL D 332 12.32 38.19 -15.16
N ILE D 333 11.03 37.89 -14.92
CA ILE D 333 9.92 38.58 -15.61
C ILE D 333 9.97 40.09 -15.36
N SER D 334 10.22 40.49 -14.09
CA SER D 334 10.28 41.92 -13.72
C SER D 334 11.41 42.62 -14.47
N PHE D 335 12.58 42.00 -14.56
CA PHE D 335 13.73 42.56 -15.29
C PHE D 335 13.42 42.74 -16.79
N ILE D 336 12.87 41.69 -17.43
CA ILE D 336 12.56 41.72 -18.86
C ILE D 336 11.50 42.81 -19.15
N LYS D 337 10.40 42.81 -18.39
CA LYS D 337 9.33 43.79 -18.55
C LYS D 337 9.83 45.22 -18.40
N LYS D 338 10.72 45.47 -17.42
CA LYS D 338 11.30 46.80 -17.16
C LYS D 338 12.03 47.30 -18.40
N LEU D 339 12.86 46.45 -19.03
CA LEU D 339 13.62 46.83 -20.21
C LEU D 339 12.71 47.04 -21.43
N LEU D 340 11.69 46.16 -21.61
CA LEU D 340 10.76 46.24 -22.73
C LEU D 340 9.84 47.45 -22.66
N MET D 341 9.48 47.87 -21.43
CA MET D 341 8.54 48.97 -21.22
C MET D 341 9.21 50.33 -20.99
N ALA D 342 10.54 50.38 -21.01
CA ALA D 342 11.30 51.61 -20.83
C ALA D 342 11.15 52.57 -22.03
N PRO D 343 10.78 53.86 -21.79
CA PRO D 343 10.65 54.82 -22.91
C PRO D 343 11.99 55.12 -23.57
N ARG E 28 -19.92 13.76 -17.10
CA ARG E 28 -20.96 12.80 -16.68
C ARG E 28 -20.80 11.48 -17.40
N ASP E 29 -21.09 10.36 -16.70
CA ASP E 29 -20.99 9.04 -17.32
C ASP E 29 -22.27 8.73 -18.09
N LYS E 30 -22.17 8.44 -19.41
CA LYS E 30 -23.32 8.10 -20.25
C LYS E 30 -23.86 6.72 -19.90
N LEU E 31 -25.16 6.65 -19.67
CA LEU E 31 -25.80 5.41 -19.27
C LEU E 31 -27.12 5.17 -19.97
N ILE E 32 -27.30 3.94 -20.45
CA ILE E 32 -28.59 3.47 -20.98
C ILE E 32 -29.11 2.49 -19.92
N ILE E 33 -30.37 2.61 -19.53
CA ILE E 33 -30.94 1.65 -18.58
C ILE E 33 -31.91 0.76 -19.34
N ASP E 34 -31.64 -0.56 -19.35
CA ASP E 34 -32.50 -1.58 -19.99
C ASP E 34 -33.32 -2.18 -18.85
N THR E 35 -34.66 -2.08 -18.93
CA THR E 35 -35.47 -2.29 -17.75
C THR E 35 -36.87 -2.82 -18.01
N ASP E 36 -37.47 -3.47 -16.99
CA ASP E 36 -38.83 -4.01 -17.06
C ASP E 36 -39.63 -3.38 -15.89
N PRO E 37 -39.83 -2.04 -15.87
CA PRO E 37 -40.44 -1.43 -14.68
C PRO E 37 -41.91 -1.81 -14.46
N GLY E 38 -42.23 -2.44 -13.32
CA GLY E 38 -41.32 -2.87 -12.27
C GLY E 38 -41.16 -1.87 -11.15
N ILE E 39 -41.42 -2.31 -9.91
CA ILE E 39 -41.35 -1.45 -8.75
C ILE E 39 -39.92 -1.02 -8.40
N ASP E 40 -38.99 -2.00 -8.24
CA ASP E 40 -37.59 -1.65 -7.93
C ASP E 40 -36.89 -1.00 -9.12
N ASP E 41 -37.28 -1.36 -10.37
CA ASP E 41 -36.74 -0.66 -11.56
C ASP E 41 -37.14 0.82 -11.46
N SER E 42 -38.42 1.10 -11.11
CA SER E 42 -38.95 2.47 -11.00
C SER E 42 -38.17 3.28 -9.97
N MET E 43 -37.90 2.67 -8.81
CA MET E 43 -37.12 3.32 -7.75
C MET E 43 -35.73 3.69 -8.29
N THR E 44 -35.09 2.75 -9.01
CA THR E 44 -33.75 2.94 -9.58
C THR E 44 -33.71 4.06 -10.62
N ILE E 45 -34.66 4.05 -11.54
CA ILE E 45 -34.77 5.06 -12.60
C ILE E 45 -34.94 6.48 -11.99
N LEU E 46 -35.82 6.61 -10.98
CA LEU E 46 -36.01 7.92 -10.33
C LEU E 46 -34.73 8.38 -9.62
N MET E 47 -33.98 7.44 -8.99
CA MET E 47 -32.68 7.74 -8.35
C MET E 47 -31.69 8.21 -9.44
N ALA E 48 -31.62 7.48 -10.57
CA ALA E 48 -30.67 7.76 -11.67
C ALA E 48 -30.90 9.14 -12.27
N PHE E 49 -32.17 9.54 -12.41
CA PHE E 49 -32.48 10.88 -12.94
C PHE E 49 -32.00 12.01 -12.02
N ARG E 50 -31.78 11.72 -10.72
CA ARG E 50 -31.35 12.73 -9.76
C ARG E 50 -29.83 12.69 -9.45
N ALA E 51 -29.10 11.70 -10.01
CA ALA E 51 -27.65 11.54 -9.83
C ALA E 51 -26.89 12.49 -10.79
N PRO E 52 -26.22 13.55 -10.27
CA PRO E 52 -25.55 14.51 -11.18
C PRO E 52 -24.35 13.99 -11.98
N SER E 53 -23.72 12.88 -11.57
CA SER E 53 -22.55 12.31 -12.27
C SER E 53 -22.97 11.41 -13.43
N VAL E 54 -24.27 11.21 -13.62
CA VAL E 54 -24.86 10.32 -14.63
C VAL E 54 -25.61 11.10 -15.70
N GLU E 55 -25.43 10.70 -16.96
CA GLU E 55 -26.22 11.23 -18.06
C GLU E 55 -27.04 10.06 -18.62
N ILE E 56 -28.37 10.04 -18.35
CA ILE E 56 -29.24 8.98 -18.87
C ILE E 56 -29.54 9.30 -20.32
N ILE E 57 -29.00 8.50 -21.23
CA ILE E 57 -29.11 8.64 -22.68
C ILE E 57 -30.45 8.08 -23.18
N GLY E 58 -30.99 7.12 -22.45
CA GLY E 58 -32.26 6.50 -22.83
C GLY E 58 -32.65 5.36 -21.94
N LEU E 59 -33.91 4.98 -22.01
CA LEU E 59 -34.46 3.82 -21.31
C LEU E 59 -34.88 2.83 -22.40
N THR E 60 -34.44 1.57 -22.28
CA THR E 60 -34.82 0.54 -23.25
C THR E 60 -35.67 -0.46 -22.47
N THR E 61 -36.82 -0.84 -22.99
CA THR E 61 -37.72 -1.67 -22.21
C THR E 61 -37.76 -3.13 -22.62
N ILE E 62 -38.07 -3.99 -21.65
CA ILE E 62 -38.15 -5.43 -21.84
C ILE E 62 -39.27 -5.97 -20.93
N PHE E 63 -39.72 -7.19 -21.18
CA PHE E 63 -40.75 -7.84 -20.36
C PHE E 63 -40.08 -8.38 -19.08
N GLY E 64 -40.88 -8.97 -18.20
CA GLY E 64 -40.41 -9.66 -17.01
C GLY E 64 -41.38 -9.43 -15.88
N ASN E 65 -41.29 -8.26 -15.27
CA ASN E 65 -42.20 -7.85 -14.20
C ASN E 65 -43.59 -7.57 -14.74
N VAL E 66 -43.66 -7.25 -16.04
CA VAL E 66 -44.87 -6.83 -16.74
C VAL E 66 -44.59 -7.07 -18.22
N ASP E 67 -45.62 -7.14 -19.06
CA ASP E 67 -45.35 -7.29 -20.50
C ASP E 67 -44.61 -6.05 -21.01
N THR E 68 -43.86 -6.21 -22.11
CA THR E 68 -43.08 -5.09 -22.65
C THR E 68 -43.92 -3.84 -22.88
N LYS E 69 -45.16 -3.97 -23.40
CA LYS E 69 -46.00 -2.78 -23.62
C LYS E 69 -46.26 -2.00 -22.29
N GLY E 70 -46.46 -2.76 -21.21
CA GLY E 70 -46.65 -2.20 -19.87
C GLY E 70 -45.38 -1.55 -19.36
N ALA E 71 -44.21 -2.17 -19.65
CA ALA E 71 -42.91 -1.63 -19.24
C ALA E 71 -42.67 -0.29 -19.96
N THR E 72 -43.02 -0.22 -21.25
CA THR E 72 -42.85 1.03 -22.03
C THR E 72 -43.72 2.13 -21.44
N ARG E 73 -45.01 1.82 -21.16
CA ARG E 73 -45.90 2.86 -20.62
C ARG E 73 -45.39 3.35 -19.25
N ASN E 74 -44.89 2.44 -18.41
CA ASN E 74 -44.33 2.78 -17.09
C ASN E 74 -43.06 3.62 -17.23
N ALA E 75 -42.16 3.27 -18.18
CA ALA E 75 -40.92 4.01 -18.45
C ALA E 75 -41.22 5.44 -18.92
N LEU E 76 -42.22 5.61 -19.82
CA LEU E 76 -42.60 6.94 -20.31
C LEU E 76 -43.16 7.77 -19.14
N LEU E 77 -43.96 7.15 -18.28
CA LEU E 77 -44.49 7.81 -17.09
C LEU E 77 -43.39 8.22 -16.09
N LEU E 78 -42.31 7.43 -15.99
CA LEU E 78 -41.20 7.78 -15.08
C LEU E 78 -40.46 8.99 -15.62
N CYS E 79 -40.27 9.06 -16.95
CA CYS E 79 -39.60 10.23 -17.56
C CYS E 79 -40.43 11.48 -17.26
N GLU E 80 -41.77 11.38 -17.38
CA GLU E 80 -42.67 12.51 -17.10
C GLU E 80 -42.63 12.88 -15.61
N ARG E 81 -42.64 11.87 -14.71
CA ARG E 81 -42.61 12.09 -13.25
C ARG E 81 -41.29 12.74 -12.81
N ALA E 82 -40.19 12.38 -13.46
CA ALA E 82 -38.86 12.92 -13.13
C ALA E 82 -38.63 14.29 -13.75
N GLY E 83 -39.57 14.76 -14.59
CA GLY E 83 -39.49 16.05 -15.25
C GLY E 83 -38.56 16.06 -16.47
N CYS E 84 -38.35 14.89 -17.10
CA CYS E 84 -37.47 14.73 -18.26
CA CYS E 84 -37.51 14.80 -18.30
C CYS E 84 -38.17 13.94 -19.39
N PRO E 85 -39.36 14.38 -19.90
CA PRO E 85 -40.03 13.59 -20.96
C PRO E 85 -39.27 13.50 -22.28
N GLU E 86 -38.20 14.31 -22.45
CA GLU E 86 -37.35 14.29 -23.65
C GLU E 86 -36.38 13.08 -23.68
N VAL E 87 -36.19 12.41 -22.52
CA VAL E 87 -35.31 11.22 -22.45
C VAL E 87 -35.97 10.10 -23.30
N PRO E 88 -35.30 9.60 -24.35
CA PRO E 88 -35.95 8.62 -25.21
C PRO E 88 -36.25 7.30 -24.53
N VAL E 89 -37.40 6.72 -24.85
CA VAL E 89 -37.81 5.39 -24.38
C VAL E 89 -37.93 4.53 -25.65
N ALA E 90 -37.12 3.46 -25.75
CA ALA E 90 -37.14 2.58 -26.91
C ALA E 90 -37.68 1.23 -26.48
N GLU E 91 -38.81 0.82 -27.09
CA GLU E 91 -39.43 -0.48 -26.76
C GLU E 91 -38.64 -1.65 -27.31
N GLY E 92 -38.42 -2.65 -26.46
CA GLY E 92 -37.67 -3.85 -26.86
C GLY E 92 -38.52 -5.04 -27.22
N SER E 93 -37.93 -6.21 -27.11
CA SER E 93 -38.55 -7.49 -27.48
C SER E 93 -39.78 -7.77 -26.61
N HIS E 94 -40.81 -8.37 -27.20
CA HIS E 94 -42.03 -8.75 -26.47
C HIS E 94 -41.92 -10.19 -25.93
N GLU E 95 -40.91 -10.94 -26.40
CA GLU E 95 -40.71 -12.35 -26.05
C GLU E 95 -39.20 -12.67 -25.91
N PRO E 96 -38.79 -13.75 -25.20
CA PRO E 96 -37.35 -14.10 -25.15
C PRO E 96 -36.85 -14.59 -26.50
N LEU E 97 -35.54 -14.77 -26.62
CA LEU E 97 -34.94 -15.24 -27.87
C LEU E 97 -35.53 -16.57 -28.36
N LYS E 98 -35.79 -17.53 -27.43
CA LYS E 98 -36.36 -18.85 -27.78
C LYS E 98 -37.83 -18.74 -28.27
N GLY E 99 -38.47 -17.57 -28.07
CA GLY E 99 -39.84 -17.31 -28.46
C GLY E 99 -40.85 -17.70 -27.40
N GLY E 100 -42.11 -17.36 -27.61
CA GLY E 100 -43.17 -17.70 -26.68
C GLY E 100 -43.56 -16.55 -25.76
N LYS E 101 -44.82 -16.52 -25.36
CA LYS E 101 -45.40 -15.49 -24.49
C LYS E 101 -44.81 -15.62 -23.09
N PRO E 102 -44.11 -14.58 -22.57
CA PRO E 102 -43.50 -14.73 -21.25
C PRO E 102 -44.53 -14.69 -20.10
N ARG E 103 -44.27 -15.42 -19.03
CA ARG E 103 -45.14 -15.40 -17.83
C ARG E 103 -44.62 -14.20 -17.02
N VAL E 104 -45.44 -13.18 -16.81
CA VAL E 104 -44.94 -11.98 -16.13
C VAL E 104 -45.25 -12.01 -14.63
N ALA E 105 -44.40 -11.35 -13.83
CA ALA E 105 -44.45 -11.41 -12.36
C ALA E 105 -45.48 -10.46 -11.77
N ASP E 106 -46.76 -10.63 -12.18
CA ASP E 106 -47.82 -9.77 -11.65
C ASP E 106 -48.09 -10.02 -10.18
N PHE E 107 -47.70 -11.20 -9.66
CA PHE E 107 -47.86 -11.57 -8.24
C PHE E 107 -46.80 -10.85 -7.37
N VAL E 108 -45.78 -10.25 -8.00
CA VAL E 108 -44.72 -9.50 -7.32
C VAL E 108 -44.86 -8.00 -7.53
N HIS E 109 -45.07 -7.58 -8.79
CA HIS E 109 -45.13 -6.15 -9.17
C HIS E 109 -46.52 -5.63 -9.51
N GLY E 110 -47.55 -6.44 -9.34
CA GLY E 110 -48.92 -6.01 -9.64
C GLY E 110 -49.25 -6.18 -11.11
N SER E 111 -50.55 -6.11 -11.45
CA SER E 111 -51.03 -6.26 -12.82
C SER E 111 -50.54 -5.15 -13.75
N ASP E 112 -50.27 -3.95 -13.21
CA ASP E 112 -49.76 -2.86 -14.04
C ASP E 112 -48.23 -2.75 -13.97
N GLY E 113 -47.60 -3.61 -13.16
CA GLY E 113 -46.15 -3.59 -13.01
C GLY E 113 -45.64 -2.60 -11.99
N ILE E 114 -46.54 -1.77 -11.41
CA ILE E 114 -46.12 -0.76 -10.42
C ILE E 114 -46.96 -0.86 -9.12
N GLY E 115 -47.42 -2.05 -8.78
CA GLY E 115 -48.14 -2.25 -7.51
C GLY E 115 -49.62 -1.93 -7.52
N ASN E 116 -50.28 -2.06 -8.68
CA ASN E 116 -51.73 -1.86 -8.83
C ASN E 116 -52.19 -0.46 -8.46
N LEU E 117 -51.50 0.54 -9.00
CA LEU E 117 -51.87 1.93 -8.80
C LEU E 117 -52.85 2.39 -9.88
N PHE E 118 -52.81 1.74 -11.08
CA PHE E 118 -53.72 2.01 -12.22
C PHE E 118 -53.84 3.50 -12.52
N LEU E 119 -52.71 4.06 -12.93
CA LEU E 119 -52.57 5.49 -13.19
C LEU E 119 -52.83 5.84 -14.66
N PRO E 120 -53.15 7.13 -14.95
CA PRO E 120 -53.39 7.52 -16.35
C PRO E 120 -52.22 7.29 -17.29
N ALA E 121 -52.54 7.12 -18.58
CA ALA E 121 -51.58 6.86 -19.65
C ALA E 121 -50.64 8.05 -19.90
N PRO E 122 -49.35 7.82 -20.30
CA PRO E 122 -48.47 8.97 -20.55
C PRO E 122 -48.85 9.76 -21.81
N SER E 123 -48.36 11.00 -21.88
CA SER E 123 -48.50 11.90 -23.03
C SER E 123 -47.28 11.69 -23.93
N ALA E 124 -46.09 11.51 -23.30
CA ALA E 124 -44.84 11.26 -24.00
C ALA E 124 -44.95 9.97 -24.79
N LYS E 125 -44.27 9.89 -25.94
CA LYS E 125 -44.31 8.71 -26.80
C LYS E 125 -42.96 8.06 -26.93
N LYS E 126 -42.96 6.72 -27.14
CA LYS E 126 -41.72 5.97 -27.35
C LYS E 126 -41.10 6.43 -28.68
N VAL E 127 -39.79 6.21 -28.85
CA VAL E 127 -39.11 6.50 -30.12
C VAL E 127 -39.48 5.38 -31.12
N GLU E 128 -39.20 5.58 -32.42
CA GLU E 128 -39.56 4.61 -33.45
C GLU E 128 -38.73 3.34 -33.41
N GLU E 129 -37.41 3.47 -33.21
CA GLU E 129 -36.49 2.33 -33.25
C GLU E 129 -36.66 1.40 -32.06
N SER E 130 -36.35 0.10 -32.26
CA SER E 130 -36.41 -0.90 -31.20
C SER E 130 -35.28 -0.67 -30.19
N ALA E 131 -35.41 -1.26 -28.97
CA ALA E 131 -34.37 -1.17 -27.95
C ALA E 131 -33.01 -1.65 -28.50
N ALA E 132 -33.00 -2.80 -29.23
CA ALA E 132 -31.75 -3.35 -29.77
C ALA E 132 -31.10 -2.37 -30.75
N ASP E 133 -31.90 -1.76 -31.61
CA ASP E 133 -31.37 -0.77 -32.56
C ASP E 133 -30.90 0.50 -31.85
N PHE E 134 -31.61 0.93 -30.79
CA PHE E 134 -31.23 2.08 -29.98
C PHE E 134 -29.86 1.82 -29.31
N LEU E 135 -29.69 0.63 -28.68
CA LEU E 135 -28.41 0.24 -28.06
C LEU E 135 -27.26 0.27 -29.08
N ILE E 136 -27.45 -0.37 -30.25
CA ILE E 136 -26.45 -0.39 -31.32
C ILE E 136 -26.10 1.05 -31.78
N ASN E 137 -27.11 1.87 -32.08
CA ASN E 137 -26.90 3.23 -32.56
C ASN E 137 -26.16 4.13 -31.57
N LYS E 138 -26.54 4.10 -30.28
CA LYS E 138 -25.91 4.95 -29.27
C LYS E 138 -24.49 4.54 -28.97
N VAL E 139 -24.24 3.23 -28.88
CA VAL E 139 -22.90 2.68 -28.67
C VAL E 139 -21.97 2.98 -29.87
N SER E 140 -22.51 2.97 -31.10
CA SER E 140 -21.72 3.31 -32.31
C SER E 140 -21.44 4.81 -32.42
N GLU E 141 -22.37 5.64 -31.94
CA GLU E 141 -22.25 7.11 -31.96
C GLU E 141 -21.15 7.56 -30.99
N PHE E 142 -21.04 6.88 -29.83
CA PHE E 142 -20.05 7.20 -28.79
C PHE E 142 -19.26 5.94 -28.40
N PRO E 143 -18.35 5.45 -29.27
CA PRO E 143 -17.60 4.23 -28.92
C PRO E 143 -16.76 4.36 -27.65
N GLY E 144 -16.86 3.35 -26.81
CA GLY E 144 -16.15 3.25 -25.54
C GLY E 144 -16.63 4.18 -24.44
N GLU E 145 -17.76 4.88 -24.66
CA GLU E 145 -18.27 5.84 -23.70
C GLU E 145 -19.59 5.49 -23.05
N VAL E 146 -20.41 4.63 -23.68
CA VAL E 146 -21.76 4.37 -23.15
C VAL E 146 -21.79 3.07 -22.33
N SER E 147 -22.29 3.16 -21.09
CA SER E 147 -22.47 1.99 -20.23
C SER E 147 -23.93 1.59 -20.28
N VAL E 148 -24.21 0.31 -20.02
CA VAL E 148 -25.56 -0.20 -20.01
C VAL E 148 -25.82 -0.78 -18.62
N LEU E 149 -26.92 -0.34 -17.95
CA LEU E 149 -27.35 -0.92 -16.67
C LEU E 149 -28.55 -1.79 -17.04
N ALA E 150 -28.38 -3.11 -16.95
CA ALA E 150 -29.40 -4.08 -17.35
C ALA E 150 -30.14 -4.56 -16.13
N LEU E 151 -31.41 -4.15 -16.02
CA LEU E 151 -32.27 -4.40 -14.88
C LEU E 151 -33.36 -5.44 -15.15
N GLY E 152 -33.38 -5.99 -16.35
CA GLY E 152 -34.37 -7.01 -16.67
C GLY E 152 -33.75 -8.17 -17.44
N PRO E 153 -34.60 -9.05 -18.01
CA PRO E 153 -34.06 -10.10 -18.89
C PRO E 153 -33.17 -9.44 -19.95
N LEU E 154 -32.14 -10.19 -20.40
CA LEU E 154 -31.10 -9.60 -21.27
C LEU E 154 -31.34 -9.68 -22.78
N THR E 155 -32.58 -9.94 -23.21
CA THR E 155 -32.96 -10.10 -24.61
C THR E 155 -32.48 -8.96 -25.52
N ASN E 156 -32.74 -7.69 -25.17
CA ASN E 156 -32.33 -6.58 -26.05
C ASN E 156 -30.82 -6.48 -26.18
N VAL E 157 -30.10 -6.74 -25.08
CA VAL E 157 -28.63 -6.67 -25.07
C VAL E 157 -28.06 -7.80 -25.94
N ALA E 158 -28.65 -9.01 -25.81
CA ALA E 158 -28.20 -10.13 -26.65
C ALA E 158 -28.52 -9.86 -28.12
N LEU E 159 -29.70 -9.26 -28.43
CA LEU E 159 -30.05 -8.92 -29.82
C LEU E 159 -29.04 -7.94 -30.40
N ALA E 160 -28.59 -6.95 -29.59
CA ALA E 160 -27.59 -5.98 -30.04
C ALA E 160 -26.26 -6.67 -30.36
N ILE E 161 -25.80 -7.58 -29.47
CA ILE E 161 -24.55 -8.36 -29.63
C ILE E 161 -24.59 -9.22 -30.88
N LYS E 162 -25.73 -9.90 -31.10
CA LYS E 162 -25.88 -10.79 -32.25
C LYS E 162 -25.96 -10.02 -33.58
N ARG E 163 -26.66 -8.88 -33.59
CA ARG E 163 -26.89 -8.08 -34.78
C ARG E 163 -25.68 -7.28 -35.17
N ASP E 164 -24.93 -6.79 -34.18
CA ASP E 164 -23.73 -5.98 -34.41
C ASP E 164 -22.49 -6.64 -33.82
N PRO E 165 -21.63 -7.26 -34.66
CA PRO E 165 -20.40 -7.90 -34.15
C PRO E 165 -19.42 -6.97 -33.41
N SER E 166 -19.50 -5.66 -33.67
CA SER E 166 -18.64 -4.66 -33.02
C SER E 166 -19.22 -4.13 -31.68
N PHE E 167 -20.49 -4.46 -31.36
CA PHE E 167 -21.14 -3.98 -30.15
C PHE E 167 -20.36 -4.27 -28.86
N ALA E 168 -19.95 -5.54 -28.64
CA ALA E 168 -19.24 -5.94 -27.41
C ALA E 168 -17.95 -5.16 -27.15
N SER E 169 -17.25 -4.79 -28.24
CA SER E 169 -16.01 -4.02 -28.16
C SER E 169 -16.27 -2.50 -28.01
N LYS E 170 -17.44 -2.01 -28.50
CA LYS E 170 -17.79 -0.58 -28.44
C LYS E 170 -18.51 -0.15 -27.16
N VAL E 171 -19.24 -1.06 -26.48
CA VAL E 171 -19.92 -0.72 -25.21
C VAL E 171 -18.85 -0.49 -24.12
N LYS E 172 -19.03 0.54 -23.27
CA LYS E 172 -18.02 0.79 -22.23
C LYS E 172 -18.03 -0.33 -21.19
N LYS E 173 -19.21 -0.61 -20.64
CA LYS E 173 -19.40 -1.63 -19.62
C LYS E 173 -20.88 -1.99 -19.59
N ILE E 174 -21.18 -3.23 -19.22
CA ILE E 174 -22.56 -3.69 -19.01
C ILE E 174 -22.62 -4.12 -17.55
N VAL E 175 -23.45 -3.44 -16.73
CA VAL E 175 -23.65 -3.80 -15.32
C VAL E 175 -25.01 -4.51 -15.29
N VAL E 176 -25.02 -5.76 -14.86
CA VAL E 176 -26.22 -6.58 -14.90
C VAL E 176 -26.73 -6.84 -13.49
N LEU E 177 -28.04 -6.63 -13.27
CA LEU E 177 -28.69 -7.10 -12.04
C LEU E 177 -29.27 -8.43 -12.49
N GLY E 178 -28.71 -9.51 -12.00
CA GLY E 178 -29.22 -10.81 -12.39
C GLY E 178 -28.37 -11.94 -11.88
N GLY E 179 -28.99 -13.11 -11.85
CA GLY E 179 -28.31 -14.32 -11.42
C GLY E 179 -28.32 -14.54 -9.92
N ALA E 180 -27.84 -15.70 -9.54
CA ALA E 180 -27.68 -16.11 -8.13
C ALA E 180 -26.45 -16.99 -8.15
N PHE E 181 -25.38 -16.50 -7.53
CA PHE E 181 -24.08 -17.17 -7.55
C PHE E 181 -23.85 -17.88 -6.22
N PHE E 182 -23.83 -19.22 -6.27
CA PHE E 182 -23.68 -20.06 -5.05
C PHE E 182 -24.73 -19.67 -4.01
N ALA E 183 -25.98 -19.46 -4.48
CA ALA E 183 -27.09 -19.06 -3.65
C ALA E 183 -28.39 -19.44 -4.31
N ALA E 184 -29.47 -19.45 -3.54
CA ALA E 184 -30.78 -19.81 -4.08
C ALA E 184 -31.26 -18.78 -5.10
N GLY E 185 -32.03 -19.24 -6.07
CA GLY E 185 -32.70 -18.36 -7.01
C GLY E 185 -33.94 -17.77 -6.36
N ASN E 186 -34.70 -16.93 -7.11
CA ASN E 186 -35.94 -16.35 -6.57
C ASN E 186 -37.17 -16.71 -7.42
N VAL E 187 -37.00 -17.40 -8.56
CA VAL E 187 -38.13 -17.93 -9.36
C VAL E 187 -38.34 -19.39 -8.86
N ASN E 188 -37.23 -20.06 -8.59
CA ASN E 188 -37.19 -21.42 -8.08
C ASN E 188 -35.82 -21.60 -7.43
N PRO E 189 -35.49 -22.76 -6.83
CA PRO E 189 -34.19 -22.88 -6.15
C PRO E 189 -32.98 -22.64 -7.04
N ALA E 190 -33.11 -22.86 -8.36
CA ALA E 190 -32.00 -22.72 -9.30
C ALA E 190 -31.79 -21.38 -9.94
N ALA E 191 -32.86 -20.59 -10.15
CA ALA E 191 -32.76 -19.42 -11.02
C ALA E 191 -33.32 -18.13 -10.49
N GLU E 192 -32.63 -17.05 -10.83
CA GLU E 192 -33.05 -15.68 -10.56
C GLU E 192 -33.95 -15.24 -11.75
N ALA E 193 -34.94 -14.37 -11.48
CA ALA E 193 -35.97 -13.94 -12.45
C ALA E 193 -35.47 -13.40 -13.78
N ASN E 194 -34.53 -12.44 -13.78
CA ASN E 194 -34.05 -11.86 -15.05
C ASN E 194 -33.41 -12.89 -15.92
N ILE E 195 -32.57 -13.76 -15.34
CA ILE E 195 -31.89 -14.79 -16.13
C ILE E 195 -32.90 -15.82 -16.62
N HIS E 196 -33.80 -16.27 -15.73
CA HIS E 196 -34.83 -17.24 -16.10
C HIS E 196 -35.74 -16.72 -17.24
N GLY E 197 -35.96 -15.40 -17.27
CA GLY E 197 -36.77 -14.74 -18.29
C GLY E 197 -36.20 -14.92 -19.68
N ASP E 198 -34.84 -15.04 -19.80
CA ASP E 198 -34.19 -15.30 -21.09
C ASP E 198 -32.80 -15.88 -20.89
N PRO E 199 -32.73 -17.22 -20.65
CA PRO E 199 -31.43 -17.84 -20.36
C PRO E 199 -30.45 -17.77 -21.53
N GLU E 200 -30.94 -17.97 -22.75
CA GLU E 200 -30.10 -17.88 -23.97
C GLU E 200 -29.48 -16.49 -24.10
N ALA E 201 -30.28 -15.43 -23.88
CA ALA E 201 -29.79 -14.07 -23.96
C ALA E 201 -28.70 -13.81 -22.94
N ALA E 202 -28.90 -14.29 -21.69
CA ALA E 202 -27.91 -14.11 -20.62
C ALA E 202 -26.60 -14.81 -20.98
N ASP E 203 -26.67 -16.04 -21.51
CA ASP E 203 -25.46 -16.77 -21.90
C ASP E 203 -24.70 -16.03 -23.01
N ILE E 204 -25.44 -15.42 -23.97
CA ILE E 204 -24.83 -14.63 -25.06
C ILE E 204 -24.09 -13.43 -24.45
N VAL E 205 -24.75 -12.71 -23.53
CA VAL E 205 -24.13 -11.53 -22.90
C VAL E 205 -22.88 -11.92 -22.11
N PHE E 206 -22.97 -12.94 -21.26
CA PHE E 206 -21.83 -13.33 -20.40
C PHE E 206 -20.62 -13.87 -21.15
N THR E 207 -20.81 -14.42 -22.36
CA THR E 207 -19.70 -14.93 -23.18
C THR E 207 -19.35 -13.97 -24.35
N SER E 208 -19.85 -12.75 -24.31
CA SER E 208 -19.63 -11.79 -25.42
C SER E 208 -18.22 -11.18 -25.48
N GLY E 209 -17.48 -11.23 -24.38
CA GLY E 209 -16.17 -10.61 -24.30
C GLY E 209 -16.24 -9.13 -23.95
N ALA E 210 -17.46 -8.60 -23.68
CA ALA E 210 -17.64 -7.20 -23.27
C ALA E 210 -17.20 -7.08 -21.79
N ASP E 211 -16.95 -5.83 -21.34
CA ASP E 211 -16.59 -5.59 -19.94
C ASP E 211 -17.89 -5.69 -19.14
N ILE E 212 -18.13 -6.85 -18.51
CA ILE E 212 -19.37 -7.09 -17.77
C ILE E 212 -19.14 -7.19 -16.27
N VAL E 213 -20.10 -6.62 -15.51
CA VAL E 213 -20.12 -6.69 -14.06
C VAL E 213 -21.50 -7.24 -13.71
N VAL E 214 -21.56 -8.36 -12.99
CA VAL E 214 -22.86 -8.96 -12.62
C VAL E 214 -23.07 -8.87 -11.11
N VAL E 215 -24.25 -8.37 -10.73
CA VAL E 215 -24.65 -8.25 -9.33
C VAL E 215 -25.81 -9.22 -9.15
N GLY E 216 -25.54 -10.33 -8.48
CA GLY E 216 -26.56 -11.35 -8.28
C GLY E 216 -27.40 -11.11 -7.05
N ILE E 217 -28.48 -11.87 -6.90
CA ILE E 217 -29.34 -11.75 -5.71
C ILE E 217 -28.64 -12.30 -4.44
N ASN E 218 -27.51 -13.03 -4.60
CA ASN E 218 -26.66 -13.46 -3.45
C ASN E 218 -26.18 -12.17 -2.75
N ILE E 219 -26.07 -11.06 -3.51
CA ILE E 219 -25.67 -9.76 -2.97
C ILE E 219 -26.90 -8.97 -2.50
N THR E 220 -27.86 -8.78 -3.39
CA THR E 220 -28.99 -7.89 -3.15
C THR E 220 -29.96 -8.36 -2.05
N THR E 221 -30.05 -9.68 -1.77
CA THR E 221 -30.89 -10.18 -0.67
C THR E 221 -30.32 -9.77 0.69
N GLN E 222 -29.06 -9.27 0.71
CA GLN E 222 -28.43 -8.79 1.95
C GLN E 222 -28.84 -7.36 2.26
N VAL E 223 -29.42 -6.66 1.26
CA VAL E 223 -29.79 -5.23 1.35
C VAL E 223 -31.31 -5.12 1.38
N CYS E 224 -31.86 -4.69 2.51
CA CYS E 224 -33.31 -4.60 2.71
C CYS E 224 -33.74 -3.26 3.26
N LEU E 225 -35.02 -2.90 3.00
CA LEU E 225 -35.70 -1.79 3.64
C LEU E 225 -36.80 -2.46 4.46
N THR E 226 -36.81 -2.28 5.78
CA THR E 226 -37.84 -2.86 6.65
C THR E 226 -39.13 -2.01 6.52
N ASP E 227 -40.25 -2.47 7.10
CA ASP E 227 -41.50 -1.67 7.15
C ASP E 227 -41.20 -0.31 7.79
N GLU E 228 -40.32 -0.27 8.83
CA GLU E 228 -39.94 0.97 9.51
C GLU E 228 -39.20 1.93 8.56
N ASP E 229 -38.28 1.38 7.72
CA ASP E 229 -37.54 2.15 6.72
C ASP E 229 -38.51 2.71 5.68
N LEU E 230 -39.49 1.88 5.26
CA LEU E 230 -40.49 2.32 4.28
C LEU E 230 -41.35 3.46 4.86
N LEU E 231 -41.69 3.37 6.14
CA LEU E 231 -42.47 4.41 6.82
C LEU E 231 -41.64 5.69 6.96
N GLU E 232 -40.33 5.55 7.29
CA GLU E 232 -39.39 6.68 7.36
C GLU E 232 -39.35 7.38 5.98
N LEU E 233 -39.35 6.59 4.88
CA LEU E 233 -39.35 7.13 3.52
C LEU E 233 -40.67 7.89 3.27
N ARG E 234 -41.82 7.28 3.57
CA ARG E 234 -43.13 7.95 3.38
C ARG E 234 -43.19 9.28 4.15
N ASN E 235 -42.67 9.29 5.38
CA ASN E 235 -42.71 10.46 6.26
C ASN E 235 -41.64 11.52 5.96
N SER E 236 -40.75 11.24 4.99
CA SER E 236 -39.66 12.15 4.63
C SER E 236 -40.10 13.24 3.66
N LYS E 237 -39.19 14.15 3.32
CA LYS E 237 -39.45 15.21 2.34
C LYS E 237 -39.02 14.77 0.93
N GLY E 238 -38.74 13.47 0.75
CA GLY E 238 -38.31 12.94 -0.54
C GLY E 238 -39.22 13.30 -1.69
N LYS E 239 -38.64 13.77 -2.82
CA LYS E 239 -39.37 14.22 -4.02
C LYS E 239 -40.44 13.21 -4.46
N HIS E 240 -40.08 11.91 -4.51
CA HIS E 240 -41.00 10.88 -4.96
C HIS E 240 -41.43 9.93 -3.83
N ALA E 241 -41.26 10.36 -2.56
CA ALA E 241 -41.57 9.54 -1.38
C ALA E 241 -42.98 8.93 -1.39
N ALA E 242 -44.01 9.75 -1.65
CA ALA E 242 -45.40 9.29 -1.68
C ALA E 242 -45.61 8.19 -2.72
N PHE E 243 -45.10 8.41 -3.94
CA PHE E 243 -45.25 7.46 -5.05
C PHE E 243 -44.50 6.17 -4.76
N LEU E 244 -43.26 6.28 -4.26
CA LEU E 244 -42.43 5.11 -3.97
C LEU E 244 -43.11 4.27 -2.87
N TYR E 245 -43.59 4.92 -1.79
CA TYR E 245 -44.29 4.19 -0.73
C TYR E 245 -45.56 3.50 -1.25
N GLU E 246 -46.34 4.17 -2.11
CA GLU E 246 -47.57 3.58 -2.65
C GLU E 246 -47.27 2.34 -3.49
N MET E 247 -46.27 2.41 -4.39
CA MET E 247 -45.86 1.22 -5.19
C MET E 247 -45.42 0.07 -4.29
N CYS E 248 -44.65 0.39 -3.25
CA CYS E 248 -44.06 -0.59 -2.36
C CYS E 248 -45.04 -1.32 -1.48
N LYS E 249 -46.32 -0.88 -1.38
CA LYS E 249 -47.29 -1.59 -0.56
C LYS E 249 -47.48 -3.00 -1.08
N PHE E 250 -47.74 -3.13 -2.39
CA PHE E 250 -47.93 -4.44 -3.01
C PHE E 250 -46.64 -5.27 -2.92
N TYR E 251 -45.49 -4.63 -3.25
CA TYR E 251 -44.17 -5.25 -3.24
C TYR E 251 -43.83 -5.82 -1.87
N ARG E 252 -44.06 -5.04 -0.82
CA ARG E 252 -43.84 -5.46 0.56
C ARG E 252 -44.73 -6.66 0.92
N ASP E 253 -46.01 -6.63 0.49
CA ASP E 253 -46.92 -7.76 0.79
C ASP E 253 -46.44 -9.07 0.16
N TRP E 254 -45.83 -9.00 -1.03
CA TRP E 254 -45.26 -10.20 -1.65
C TRP E 254 -44.08 -10.74 -0.82
N HIS E 255 -43.19 -9.83 -0.36
CA HIS E 255 -42.05 -10.27 0.45
C HIS E 255 -42.51 -10.93 1.75
N ALA E 256 -43.59 -10.38 2.37
CA ALA E 256 -44.13 -10.95 3.61
C ALA E 256 -44.66 -12.37 3.38
N LYS E 257 -45.38 -12.58 2.26
CA LYS E 257 -46.01 -13.86 1.92
C LYS E 257 -44.98 -14.92 1.47
N SER E 258 -44.02 -14.51 0.64
CA SER E 258 -43.06 -15.46 0.04
C SER E 258 -41.76 -15.63 0.82
N ASP E 259 -41.11 -14.50 1.19
CA ASP E 259 -39.83 -14.53 1.88
C ASP E 259 -39.92 -14.50 3.40
N GLY E 260 -41.11 -14.21 3.94
CA GLY E 260 -41.33 -14.11 5.37
C GLY E 260 -40.67 -12.90 5.99
N PHE E 261 -40.45 -11.87 5.18
CA PHE E 261 -39.77 -10.65 5.54
C PHE E 261 -40.75 -9.47 5.47
N HIS E 262 -40.87 -8.70 6.57
CA HIS E 262 -41.74 -7.52 6.60
C HIS E 262 -40.96 -6.31 6.08
N GLY E 263 -40.96 -6.16 4.76
CA GLY E 263 -40.24 -5.09 4.09
C GLY E 263 -39.96 -5.51 2.66
N ILE E 264 -38.92 -4.94 2.05
CA ILE E 264 -38.55 -5.28 0.65
C ILE E 264 -37.04 -5.49 0.53
N PHE E 265 -36.63 -6.30 -0.46
CA PHE E 265 -35.22 -6.41 -0.82
C PHE E 265 -34.99 -5.25 -1.79
N LEU E 266 -33.75 -4.79 -1.92
CA LEU E 266 -33.45 -3.73 -2.88
C LEU E 266 -32.57 -4.39 -3.94
N HIS E 267 -33.17 -4.84 -5.05
CA HIS E 267 -32.40 -5.47 -6.11
C HIS E 267 -31.85 -4.45 -7.10
N ASP E 268 -32.70 -3.87 -7.95
CA ASP E 268 -32.23 -2.94 -8.97
C ASP E 268 -31.50 -1.71 -8.39
N PRO E 269 -31.94 -1.09 -7.25
CA PRO E 269 -31.18 0.04 -6.68
C PRO E 269 -29.75 -0.31 -6.26
N VAL E 270 -29.53 -1.56 -5.84
CA VAL E 270 -28.17 -2.00 -5.44
C VAL E 270 -27.25 -2.06 -6.66
N SER E 271 -27.76 -2.54 -7.83
CA SER E 271 -26.94 -2.57 -9.05
C SER E 271 -26.56 -1.15 -9.49
N PHE E 272 -27.48 -0.17 -9.31
CA PHE E 272 -27.19 1.23 -9.62
C PHE E 272 -26.11 1.74 -8.65
N THR E 273 -26.19 1.32 -7.37
CA THR E 273 -25.17 1.69 -6.36
C THR E 273 -23.78 1.13 -6.79
N ALA E 274 -23.74 -0.06 -7.42
CA ALA E 274 -22.46 -0.63 -7.92
C ALA E 274 -21.86 0.22 -9.05
N VAL E 275 -22.73 0.90 -9.83
CA VAL E 275 -22.28 1.79 -10.91
C VAL E 275 -21.60 3.04 -10.30
N LEU E 276 -22.23 3.69 -9.32
CA LEU E 276 -21.74 4.93 -8.72
C LEU E 276 -20.73 4.77 -7.61
N HIS E 277 -20.86 3.69 -6.82
CA HIS E 277 -19.99 3.43 -5.69
C HIS E 277 -19.48 1.98 -5.69
N PRO E 278 -18.68 1.58 -6.70
CA PRO E 278 -18.14 0.21 -6.73
C PRO E 278 -17.28 -0.12 -5.50
N GLU E 279 -16.75 0.91 -4.82
CA GLU E 279 -15.95 0.77 -3.60
C GLU E 279 -16.77 0.22 -2.39
N TYR E 280 -18.12 0.16 -2.50
CA TYR E 280 -18.97 -0.42 -1.46
C TYR E 280 -19.06 -1.95 -1.62
N PHE E 281 -18.40 -2.50 -2.66
CA PHE E 281 -18.44 -3.92 -2.98
C PHE E 281 -17.05 -4.47 -3.21
N THR E 282 -16.91 -5.81 -3.19
CA THR E 282 -15.70 -6.49 -3.66
C THR E 282 -16.23 -7.33 -4.82
N PHE E 283 -15.35 -7.65 -5.78
CA PHE E 283 -15.69 -8.42 -6.96
C PHE E 283 -14.68 -9.54 -7.15
N LYS E 284 -15.13 -10.66 -7.73
CA LYS E 284 -14.26 -11.78 -8.09
C LYS E 284 -14.41 -12.00 -9.58
N LYS E 285 -13.31 -12.37 -10.24
CA LYS E 285 -13.34 -12.61 -11.67
C LYS E 285 -13.63 -14.07 -11.94
N GLY E 286 -14.43 -14.34 -12.95
CA GLY E 286 -14.67 -15.72 -13.37
C GLY E 286 -15.52 -15.82 -14.61
N VAL E 287 -15.38 -16.91 -15.35
CA VAL E 287 -16.21 -17.19 -16.52
C VAL E 287 -17.60 -17.58 -16.00
N VAL E 288 -18.66 -16.99 -16.59
CA VAL E 288 -20.03 -17.32 -16.19
C VAL E 288 -20.76 -17.93 -17.39
N ARG E 289 -21.41 -19.10 -17.18
CA ARG E 289 -22.27 -19.74 -18.20
C ARG E 289 -23.65 -19.85 -17.58
N VAL E 290 -24.68 -19.92 -18.42
CA VAL E 290 -26.07 -20.02 -17.94
C VAL E 290 -26.62 -21.33 -18.48
N GLU E 291 -27.30 -22.09 -17.63
CA GLU E 291 -27.94 -23.33 -18.04
C GLU E 291 -29.23 -22.94 -18.80
N THR E 292 -29.43 -23.51 -19.99
CA THR E 292 -30.59 -23.15 -20.83
C THR E 292 -31.64 -24.27 -20.92
N GLN E 293 -31.33 -25.49 -20.39
CA GLN E 293 -32.25 -26.64 -20.44
C GLN E 293 -32.33 -27.38 -19.09
N GLY E 294 -33.36 -28.19 -18.89
CA GLY E 294 -33.44 -28.98 -17.66
C GLY E 294 -33.93 -28.27 -16.43
N ILE E 295 -33.90 -28.97 -15.29
CA ILE E 295 -34.42 -28.41 -14.05
C ILE E 295 -33.69 -27.16 -13.61
N CYS E 296 -32.41 -27.04 -14.00
CA CYS E 296 -31.63 -25.87 -13.61
C CYS E 296 -31.65 -24.75 -14.68
N THR E 297 -32.65 -24.77 -15.62
CA THR E 297 -32.78 -23.68 -16.61
C THR E 297 -32.70 -22.31 -15.89
N GLY E 298 -31.85 -21.43 -16.40
CA GLY E 298 -31.69 -20.09 -15.83
C GLY E 298 -30.63 -19.99 -14.74
N HIS E 299 -30.00 -21.12 -14.35
CA HIS E 299 -28.96 -21.09 -13.30
C HIS E 299 -27.70 -20.42 -13.85
N THR E 300 -27.09 -19.52 -13.06
CA THR E 300 -25.84 -18.84 -13.42
C THR E 300 -24.73 -19.51 -12.64
N LEU E 301 -23.75 -20.06 -13.36
CA LEU E 301 -22.68 -20.84 -12.72
C LEU E 301 -21.35 -20.20 -13.07
N MET E 302 -20.59 -19.73 -12.07
CA MET E 302 -19.31 -19.08 -12.27
C MET E 302 -18.18 -20.11 -12.05
N ASP E 303 -17.18 -20.10 -12.94
CA ASP E 303 -15.97 -20.89 -12.73
C ASP E 303 -15.04 -19.87 -12.09
N GLN E 304 -14.75 -20.03 -10.81
CA GLN E 304 -13.86 -19.15 -10.05
C GLN E 304 -12.39 -19.24 -10.48
N GLY E 305 -12.02 -20.25 -11.29
CA GLY E 305 -10.66 -20.42 -11.78
C GLY E 305 -9.66 -20.85 -10.73
N LEU E 306 -10.17 -21.55 -9.67
CA LEU E 306 -9.31 -22.02 -8.57
C LEU E 306 -8.75 -23.40 -8.84
N LYS E 307 -9.17 -24.05 -9.93
CA LYS E 307 -8.75 -25.42 -10.20
C LYS E 307 -8.52 -25.64 -11.67
N LYS E 308 -7.45 -26.38 -12.02
CA LYS E 308 -7.14 -26.74 -13.41
C LYS E 308 -7.89 -28.03 -13.72
N TRP E 309 -8.86 -27.95 -14.62
CA TRP E 309 -9.69 -29.10 -14.97
C TRP E 309 -8.90 -30.04 -15.86
N ASN E 310 -9.18 -31.34 -15.75
CA ASN E 310 -8.45 -32.33 -16.57
C ASN E 310 -8.88 -32.27 -18.02
N SER E 311 -10.15 -31.90 -18.28
CA SER E 311 -10.63 -31.76 -19.66
C SER E 311 -11.33 -30.40 -19.86
N GLU E 312 -11.43 -29.94 -21.12
CA GLU E 312 -12.13 -28.70 -21.47
C GLU E 312 -13.63 -28.86 -21.21
N ASN E 313 -14.28 -27.73 -20.88
CA ASN E 313 -15.68 -27.73 -20.53
C ASN E 313 -16.27 -26.40 -20.98
N PRO E 314 -17.59 -26.15 -20.83
CA PRO E 314 -18.17 -24.88 -21.30
C PRO E 314 -17.61 -23.60 -20.66
N TRP E 315 -16.88 -23.71 -19.52
CA TRP E 315 -16.29 -22.52 -18.87
C TRP E 315 -14.86 -22.24 -19.35
N SER E 316 -14.28 -23.15 -20.16
CA SER E 316 -12.90 -23.03 -20.67
C SER E 316 -12.78 -21.93 -21.69
N GLY E 317 -11.67 -21.21 -21.64
CA GLY E 317 -11.26 -20.26 -22.67
C GLY E 317 -11.90 -18.91 -22.75
N TYR E 318 -13.10 -18.74 -22.23
CA TYR E 318 -13.81 -17.46 -22.28
C TYR E 318 -13.14 -16.41 -21.43
N LYS E 319 -13.38 -15.15 -21.74
CA LYS E 319 -12.88 -14.05 -20.96
C LYS E 319 -13.70 -14.01 -19.67
N PRO E 320 -13.06 -13.95 -18.50
CA PRO E 320 -13.86 -13.86 -17.26
C PRO E 320 -14.55 -12.50 -17.14
N ILE E 321 -15.62 -12.48 -16.38
CA ILE E 321 -16.35 -11.26 -16.08
C ILE E 321 -16.22 -10.98 -14.57
N SER E 322 -16.69 -9.83 -14.10
CA SER E 322 -16.60 -9.46 -12.69
C SER E 322 -17.92 -9.79 -12.04
N VAL E 323 -17.85 -10.51 -10.91
CA VAL E 323 -19.06 -10.92 -10.19
C VAL E 323 -19.01 -10.28 -8.82
N ALA E 324 -20.04 -9.48 -8.45
CA ALA E 324 -20.07 -8.85 -7.11
C ALA E 324 -20.06 -9.96 -6.06
N TRP E 325 -19.16 -9.85 -5.08
CA TRP E 325 -18.93 -10.92 -4.11
C TRP E 325 -19.34 -10.60 -2.68
N THR E 326 -18.99 -9.42 -2.20
CA THR E 326 -19.39 -8.94 -0.86
C THR E 326 -19.89 -7.51 -1.02
N VAL E 327 -20.65 -7.04 -0.03
CA VAL E 327 -21.26 -5.71 -0.05
C VAL E 327 -21.22 -5.09 1.33
N ASP E 328 -20.93 -3.78 1.39
CA ASP E 328 -20.93 -3.03 2.67
C ASP E 328 -22.38 -2.55 2.80
N VAL E 329 -23.21 -3.36 3.47
CA VAL E 329 -24.66 -3.14 3.60
C VAL E 329 -24.98 -1.76 4.24
N PRO E 330 -24.38 -1.33 5.39
CA PRO E 330 -24.71 0.01 5.91
C PRO E 330 -24.45 1.16 4.92
N LYS E 331 -23.32 1.12 4.17
CA LYS E 331 -22.98 2.15 3.18
C LYS E 331 -23.96 2.17 2.01
N VAL E 332 -24.38 0.99 1.54
CA VAL E 332 -25.33 0.90 0.42
C VAL E 332 -26.70 1.43 0.86
N ILE E 333 -27.20 0.98 2.03
CA ILE E 333 -28.50 1.44 2.55
C ILE E 333 -28.51 2.96 2.75
N SER E 334 -27.43 3.50 3.35
CA SER E 334 -27.30 4.94 3.59
C SER E 334 -27.35 5.73 2.29
N PHE E 335 -26.65 5.27 1.24
CA PHE E 335 -26.63 5.92 -0.08
C PHE E 335 -28.02 5.91 -0.71
N ILE E 336 -28.69 4.74 -0.73
CA ILE E 336 -30.01 4.58 -1.33
C ILE E 336 -31.03 5.47 -0.61
N LYS E 337 -31.08 5.38 0.73
CA LYS E 337 -32.00 6.18 1.56
C LYS E 337 -31.80 7.67 1.33
N LYS E 338 -30.54 8.13 1.24
CA LYS E 338 -30.21 9.55 1.00
C LYS E 338 -30.80 10.04 -0.31
N LEU E 339 -30.67 9.25 -1.40
CA LEU E 339 -31.22 9.61 -2.71
C LEU E 339 -32.75 9.57 -2.71
N LEU E 340 -33.35 8.54 -2.05
CA LEU E 340 -34.81 8.40 -1.99
C LEU E 340 -35.50 9.46 -1.13
N MET E 341 -34.80 9.94 -0.10
CA MET E 341 -35.34 10.92 0.84
C MET E 341 -34.98 12.36 0.51
N ALA E 342 -34.22 12.59 -0.58
CA ALA E 342 -33.82 13.92 -1.01
C ALA E 342 -35.01 14.71 -1.59
N PRO E 343 -35.24 15.97 -1.13
CA PRO E 343 -36.36 16.77 -1.66
C PRO E 343 -36.12 17.15 -3.13
N ARG F 27 -23.17 -53.01 21.26
CA ARG F 27 -24.13 -52.91 20.15
C ARG F 27 -23.53 -52.19 18.92
N ARG F 28 -22.82 -52.94 18.05
CA ARG F 28 -22.17 -52.37 16.85
C ARG F 28 -23.16 -51.95 15.78
N ASP F 29 -22.87 -50.84 15.08
CA ASP F 29 -23.74 -50.37 14.01
C ASP F 29 -23.39 -51.09 12.71
N LYS F 30 -24.38 -51.77 12.09
CA LYS F 30 -24.17 -52.49 10.84
C LYS F 30 -23.99 -51.53 9.68
N LEU F 31 -22.94 -51.73 8.89
CA LEU F 31 -22.63 -50.84 7.80
C LEU F 31 -22.19 -51.58 6.56
N ILE F 32 -22.74 -51.17 5.42
CA ILE F 32 -22.28 -51.62 4.09
C ILE F 32 -21.57 -50.41 3.49
N ILE F 33 -20.37 -50.61 2.95
CA ILE F 33 -19.68 -49.50 2.28
C ILE F 33 -19.72 -49.75 0.78
N ASP F 34 -20.33 -48.82 0.04
CA ASP F 34 -20.44 -48.87 -1.43
C ASP F 34 -19.34 -47.94 -1.91
N THR F 35 -18.39 -48.48 -2.72
CA THR F 35 -17.14 -47.76 -2.94
C THR F 35 -16.46 -48.04 -4.27
N ASP F 36 -15.62 -47.08 -4.72
CA ASP F 36 -14.84 -47.21 -5.95
C ASP F 36 -13.36 -47.06 -5.57
N PRO F 37 -12.78 -47.97 -4.77
CA PRO F 37 -11.41 -47.74 -4.29
C PRO F 37 -10.34 -47.78 -5.39
N GLY F 38 -9.60 -46.69 -5.59
CA GLY F 38 -9.76 -45.39 -4.95
C GLY F 38 -8.86 -45.20 -3.75
N ILE F 39 -8.06 -44.14 -3.77
CA ILE F 39 -7.09 -43.88 -2.69
C ILE F 39 -7.78 -43.45 -1.38
N ASP F 40 -8.67 -42.43 -1.45
CA ASP F 40 -9.36 -42.00 -0.22
C ASP F 40 -10.40 -43.03 0.24
N ASP F 41 -11.01 -43.79 -0.72
CA ASP F 41 -11.90 -44.90 -0.33
C ASP F 41 -11.08 -45.92 0.49
N SER F 42 -9.85 -46.23 0.03
CA SER F 42 -8.98 -47.23 0.70
C SER F 42 -8.64 -46.79 2.12
N MET F 43 -8.33 -45.51 2.30
CA MET F 43 -8.04 -44.95 3.61
C MET F 43 -9.25 -45.12 4.53
N THR F 44 -10.46 -44.83 4.00
CA THR F 44 -11.72 -44.92 4.75
C THR F 44 -12.03 -46.35 5.15
N ILE F 45 -11.89 -47.30 4.21
CA ILE F 45 -12.16 -48.72 4.48
C ILE F 45 -11.23 -49.26 5.58
N LEU F 46 -9.93 -48.93 5.50
CA LEU F 46 -9.00 -49.38 6.52
C LEU F 46 -9.32 -48.80 7.90
N MET F 47 -9.78 -47.51 7.95
CA MET F 47 -10.23 -46.87 9.20
C MET F 47 -11.45 -47.62 9.74
N ALA F 48 -12.42 -47.92 8.84
CA ALA F 48 -13.69 -48.57 9.23
C ALA F 48 -13.46 -49.95 9.81
N PHE F 49 -12.52 -50.71 9.24
CA PHE F 49 -12.19 -52.04 9.77
C PHE F 49 -11.61 -52.00 11.19
N ARG F 50 -11.06 -50.85 11.62
CA ARG F 50 -10.46 -50.70 12.95
C ARG F 50 -11.38 -49.99 13.96
N ALA F 51 -12.55 -49.50 13.52
CA ALA F 51 -13.52 -48.81 14.39
C ALA F 51 -14.40 -49.86 15.14
N PRO F 52 -14.23 -50.02 16.47
CA PRO F 52 -14.97 -51.08 17.19
C PRO F 52 -16.48 -50.92 17.26
N SER F 53 -17.02 -49.69 17.08
CA SER F 53 -18.47 -49.43 17.16
C SER F 53 -19.20 -49.80 15.88
N VAL F 54 -18.47 -50.13 14.81
CA VAL F 54 -19.12 -50.49 13.56
C VAL F 54 -18.85 -51.95 13.18
N GLU F 55 -19.82 -52.56 12.52
CA GLU F 55 -19.72 -53.91 11.99
C GLU F 55 -19.85 -53.80 10.47
N ILE F 56 -18.75 -54.02 9.74
CA ILE F 56 -18.77 -53.95 8.27
C ILE F 56 -19.34 -55.27 7.79
N ILE F 57 -20.54 -55.20 7.22
CA ILE F 57 -21.32 -56.34 6.73
C ILE F 57 -20.84 -56.73 5.30
N GLY F 58 -20.30 -55.76 4.57
CA GLY F 58 -19.81 -56.02 3.22
C GLY F 58 -19.34 -54.77 2.53
N LEU F 59 -18.59 -54.96 1.45
CA LEU F 59 -18.14 -53.91 0.56
C LEU F 59 -18.81 -54.15 -0.77
N THR F 60 -19.45 -53.10 -1.34
CA THR F 60 -20.12 -53.21 -2.65
C THR F 60 -19.36 -52.28 -3.59
N THR F 61 -18.93 -52.78 -4.75
CA THR F 61 -18.06 -51.95 -5.58
C THR F 61 -18.74 -51.31 -6.77
N ILE F 62 -18.20 -50.18 -7.19
CA ILE F 62 -18.71 -49.39 -8.31
C ILE F 62 -17.52 -48.77 -9.03
N PHE F 63 -17.74 -48.28 -10.26
CA PHE F 63 -16.72 -47.60 -11.05
C PHE F 63 -16.57 -46.16 -10.54
N GLY F 64 -15.63 -45.43 -11.12
CA GLY F 64 -15.46 -44.00 -10.84
C GLY F 64 -14.00 -43.66 -10.87
N ASN F 65 -13.32 -43.98 -9.78
CA ASN F 65 -11.88 -43.78 -9.67
C ASN F 65 -11.12 -44.78 -10.51
N VAL F 66 -11.78 -45.91 -10.81
CA VAL F 66 -11.19 -47.06 -11.54
C VAL F 66 -12.37 -47.84 -12.08
N ASP F 67 -12.15 -48.70 -13.08
CA ASP F 67 -13.27 -49.48 -13.57
C ASP F 67 -13.70 -50.44 -12.46
N THR F 68 -14.98 -50.83 -12.48
CA THR F 68 -15.54 -51.70 -11.43
C THR F 68 -14.67 -52.95 -11.17
N LYS F 69 -14.13 -53.59 -12.22
CA LYS F 69 -13.28 -54.79 -12.01
C LYS F 69 -12.06 -54.46 -11.15
N GLY F 70 -11.47 -53.27 -11.38
CA GLY F 70 -10.33 -52.78 -10.59
C GLY F 70 -10.74 -52.44 -9.16
N ALA F 71 -11.95 -51.89 -8.99
CA ALA F 71 -12.46 -51.55 -7.66
C ALA F 71 -12.66 -52.84 -6.85
N THR F 72 -13.20 -53.90 -7.51
CA THR F 72 -13.40 -55.19 -6.83
C THR F 72 -12.08 -55.76 -6.38
N ARG F 73 -11.08 -55.72 -7.26
CA ARG F 73 -9.74 -56.23 -6.95
C ARG F 73 -9.16 -55.48 -5.73
N ASN F 74 -9.24 -54.14 -5.76
CA ASN F 74 -8.76 -53.31 -4.65
C ASN F 74 -9.52 -53.56 -3.35
N ALA F 75 -10.85 -53.75 -3.42
CA ALA F 75 -11.67 -54.03 -2.23
C ALA F 75 -11.29 -55.37 -1.59
N LEU F 76 -11.08 -56.42 -2.43
CA LEU F 76 -10.68 -57.74 -1.93
C LEU F 76 -9.31 -57.63 -1.26
N LEU F 77 -8.40 -56.88 -1.86
CA LEU F 77 -7.07 -56.66 -1.29
C LEU F 77 -7.12 -55.88 0.03
N LEU F 78 -8.08 -54.94 0.18
CA LEU F 78 -8.21 -54.21 1.45
C LEU F 78 -8.70 -55.12 2.56
N CYS F 79 -9.64 -56.04 2.24
CA CYS F 79 -10.12 -57.03 3.24
C CYS F 79 -8.96 -57.88 3.68
N GLU F 80 -8.09 -58.30 2.74
CA GLU F 80 -6.91 -59.12 3.09
C GLU F 80 -5.91 -58.31 3.93
N ARG F 81 -5.67 -57.04 3.55
CA ARG F 81 -4.73 -56.15 4.26
C ARG F 81 -5.19 -55.85 5.70
N ALA F 82 -6.51 -55.73 5.89
CA ALA F 82 -7.10 -55.45 7.20
C ALA F 82 -7.20 -56.71 8.08
N GLY F 83 -6.91 -57.87 7.50
CA GLY F 83 -6.97 -59.16 8.19
C GLY F 83 -8.37 -59.73 8.32
N CYS F 84 -9.27 -59.35 7.40
CA CYS F 84 -10.68 -59.78 7.40
CA CYS F 84 -10.64 -59.86 7.40
C CYS F 84 -11.11 -60.27 5.99
N PRO F 85 -10.43 -61.28 5.37
CA PRO F 85 -10.84 -61.70 4.03
C PRO F 85 -12.22 -62.34 3.93
N GLU F 86 -12.86 -62.65 5.09
CA GLU F 86 -14.21 -63.22 5.17
C GLU F 86 -15.30 -62.17 4.92
N VAL F 87 -14.96 -60.87 5.00
CA VAL F 87 -15.90 -59.77 4.73
C VAL F 87 -16.30 -59.84 3.24
N PRO F 88 -17.58 -60.07 2.92
CA PRO F 88 -17.96 -60.20 1.51
C PRO F 88 -17.74 -58.95 0.67
N VAL F 89 -17.28 -59.16 -0.57
CA VAL F 89 -17.11 -58.09 -1.57
C VAL F 89 -18.08 -58.44 -2.70
N ALA F 90 -19.06 -57.56 -2.97
CA ALA F 90 -20.03 -57.80 -4.02
C ALA F 90 -19.80 -56.81 -5.14
N GLU F 91 -19.52 -57.30 -6.36
CA GLU F 91 -19.27 -56.44 -7.51
C GLU F 91 -20.55 -55.81 -8.04
N GLY F 92 -20.50 -54.51 -8.28
CA GLY F 92 -21.65 -53.78 -8.79
C GLY F 92 -21.64 -53.52 -10.28
N SER F 93 -22.36 -52.46 -10.70
CA SER F 93 -22.50 -52.08 -12.11
CA SER F 93 -22.50 -52.12 -12.11
C SER F 93 -21.18 -51.70 -12.72
N HIS F 94 -21.00 -52.04 -14.00
CA HIS F 94 -19.79 -51.67 -14.76
C HIS F 94 -20.00 -50.35 -15.50
N GLU F 95 -21.24 -49.87 -15.55
CA GLU F 95 -21.63 -48.64 -16.25
C GLU F 95 -22.75 -47.89 -15.50
N PRO F 96 -22.94 -46.57 -15.73
CA PRO F 96 -24.05 -45.87 -15.06
C PRO F 96 -25.41 -46.33 -15.57
N LEU F 97 -26.51 -45.91 -14.92
CA LEU F 97 -27.86 -46.26 -15.36
C LEU F 97 -28.12 -45.91 -16.82
N LYS F 98 -27.68 -44.72 -17.29
CA LYS F 98 -27.87 -44.28 -18.67
C LYS F 98 -27.07 -45.12 -19.71
N GLY F 99 -26.14 -45.96 -19.23
CA GLY F 99 -25.29 -46.80 -20.05
C GLY F 99 -24.06 -46.08 -20.55
N GLY F 100 -23.15 -46.81 -21.18
CA GLY F 100 -21.92 -46.23 -21.73
C GLY F 100 -20.73 -46.54 -20.84
N LYS F 101 -19.55 -46.59 -21.44
CA LYS F 101 -18.29 -46.88 -20.76
C LYS F 101 -17.88 -45.65 -19.94
N PRO F 102 -17.75 -45.77 -18.60
CA PRO F 102 -17.37 -44.58 -17.81
C PRO F 102 -15.93 -44.15 -18.03
N ARG F 103 -15.67 -42.84 -18.00
CA ARG F 103 -14.30 -42.33 -18.12
C ARG F 103 -13.79 -42.35 -16.67
N VAL F 104 -12.83 -43.21 -16.37
CA VAL F 104 -12.39 -43.34 -14.97
C VAL F 104 -11.28 -42.34 -14.64
N ALA F 105 -11.19 -41.95 -13.36
CA ALA F 105 -10.25 -40.94 -12.86
C ALA F 105 -8.84 -41.47 -12.63
N ASP F 106 -8.21 -42.05 -13.68
CA ASP F 106 -6.84 -42.56 -13.55
C ASP F 106 -5.81 -41.46 -13.35
N PHE F 107 -6.18 -40.21 -13.73
CA PHE F 107 -5.31 -39.03 -13.57
C PHE F 107 -5.31 -38.56 -12.11
N VAL F 108 -6.25 -39.08 -11.28
CA VAL F 108 -6.36 -38.75 -9.84
C VAL F 108 -5.90 -39.92 -8.97
N HIS F 109 -6.39 -41.13 -9.29
CA HIS F 109 -6.13 -42.32 -8.46
C HIS F 109 -5.16 -43.33 -9.08
N GLY F 110 -4.56 -43.01 -10.23
CA GLY F 110 -3.64 -43.93 -10.87
C GLY F 110 -4.35 -44.94 -11.72
N SER F 111 -3.58 -45.62 -12.60
CA SER F 111 -4.11 -46.64 -13.53
C SER F 111 -4.72 -47.84 -12.80
N ASP F 112 -4.21 -48.17 -11.60
CA ASP F 112 -4.75 -49.29 -10.82
C ASP F 112 -5.78 -48.83 -9.76
N GLY F 113 -6.02 -47.53 -9.69
CA GLY F 113 -6.96 -46.96 -8.71
C GLY F 113 -6.37 -46.73 -7.34
N ILE F 114 -5.12 -47.14 -7.11
CA ILE F 114 -4.49 -46.98 -5.79
C ILE F 114 -3.11 -46.29 -5.89
N GLY F 115 -2.93 -45.42 -6.88
CA GLY F 115 -1.71 -44.63 -6.99
C GLY F 115 -0.53 -45.31 -7.68
N ASN F 116 -0.81 -46.23 -8.59
CA ASN F 116 0.21 -46.92 -9.40
C ASN F 116 1.20 -47.73 -8.58
N LEU F 117 0.67 -48.53 -7.67
CA LEU F 117 1.49 -49.40 -6.83
C LEU F 117 1.70 -50.75 -7.52
N PHE F 118 0.76 -51.14 -8.40
CA PHE F 118 0.78 -52.39 -9.20
C PHE F 118 1.14 -53.61 -8.33
N LEU F 119 0.24 -53.89 -7.41
CA LEU F 119 0.42 -54.95 -6.43
C LEU F 119 -0.16 -56.27 -6.90
N PRO F 120 0.27 -57.41 -6.31
CA PRO F 120 -0.27 -58.72 -6.72
C PRO F 120 -1.76 -58.86 -6.50
N ALA F 121 -2.38 -59.76 -7.29
CA ALA F 121 -3.82 -60.02 -7.27
C ALA F 121 -4.27 -60.68 -5.96
N PRO F 122 -5.50 -60.43 -5.47
CA PRO F 122 -5.93 -61.07 -4.21
C PRO F 122 -6.19 -62.58 -4.37
N SER F 123 -6.20 -63.28 -3.25
CA SER F 123 -6.53 -64.71 -3.17
C SER F 123 -8.05 -64.80 -2.89
N ALA F 124 -8.57 -63.90 -2.05
CA ALA F 124 -9.98 -63.83 -1.70
C ALA F 124 -10.80 -63.56 -2.98
N LYS F 125 -12.01 -64.08 -3.03
CA LYS F 125 -12.89 -63.94 -4.20
C LYS F 125 -14.14 -63.18 -3.86
N LYS F 126 -14.69 -62.46 -4.85
CA LYS F 126 -15.95 -61.73 -4.67
C LYS F 126 -17.08 -62.76 -4.47
N VAL F 127 -18.20 -62.32 -3.88
CA VAL F 127 -19.38 -63.18 -3.73
C VAL F 127 -20.08 -63.28 -5.10
N GLU F 128 -21.00 -64.24 -5.27
CA GLU F 128 -21.69 -64.46 -6.54
C GLU F 128 -22.68 -63.36 -6.89
N GLU F 129 -23.46 -62.89 -5.90
CA GLU F 129 -24.48 -61.87 -6.14
C GLU F 129 -23.92 -60.49 -6.45
N SER F 130 -24.67 -59.70 -7.22
CA SER F 130 -24.29 -58.32 -7.57
C SER F 130 -24.40 -57.42 -6.34
N ALA F 131 -23.77 -56.23 -6.39
CA ALA F 131 -23.86 -55.24 -5.31
C ALA F 131 -25.33 -54.90 -5.00
N ALA F 132 -26.13 -54.65 -6.05
CA ALA F 132 -27.56 -54.31 -5.86
C ALA F 132 -28.32 -55.44 -5.14
N ASP F 133 -28.04 -56.69 -5.52
CA ASP F 133 -28.72 -57.80 -4.86
C ASP F 133 -28.23 -57.99 -3.43
N PHE F 134 -26.94 -57.71 -3.18
CA PHE F 134 -26.34 -57.78 -1.85
C PHE F 134 -27.00 -56.73 -0.93
N LEU F 135 -27.12 -55.47 -1.42
CA LEU F 135 -27.77 -54.39 -0.66
C LEU F 135 -29.21 -54.77 -0.30
N ILE F 136 -29.99 -55.23 -1.29
CA ILE F 136 -31.40 -55.65 -1.07
C ILE F 136 -31.46 -56.79 -0.02
N ASN F 137 -30.65 -57.85 -0.20
CA ASN F 137 -30.67 -59.00 0.70
C ASN F 137 -30.32 -58.65 2.13
N LYS F 138 -29.25 -57.87 2.36
CA LYS F 138 -28.81 -57.53 3.72
C LYS F 138 -29.79 -56.62 4.43
N VAL F 139 -30.32 -55.62 3.72
CA VAL F 139 -31.32 -54.70 4.26
C VAL F 139 -32.65 -55.45 4.60
N SER F 140 -33.03 -56.45 3.79
CA SER F 140 -34.23 -57.26 4.05
C SER F 140 -34.03 -58.23 5.22
N GLU F 141 -32.79 -58.72 5.40
CA GLU F 141 -32.43 -59.65 6.48
C GLU F 141 -32.49 -58.94 7.84
N PHE F 142 -32.07 -57.66 7.88
CA PHE F 142 -32.06 -56.85 9.10
C PHE F 142 -32.80 -55.51 8.86
N PRO F 143 -34.15 -55.52 8.76
CA PRO F 143 -34.88 -54.26 8.51
C PRO F 143 -34.63 -53.20 9.58
N GLY F 144 -34.39 -51.98 9.12
CA GLY F 144 -34.12 -50.81 9.96
C GLY F 144 -32.80 -50.80 10.71
N GLU F 145 -31.91 -51.77 10.42
CA GLU F 145 -30.65 -51.87 11.13
C GLU F 145 -29.41 -51.60 10.29
N VAL F 146 -29.47 -51.75 8.95
CA VAL F 146 -28.26 -51.61 8.11
C VAL F 146 -28.14 -50.22 7.53
N SER F 147 -26.98 -49.57 7.74
CA SER F 147 -26.71 -48.26 7.15
C SER F 147 -25.80 -48.47 5.95
N VAL F 148 -25.85 -47.53 4.98
CA VAL F 148 -25.02 -47.61 3.79
C VAL F 148 -24.16 -46.35 3.75
N LEU F 149 -22.82 -46.51 3.62
CA LEU F 149 -21.91 -45.38 3.44
C LEU F 149 -21.53 -45.44 1.97
N ALA F 150 -22.01 -44.47 1.19
CA ALA F 150 -21.82 -44.44 -0.26
C ALA F 150 -20.68 -43.49 -0.59
N LEU F 151 -19.57 -44.09 -1.07
CA LEU F 151 -18.33 -43.40 -1.36
C LEU F 151 -18.06 -43.26 -2.85
N GLY F 152 -18.97 -43.74 -3.67
CA GLY F 152 -18.76 -43.61 -5.12
C GLY F 152 -20.03 -43.20 -5.82
N PRO F 153 -20.06 -43.29 -7.17
CA PRO F 153 -21.32 -43.05 -7.91
C PRO F 153 -22.42 -43.93 -7.31
N LEU F 154 -23.67 -43.45 -7.33
CA LEU F 154 -24.76 -44.11 -6.61
C LEU F 154 -25.55 -45.19 -7.37
N THR F 155 -25.00 -45.70 -8.48
CA THR F 155 -25.63 -46.69 -9.34
C THR F 155 -26.19 -47.90 -8.60
N ASN F 156 -25.38 -48.56 -7.75
CA ASN F 156 -25.86 -49.77 -7.06
C ASN F 156 -26.99 -49.47 -6.09
N VAL F 157 -26.91 -48.32 -5.42
CA VAL F 157 -27.94 -47.91 -4.44
C VAL F 157 -29.24 -47.60 -5.18
N ALA F 158 -29.14 -46.91 -6.34
CA ALA F 158 -30.34 -46.61 -7.14
C ALA F 158 -30.94 -47.91 -7.71
N LEU F 159 -30.08 -48.88 -8.12
CA LEU F 159 -30.58 -50.17 -8.64
C LEU F 159 -31.35 -50.90 -7.56
N ALA F 160 -30.86 -50.85 -6.32
CA ALA F 160 -31.51 -51.48 -5.17
C ALA F 160 -32.90 -50.83 -4.93
N ILE F 161 -32.98 -49.48 -4.96
CA ILE F 161 -34.23 -48.71 -4.76
C ILE F 161 -35.24 -49.03 -5.85
N LYS F 162 -34.79 -49.07 -7.12
CA LYS F 162 -35.68 -49.32 -8.25
C LYS F 162 -36.19 -50.76 -8.27
N ARG F 163 -35.32 -51.72 -7.94
CA ARG F 163 -35.66 -53.15 -7.98
C ARG F 163 -36.48 -53.59 -6.82
N ASP F 164 -36.27 -52.99 -5.65
CA ASP F 164 -36.99 -53.33 -4.43
C ASP F 164 -37.73 -52.09 -3.87
N PRO F 165 -39.08 -52.00 -4.08
CA PRO F 165 -39.83 -50.82 -3.57
C PRO F 165 -39.80 -50.63 -2.05
N SER F 166 -39.50 -51.70 -1.30
CA SER F 166 -39.41 -51.64 0.17
C SER F 166 -38.01 -51.24 0.68
N PHE F 167 -36.99 -51.20 -0.21
CA PHE F 167 -35.61 -50.88 0.18
C PHE F 167 -35.46 -49.54 0.94
N ALA F 168 -36.03 -48.42 0.39
CA ALA F 168 -35.92 -47.09 1.01
C ALA F 168 -36.45 -47.04 2.44
N SER F 169 -37.50 -47.83 2.74
CA SER F 169 -38.10 -47.87 4.07
C SER F 169 -37.35 -48.82 5.02
N LYS F 170 -36.62 -49.82 4.45
CA LYS F 170 -35.90 -50.82 5.26
C LYS F 170 -34.45 -50.45 5.58
N VAL F 171 -33.80 -49.62 4.75
CA VAL F 171 -32.43 -49.17 5.02
C VAL F 171 -32.48 -48.22 6.25
N LYS F 172 -31.51 -48.33 7.16
CA LYS F 172 -31.52 -47.47 8.34
C LYS F 172 -31.22 -46.01 7.94
N LYS F 173 -30.11 -45.81 7.22
CA LYS F 173 -29.66 -44.51 6.78
C LYS F 173 -28.68 -44.71 5.63
N ILE F 174 -28.63 -43.74 4.72
CA ILE F 174 -27.66 -43.71 3.63
C ILE F 174 -26.85 -42.44 3.84
N VAL F 175 -25.54 -42.56 4.11
CA VAL F 175 -24.65 -41.41 4.27
C VAL F 175 -23.85 -41.36 2.94
N VAL F 176 -23.96 -40.25 2.23
CA VAL F 176 -23.38 -40.10 0.90
C VAL F 176 -22.24 -39.12 0.91
N LEU F 177 -21.08 -39.51 0.34
CA LEU F 177 -20.03 -38.54 0.07
C LEU F 177 -20.31 -38.18 -1.40
N GLY F 178 -20.74 -36.96 -1.63
CA GLY F 178 -21.03 -36.55 -3.00
C GLY F 178 -21.68 -35.21 -3.06
N GLY F 179 -21.58 -34.60 -4.24
CA GLY F 179 -22.20 -33.31 -4.51
C GLY F 179 -21.36 -32.14 -4.09
N ALA F 180 -21.82 -30.95 -4.48
CA ALA F 180 -21.19 -29.66 -4.16
C ALA F 180 -22.36 -28.72 -4.00
N PHE F 181 -22.60 -28.29 -2.77
CA PHE F 181 -23.75 -27.45 -2.42
C PHE F 181 -23.30 -26.02 -2.29
N PHE F 182 -23.76 -25.16 -3.24
CA PHE F 182 -23.40 -23.74 -3.27
C PHE F 182 -21.86 -23.59 -3.27
N ALA F 183 -21.20 -24.44 -4.07
CA ALA F 183 -19.75 -24.48 -4.17
C ALA F 183 -19.36 -25.09 -5.50
N ALA F 184 -18.09 -24.92 -5.88
CA ALA F 184 -17.58 -25.44 -7.15
C ALA F 184 -17.57 -26.97 -7.13
N GLY F 185 -17.78 -27.58 -8.29
CA GLY F 185 -17.61 -29.01 -8.45
C GLY F 185 -16.13 -29.35 -8.56
N ASN F 186 -15.80 -30.65 -8.72
CA ASN F 186 -14.39 -31.02 -8.88
C ASN F 186 -14.13 -31.79 -10.20
N VAL F 187 -15.17 -32.10 -11.00
CA VAL F 187 -15.02 -32.67 -12.36
C VAL F 187 -15.02 -31.47 -13.32
N ASN F 188 -15.86 -30.49 -13.01
CA ASN F 188 -16.02 -29.26 -13.75
C ASN F 188 -16.67 -28.25 -12.78
N PRO F 189 -16.88 -26.97 -13.16
CA PRO F 189 -17.42 -26.00 -12.20
C PRO F 189 -18.76 -26.39 -11.57
N ALA F 190 -19.56 -27.20 -12.30
CA ALA F 190 -20.92 -27.58 -11.86
C ALA F 190 -21.03 -28.84 -11.02
N ALA F 191 -20.15 -29.84 -11.23
CA ALA F 191 -20.38 -31.16 -10.66
C ALA F 191 -19.25 -31.80 -9.92
N GLU F 192 -19.61 -32.51 -8.85
CA GLU F 192 -18.69 -33.34 -8.06
C GLU F 192 -18.66 -34.73 -8.75
N ALA F 193 -17.51 -35.43 -8.65
CA ALA F 193 -17.23 -36.69 -9.35
C ALA F 193 -18.24 -37.81 -9.15
N ASN F 194 -18.62 -38.12 -7.90
CA ASN F 194 -19.56 -39.23 -7.67
C ASN F 194 -20.90 -38.99 -8.31
N ILE F 195 -21.41 -37.76 -8.18
CA ILE F 195 -22.69 -37.42 -8.78
C ILE F 195 -22.60 -37.40 -10.30
N HIS F 196 -21.54 -36.79 -10.83
CA HIS F 196 -21.33 -36.73 -12.28
C HIS F 196 -21.21 -38.15 -12.90
N GLY F 197 -20.65 -39.09 -12.14
CA GLY F 197 -20.49 -40.48 -12.54
C GLY F 197 -21.82 -41.16 -12.85
N ASP F 198 -22.90 -40.76 -12.13
CA ASP F 198 -24.26 -41.27 -12.38
C ASP F 198 -25.32 -40.30 -11.84
N PRO F 199 -25.65 -39.25 -12.63
CA PRO F 199 -26.60 -38.25 -12.15
C PRO F 199 -28.00 -38.81 -11.92
N GLU F 200 -28.47 -39.69 -12.82
CA GLU F 200 -29.80 -40.30 -12.69
C GLU F 200 -29.88 -41.12 -11.39
N ALA F 201 -28.82 -41.90 -11.07
CA ALA F 201 -28.79 -42.70 -9.85
C ALA F 201 -28.87 -41.80 -8.62
N ALA F 202 -28.09 -40.69 -8.62
CA ALA F 202 -28.08 -39.75 -7.48
C ALA F 202 -29.46 -39.14 -7.28
N ASP F 203 -30.15 -38.76 -8.37
CA ASP F 203 -31.49 -38.17 -8.27
C ASP F 203 -32.49 -39.18 -7.69
N ILE F 204 -32.36 -40.47 -8.09
CA ILE F 204 -33.20 -41.54 -7.55
C ILE F 204 -32.97 -41.69 -6.04
N VAL F 205 -31.69 -41.69 -5.61
CA VAL F 205 -31.38 -41.84 -4.18
C VAL F 205 -31.94 -40.64 -3.39
N PHE F 206 -31.67 -39.41 -3.83
CA PHE F 206 -32.09 -38.20 -3.08
C PHE F 206 -33.60 -37.99 -2.98
N THR F 207 -34.38 -38.55 -3.94
CA THR F 207 -35.84 -38.45 -3.90
C THR F 207 -36.52 -39.76 -3.44
N SER F 208 -35.75 -40.71 -2.92
CA SER F 208 -36.28 -42.02 -2.53
C SER F 208 -37.16 -42.03 -1.25
N GLY F 209 -37.03 -41.00 -0.41
CA GLY F 209 -37.72 -40.94 0.86
C GLY F 209 -36.98 -41.69 1.97
N ALA F 210 -35.77 -42.24 1.68
CA ALA F 210 -34.95 -42.90 2.68
C ALA F 210 -34.30 -41.83 3.58
N ASP F 211 -33.81 -42.24 4.77
CA ASP F 211 -33.13 -41.30 5.67
C ASP F 211 -31.73 -41.08 5.09
N ILE F 212 -31.54 -39.96 4.38
CA ILE F 212 -30.27 -39.65 3.71
C ILE F 212 -29.54 -38.48 4.34
N VAL F 213 -28.20 -38.61 4.43
CA VAL F 213 -27.31 -37.57 4.90
C VAL F 213 -26.28 -37.38 3.79
N VAL F 214 -26.15 -36.17 3.24
CA VAL F 214 -25.17 -35.92 2.17
C VAL F 214 -24.05 -35.00 2.66
N VAL F 215 -22.81 -35.43 2.41
CA VAL F 215 -21.63 -34.65 2.76
C VAL F 215 -20.98 -34.26 1.42
N GLY F 216 -21.12 -33.01 1.06
CA GLY F 216 -20.58 -32.53 -0.20
C GLY F 216 -19.15 -32.06 -0.11
N ILE F 217 -18.53 -31.79 -1.27
CA ILE F 217 -17.13 -31.32 -1.27
C ILE F 217 -17.02 -29.88 -0.76
N ASN F 218 -18.17 -29.16 -0.62
CA ASN F 218 -18.22 -27.83 0.04
C ASN F 218 -17.73 -28.01 1.48
N ILE F 219 -17.93 -29.23 2.05
CA ILE F 219 -17.45 -29.58 3.40
C ILE F 219 -16.02 -30.12 3.35
N THR F 220 -15.81 -31.17 2.54
CA THR F 220 -14.57 -31.94 2.55
C THR F 220 -13.36 -31.16 2.03
N THR F 221 -13.54 -30.15 1.16
CA THR F 221 -12.41 -29.33 0.69
C THR F 221 -11.86 -28.44 1.82
N GLN F 222 -12.58 -28.38 2.96
CA GLN F 222 -12.11 -27.62 4.13
C GLN F 222 -11.16 -28.46 4.98
N VAL F 223 -11.14 -29.80 4.75
CA VAL F 223 -10.37 -30.77 5.53
C VAL F 223 -9.23 -31.31 4.66
N CYS F 224 -8.00 -30.97 5.04
CA CYS F 224 -6.81 -31.34 4.28
C CYS F 224 -5.72 -31.96 5.13
N LEU F 225 -4.86 -32.77 4.49
CA LEU F 225 -3.61 -33.24 5.07
C LEU F 225 -2.51 -32.60 4.22
N THR F 226 -1.64 -31.80 4.82
CA THR F 226 -0.54 -31.17 4.08
C THR F 226 0.57 -32.19 3.82
N ASP F 227 1.60 -31.84 3.03
CA ASP F 227 2.77 -32.71 2.83
C ASP F 227 3.41 -33.05 4.19
N GLU F 228 3.42 -32.09 5.14
CA GLU F 228 3.97 -32.29 6.50
C GLU F 228 3.16 -33.32 7.28
N ASP F 229 1.80 -33.28 7.15
CA ASP F 229 0.88 -34.23 7.79
C ASP F 229 1.11 -35.61 7.19
N LEU F 230 1.30 -35.68 5.86
CA LEU F 230 1.57 -36.97 5.20
C LEU F 230 2.88 -37.58 5.67
N LEU F 231 3.90 -36.74 5.86
CA LEU F 231 5.21 -37.18 6.36
C LEU F 231 5.09 -37.63 7.82
N GLU F 232 4.29 -36.91 8.65
CA GLU F 232 4.01 -37.30 10.04
C GLU F 232 3.35 -38.69 10.04
N LEU F 233 2.41 -38.93 9.10
CA LEU F 233 1.74 -40.23 8.97
C LEU F 233 2.76 -41.32 8.61
N ARG F 234 3.60 -41.09 7.58
CA ARG F 234 4.61 -42.06 7.17
C ARG F 234 5.55 -42.42 8.33
N ASN F 235 5.94 -41.41 9.11
CA ASN F 235 6.89 -41.56 10.22
C ASN F 235 6.27 -42.13 11.50
N SER F 236 4.95 -42.32 11.53
CA SER F 236 4.23 -42.83 12.70
C SER F 236 4.31 -44.37 12.80
N LYS F 237 3.75 -44.91 13.89
CA LYS F 237 3.67 -46.37 14.08
C LYS F 237 2.35 -46.92 13.55
N GLY F 238 1.62 -46.12 12.76
CA GLY F 238 0.33 -46.51 12.20
C GLY F 238 0.38 -47.84 11.47
N LYS F 239 -0.60 -48.72 11.74
N LYS F 239 -0.60 -48.73 11.75
CA LYS F 239 -0.69 -50.07 11.15
CA LYS F 239 -0.64 -50.08 11.14
C LYS F 239 -0.49 -50.06 9.62
C LYS F 239 -0.46 -50.05 9.62
N HIS F 240 -1.21 -49.17 8.93
CA HIS F 240 -1.16 -49.06 7.46
C HIS F 240 -0.44 -47.82 6.97
N ALA F 241 0.37 -47.16 7.83
CA ALA F 241 1.05 -45.91 7.50
C ALA F 241 1.89 -45.97 6.20
N ALA F 242 2.70 -47.01 6.02
CA ALA F 242 3.55 -47.15 4.83
C ALA F 242 2.72 -47.24 3.56
N PHE F 243 1.66 -48.07 3.59
CA PHE F 243 0.78 -48.28 2.44
C PHE F 243 0.02 -47.02 2.10
N LEU F 244 -0.52 -46.35 3.14
CA LEU F 244 -1.30 -45.12 2.95
C LEU F 244 -0.40 -44.03 2.33
N TYR F 245 0.81 -43.86 2.86
CA TYR F 245 1.73 -42.88 2.31
C TYR F 245 2.11 -43.18 0.86
N GLU F 246 2.37 -44.46 0.54
CA GLU F 246 2.72 -44.85 -0.82
C GLU F 246 1.59 -44.52 -1.81
N MET F 247 0.33 -44.88 -1.46
CA MET F 247 -0.81 -44.54 -2.34
C MET F 247 -0.95 -43.03 -2.54
N CYS F 248 -0.75 -42.28 -1.46
CA CYS F 248 -0.93 -40.84 -1.46
C CYS F 248 0.10 -40.06 -2.24
N LYS F 249 1.21 -40.68 -2.67
CA LYS F 249 2.20 -39.95 -3.48
C LYS F 249 1.56 -39.46 -4.77
N PHE F 250 0.87 -40.38 -5.48
CA PHE F 250 0.22 -40.02 -6.74
C PHE F 250 -0.92 -39.01 -6.49
N TYR F 251 -1.73 -39.28 -5.47
CA TYR F 251 -2.89 -38.47 -5.07
C TYR F 251 -2.46 -37.05 -4.77
N ARG F 252 -1.39 -36.89 -3.97
CA ARG F 252 -0.84 -35.58 -3.63
C ARG F 252 -0.34 -34.85 -4.90
N ASP F 253 0.31 -35.55 -5.82
CA ASP F 253 0.80 -34.94 -7.06
C ASP F 253 -0.35 -34.37 -7.90
N TRP F 254 -1.51 -35.05 -7.92
CA TRP F 254 -2.69 -34.53 -8.62
C TRP F 254 -3.18 -33.23 -7.96
N HIS F 255 -3.25 -33.21 -6.60
CA HIS F 255 -3.72 -32.01 -5.90
C HIS F 255 -2.78 -30.83 -6.19
N ALA F 256 -1.44 -31.10 -6.25
CA ALA F 256 -0.46 -30.03 -6.53
C ALA F 256 -0.66 -29.45 -7.93
N LYS F 257 -0.90 -30.33 -8.91
CA LYS F 257 -1.07 -29.93 -10.33
C LYS F 257 -2.42 -29.24 -10.59
N SER F 258 -3.51 -29.78 -10.02
CA SER F 258 -4.87 -29.30 -10.31
C SER F 258 -5.37 -28.23 -9.36
N ASP F 259 -5.23 -28.47 -8.04
CA ASP F 259 -5.75 -27.56 -7.01
C ASP F 259 -4.74 -26.56 -6.49
N GLY F 260 -3.47 -26.76 -6.80
CA GLY F 260 -2.39 -25.87 -6.35
C GLY F 260 -2.13 -26.02 -4.87
N PHE F 261 -2.45 -27.20 -4.33
CA PHE F 261 -2.33 -27.52 -2.92
C PHE F 261 -1.28 -28.61 -2.72
N HIS F 262 -0.28 -28.37 -1.87
CA HIS F 262 0.74 -29.39 -1.57
C HIS F 262 0.24 -30.29 -0.44
N GLY F 263 -0.53 -31.29 -0.82
CA GLY F 263 -1.12 -32.23 0.14
C GLY F 263 -2.34 -32.86 -0.50
N ILE F 264 -3.28 -33.33 0.31
CA ILE F 264 -4.50 -33.97 -0.20
C ILE F 264 -5.74 -33.47 0.55
N PHE F 265 -6.91 -33.51 -0.13
CA PHE F 265 -8.18 -33.25 0.55
C PHE F 265 -8.56 -34.58 1.15
N LEU F 266 -9.39 -34.59 2.21
CA LEU F 266 -9.87 -35.84 2.78
C LEU F 266 -11.37 -35.87 2.48
N HIS F 267 -11.75 -36.55 1.42
CA HIS F 267 -13.17 -36.64 1.04
C HIS F 267 -13.86 -37.82 1.74
N ASP F 268 -13.59 -39.04 1.29
CA ASP F 268 -14.26 -40.23 1.85
C ASP F 268 -14.04 -40.38 3.38
N PRO F 269 -12.82 -40.13 3.94
CA PRO F 269 -12.66 -40.23 5.42
C PRO F 269 -13.53 -39.26 6.22
N VAL F 270 -13.84 -38.08 5.65
CA VAL F 270 -14.71 -37.10 6.34
C VAL F 270 -16.15 -37.64 6.39
N SER F 271 -16.65 -38.28 5.31
CA SER F 271 -18.00 -38.87 5.36
C SER F 271 -18.10 -39.99 6.43
N PHE F 272 -17.02 -40.76 6.60
CA PHE F 272 -16.97 -41.78 7.64
C PHE F 272 -16.97 -41.12 9.01
N THR F 273 -16.27 -39.97 9.15
CA THR F 273 -16.27 -39.20 10.40
C THR F 273 -17.70 -38.72 10.72
N ALA F 274 -18.50 -38.37 9.70
CA ALA F 274 -19.90 -37.94 9.91
C ALA F 274 -20.77 -39.09 10.45
N VAL F 275 -20.41 -40.35 10.11
CA VAL F 275 -21.13 -41.54 10.61
C VAL F 275 -20.83 -41.71 12.12
N LEU F 276 -19.54 -41.64 12.53
CA LEU F 276 -19.14 -41.88 13.93
C LEU F 276 -19.24 -40.67 14.83
N HIS F 277 -19.00 -39.48 14.30
CA HIS F 277 -19.02 -38.24 15.07
C HIS F 277 -19.84 -37.16 14.39
N PRO F 278 -21.18 -37.35 14.25
CA PRO F 278 -22.01 -36.31 13.61
C PRO F 278 -21.97 -34.97 14.36
N GLU F 279 -21.59 -35.01 15.66
CA GLU F 279 -21.47 -33.81 16.51
C GLU F 279 -20.33 -32.88 16.07
N TYR F 280 -19.45 -33.33 15.14
CA TYR F 280 -18.36 -32.49 14.60
C TYR F 280 -18.88 -31.64 13.43
N PHE F 281 -20.18 -31.81 13.07
CA PHE F 281 -20.78 -31.12 11.94
C PHE F 281 -22.12 -30.48 12.33
N THR F 282 -22.63 -29.59 11.48
CA THR F 282 -24.01 -29.09 11.58
C THR F 282 -24.61 -29.53 10.26
N PHE F 283 -25.93 -29.72 10.25
CA PHE F 283 -26.67 -30.14 9.07
C PHE F 283 -27.85 -29.22 8.85
N LYS F 284 -28.25 -29.05 7.57
CA LYS F 284 -29.45 -28.28 7.20
C LYS F 284 -30.34 -29.24 6.43
N LYS F 285 -31.64 -29.10 6.60
CA LYS F 285 -32.59 -29.94 5.88
C LYS F 285 -33.02 -29.26 4.60
N GLY F 286 -33.17 -30.03 3.54
CA GLY F 286 -33.70 -29.50 2.29
C GLY F 286 -33.89 -30.57 1.25
N VAL F 287 -34.79 -30.32 0.29
CA VAL F 287 -34.97 -31.24 -0.83
C VAL F 287 -33.77 -31.06 -1.78
N VAL F 288 -33.18 -32.18 -2.23
CA VAL F 288 -32.06 -32.12 -3.17
C VAL F 288 -32.46 -32.80 -4.49
N ARG F 289 -32.21 -32.11 -5.62
CA ARG F 289 -32.43 -32.68 -6.96
C ARG F 289 -31.09 -32.59 -7.68
N VAL F 290 -30.90 -33.45 -8.68
CA VAL F 290 -29.65 -33.50 -9.46
C VAL F 290 -30.01 -33.20 -10.89
N GLU F 291 -29.24 -32.31 -11.52
CA GLU F 291 -29.43 -31.98 -12.93
C GLU F 291 -28.86 -33.17 -13.73
N THR F 292 -29.63 -33.68 -14.70
CA THR F 292 -29.22 -34.86 -15.47
C THR F 292 -28.88 -34.53 -16.92
N GLN F 293 -29.12 -33.30 -17.36
CA GLN F 293 -28.83 -32.90 -18.75
C GLN F 293 -28.16 -31.53 -18.83
N GLY F 294 -27.60 -31.21 -19.97
CA GLY F 294 -27.02 -29.89 -20.18
C GLY F 294 -25.68 -29.65 -19.54
N ILE F 295 -25.21 -28.40 -19.60
CA ILE F 295 -23.87 -28.06 -19.10
C ILE F 295 -23.73 -28.31 -17.61
N CYS F 296 -24.86 -28.25 -16.87
CA CYS F 296 -24.80 -28.47 -15.44
C CYS F 296 -25.13 -29.90 -15.04
N THR F 297 -25.03 -30.88 -15.99
CA THR F 297 -25.21 -32.31 -15.68
C THR F 297 -24.37 -32.67 -14.41
N GLY F 298 -25.00 -33.30 -13.45
CA GLY F 298 -24.33 -33.71 -12.20
C GLY F 298 -24.40 -32.69 -11.08
N HIS F 299 -24.97 -31.50 -11.34
CA HIS F 299 -25.06 -30.46 -10.31
C HIS F 299 -26.09 -30.87 -9.25
N THR F 300 -25.75 -30.69 -7.97
CA THR F 300 -26.65 -30.98 -6.84
C THR F 300 -27.15 -29.66 -6.33
N LEU F 301 -28.46 -29.50 -6.34
CA LEU F 301 -29.06 -28.24 -5.89
C LEU F 301 -30.08 -28.51 -4.79
N MET F 302 -29.88 -27.87 -3.63
CA MET F 302 -30.73 -28.02 -2.48
C MET F 302 -31.71 -26.84 -2.39
N ASP F 303 -32.97 -27.14 -2.08
CA ASP F 303 -33.95 -26.11 -1.80
C ASP F 303 -33.93 -26.01 -0.30
N GLN F 304 -33.38 -24.91 0.23
CA GLN F 304 -33.29 -24.69 1.68
C GLN F 304 -34.64 -24.49 2.36
N GLY F 305 -35.72 -24.28 1.57
CA GLY F 305 -37.06 -24.10 2.12
C GLY F 305 -37.28 -22.77 2.84
N LEU F 306 -36.47 -21.76 2.46
CA LEU F 306 -36.58 -20.43 3.08
C LEU F 306 -37.58 -19.53 2.37
N LYS F 307 -38.13 -19.97 1.24
CA LYS F 307 -39.03 -19.13 0.43
C LYS F 307 -40.17 -19.93 -0.11
N LYS F 308 -41.38 -19.33 -0.09
CA LYS F 308 -42.58 -19.95 -0.67
C LYS F 308 -42.62 -19.57 -2.15
N TRP F 309 -42.46 -20.57 -3.02
CA TRP F 309 -42.44 -20.33 -4.46
C TRP F 309 -43.85 -20.10 -4.94
N ASN F 310 -44.01 -19.27 -5.98
CA ASN F 310 -45.34 -18.98 -6.53
C ASN F 310 -45.94 -20.17 -7.25
N SER F 311 -45.10 -21.00 -7.85
CA SER F 311 -45.58 -22.20 -8.53
C SER F 311 -44.72 -23.41 -8.18
N GLU F 312 -45.27 -24.62 -8.39
CA GLU F 312 -44.57 -25.86 -8.11
C GLU F 312 -43.39 -26.06 -9.04
N ASN F 313 -42.38 -26.76 -8.53
CA ASN F 313 -41.14 -26.96 -9.27
C ASN F 313 -40.57 -28.32 -8.89
N PRO F 314 -39.45 -28.75 -9.50
CA PRO F 314 -38.90 -30.07 -9.18
C PRO F 314 -38.51 -30.30 -7.71
N TRP F 315 -38.43 -29.25 -6.89
CA TRP F 315 -38.07 -29.44 -5.48
C TRP F 315 -39.30 -29.51 -4.57
N SER F 316 -40.50 -29.30 -5.13
CA SER F 316 -41.75 -29.30 -4.37
C SER F 316 -42.13 -30.69 -3.91
N GLY F 317 -42.68 -30.78 -2.70
CA GLY F 317 -43.31 -32.01 -2.19
C GLY F 317 -42.46 -33.13 -1.67
N TYR F 318 -41.21 -33.25 -2.10
CA TYR F 318 -40.33 -34.33 -1.68
C TYR F 318 -39.96 -34.22 -0.21
N LYS F 319 -39.60 -35.35 0.37
CA LYS F 319 -39.12 -35.36 1.74
C LYS F 319 -37.70 -34.73 1.72
N PRO F 320 -37.43 -33.75 2.60
CA PRO F 320 -36.08 -33.18 2.63
C PRO F 320 -35.08 -34.19 3.19
N ILE F 321 -33.83 -34.01 2.84
CA ILE F 321 -32.73 -34.83 3.33
C ILE F 321 -31.80 -33.91 4.14
N SER F 322 -30.83 -34.49 4.84
CA SER F 322 -29.88 -33.73 5.67
C SER F 322 -28.63 -33.47 4.87
N VAL F 323 -28.23 -32.19 4.82
CA VAL F 323 -27.05 -31.79 4.05
C VAL F 323 -26.01 -31.25 5.02
N ALA F 324 -24.78 -31.83 5.07
CA ALA F 324 -23.75 -31.32 5.99
C ALA F 324 -23.46 -29.87 5.60
N TRP F 325 -23.47 -28.98 6.59
CA TRP F 325 -23.36 -27.54 6.35
C TRP F 325 -22.09 -26.88 6.83
N THR F 326 -21.67 -27.20 8.05
CA THR F 326 -20.42 -26.69 8.63
C THR F 326 -19.70 -27.87 9.26
N VAL F 327 -18.40 -27.73 9.45
CA VAL F 327 -17.55 -28.79 10.01
C VAL F 327 -16.53 -28.21 10.97
N ASP F 328 -16.28 -28.91 12.09
CA ASP F 328 -15.26 -28.53 13.05
C ASP F 328 -13.98 -29.19 12.53
N VAL F 329 -13.21 -28.45 11.72
CA VAL F 329 -12.02 -28.95 11.00
C VAL F 329 -10.98 -29.51 11.99
N PRO F 330 -10.55 -28.81 13.07
CA PRO F 330 -9.56 -29.43 13.98
C PRO F 330 -10.00 -30.76 14.58
N LYS F 331 -11.28 -30.89 14.99
CA LYS F 331 -11.81 -32.15 15.56
C LYS F 331 -11.82 -33.29 14.53
N VAL F 332 -12.20 -33.00 13.29
CA VAL F 332 -12.22 -34.01 12.23
C VAL F 332 -10.80 -34.47 11.91
N ILE F 333 -9.86 -33.52 11.71
CA ILE F 333 -8.46 -33.86 11.41
C ILE F 333 -7.84 -34.69 12.55
N SER F 334 -8.08 -34.29 13.80
CA SER F 334 -7.56 -35.00 14.97
C SER F 334 -8.06 -36.44 15.02
N PHE F 335 -9.37 -36.65 14.74
CA PHE F 335 -9.97 -37.99 14.72
C PHE F 335 -9.39 -38.86 13.62
N ILE F 336 -9.27 -38.31 12.39
CA ILE F 336 -8.75 -39.06 11.24
C ILE F 336 -7.28 -39.43 11.50
N LYS F 337 -6.45 -38.46 11.91
CA LYS F 337 -5.03 -38.70 12.20
C LYS F 337 -4.83 -39.75 13.27
N LYS F 338 -5.66 -39.72 14.34
CA LYS F 338 -5.60 -40.69 15.45
C LYS F 338 -5.81 -42.11 14.93
N LEU F 339 -6.82 -42.32 14.06
CA LEU F 339 -7.12 -43.63 13.50
C LEU F 339 -6.04 -44.09 12.52
N LEU F 340 -5.52 -43.16 11.69
CA LEU F 340 -4.49 -43.48 10.68
C LEU F 340 -3.14 -43.78 11.31
N MET F 341 -2.84 -43.15 12.45
CA MET F 341 -1.55 -43.30 13.14
C MET F 341 -1.56 -44.35 14.26
N ALA F 342 -2.71 -45.00 14.49
CA ALA F 342 -2.83 -46.02 15.52
C ALA F 342 -2.11 -47.33 15.12
N PRO F 343 -1.25 -47.90 16.00
CA PRO F 343 -0.57 -49.16 15.64
C PRO F 343 -1.57 -50.34 15.55
CA CA G . 15.69 -8.92 35.46
O5 RIB H . 12.09 -3.12 35.85
C5 RIB H . 12.00 -4.50 35.77
C4 RIB H . 13.24 -5.26 35.55
O4 RIB H . 14.20 -4.98 36.49
C3 RIB H . 13.11 -6.75 35.49
O3 RIB H . 14.06 -7.15 34.57
C2 RIB H . 13.55 -7.12 36.85
O2 RIB H . 13.88 -8.44 36.97
C1 RIB H . 14.72 -6.22 37.07
O1 RIB H . 15.89 -6.62 36.52
C1 EDO I . -2.66 -3.14 38.03
O1 EDO I . -2.25 -4.01 37.00
C2 EDO I . -1.54 -2.13 38.35
O2 EDO I . -1.95 -1.27 39.40
C1 EDO J . 19.93 -26.57 27.15
O1 EDO J . 20.44 -27.12 25.94
C2 EDO J . 18.43 -26.21 27.00
O2 EDO J . 18.27 -25.12 26.10
C1 EDO K . 13.36 -0.44 42.16
O1 EDO K . 14.21 -1.45 41.70
C2 EDO K . 11.92 -0.89 41.90
O2 EDO K . 11.03 -0.02 42.59
C1 PGE L . 23.45 -2.48 9.74
O1 PGE L . 22.62 -1.38 10.06
C2 PGE L . 24.23 -2.92 10.94
O2 PGE L . 25.11 -1.88 11.36
C3 PGE L . 25.69 -2.13 12.63
C4 PGE L . 26.58 -1.01 13.00
O4 PGE L . 25.11 2.68 14.67
C6 PGE L . 25.96 2.56 13.56
C5 PGE L . 26.69 1.26 13.58
O3 PGE L . 25.87 0.23 13.05
C1 PGE M . -5.30 -6.29 20.83
O1 PGE M . -5.80 -7.58 20.52
C2 PGE M . -3.83 -6.31 21.12
O2 PGE M . -3.13 -6.85 20.02
C3 PGE M . -1.72 -6.73 20.14
C4 PGE M . -1.06 -6.68 18.82
O4 PGE M . -1.72 -7.24 14.99
C6 PGE M . -1.22 -8.38 15.69
C5 PGE M . -0.51 -7.98 16.94
O3 PGE M . -1.42 -7.76 17.99
C1 PEG N . 18.94 -11.60 55.44
O1 PEG N . 17.64 -11.11 55.16
C2 PEG N . 19.99 -10.64 54.98
O2 PEG N . 21.22 -11.33 54.79
C3 PEG N . 21.96 -10.84 53.68
C4 PEG N . 22.90 -11.91 53.17
O4 PEG N . 22.21 -12.90 52.40
CA CA O . 2.91 31.42 23.02
O5 RIB P . 4.77 24.96 21.98
C5 RIB P . 3.77 25.88 21.79
C4 RIB P . 3.92 27.19 22.43
O4 RIB P . 5.12 27.78 22.11
C3 RIB P . 2.83 28.17 22.16
O3 RIB P . 2.71 28.89 23.33
C2 RIB P . 3.48 29.01 21.14
O2 RIB P . 2.87 30.20 20.97
C1 RIB P . 4.88 29.15 21.63
O1 RIB P . 5.12 30.10 22.58
C1 EDO Q . 6.25 15.41 8.05
O1 EDO Q . 6.46 14.06 8.43
C2 EDO Q . 5.30 15.49 6.85
O2 EDO Q . 5.81 16.37 5.86
C1 PGE R . -14.28 12.88 26.52
O1 PGE R . -15.51 13.41 26.05
C2 PGE R . -13.36 13.95 26.99
O2 PGE R . -14.05 14.82 27.88
C3 PGE R . -13.24 15.35 28.91
C4 PGE R . -14.02 16.41 29.61
O4 PGE R . -15.88 17.54 32.87
C6 PGE R . -16.08 16.17 32.56
C5 PGE R . -15.76 15.89 31.12
O3 PGE R . -14.37 16.00 30.92
C1 PGE S . -10.70 28.64 36.70
O1 PGE S . -10.42 28.72 38.10
C2 PGE S . -9.56 28.06 35.94
O2 PGE S . -9.23 26.79 36.47
C3 PGE S . -8.50 25.96 35.58
C4 PGE S . -8.57 24.55 36.06
O4 PGE S . -6.83 23.57 39.86
C6 PGE S . -8.03 23.02 39.34
C5 PGE S . -8.08 23.09 37.85
O3 PGE S . -8.18 24.44 37.41
C1 PGE T . -3.44 -0.81 49.51
O1 PGE T . -3.83 -1.07 48.16
C2 PGE T . -2.53 0.38 49.64
O2 PGE T . -1.37 0.23 48.85
C3 PGE T . -1.35 1.10 47.74
C4 PGE T . -0.01 1.73 47.52
O4 PGE T . 0.79 6.09 47.09
C6 PGE T . 0.48 4.99 46.25
C5 PGE T . -0.38 4.00 46.95
O3 PGE T . -0.11 2.69 46.49
C1 PGE U . 10.02 23.92 16.56
O1 PGE U . 8.98 23.09 16.10
C2 PGE U . 9.73 24.43 17.91
O2 PGE U . 9.04 25.66 17.84
C3 PGE U . 7.68 25.50 18.18
C4 PGE U . 7.05 26.82 18.42
O4 PGE U . 3.12 26.06 17.64
C6 PGE U . 3.47 27.38 17.95
C5 PGE U . 4.82 27.50 18.55
O3 PGE U . 5.78 26.81 17.79
C1 PEG V . 13.06 16.97 49.72
O1 PEG V . 13.88 16.53 50.78
C2 PEG V . 12.98 18.46 49.67
O2 PEG V . 12.12 18.89 48.62
C3 PEG V . 11.04 19.70 49.06
C4 PEG V . 11.36 21.14 48.88
O4 PEG V . 10.25 21.96 49.18
CA CA W . 17.15 -7.89 -13.83
O5 RIB X . 19.14 -1.40 -14.40
C5 RIB X . 18.60 -2.35 -13.54
C4 RIB X . 18.25 -3.65 -14.10
O4 RIB X . 19.32 -4.22 -14.76
C3 RIB X . 17.72 -4.65 -13.13
O3 RIB X . 16.79 -5.37 -13.84
C2 RIB X . 18.91 -5.48 -12.91
O2 RIB X . 18.61 -6.69 -12.38
C1 RIB X . 19.50 -5.60 -14.29
O1 RIB X . 18.96 -6.53 -15.12
C1 EDO Y . 4.12 3.07 -37.76
O1 EDO Y . 3.07 2.41 -37.08
C2 EDO Y . 4.08 4.57 -37.42
O2 EDO Y . 4.78 5.27 -38.43
C1 EDO Z . 25.18 -1.22 -14.35
O1 EDO Z . 25.19 -2.16 -15.38
C2 EDO Z . 26.39 -0.33 -14.58
O2 EDO Z . 26.47 0.56 -13.51
C1 EDO AA . 28.91 2.06 -15.80
O1 EDO AA . 28.83 1.71 -14.43
C2 EDO AA . 29.61 0.97 -16.62
O2 EDO AA . 29.84 1.42 -17.95
C1 PGE BA . -2.64 6.68 -5.69
O1 PGE BA . -3.86 7.40 -5.82
C2 PGE BA . -1.59 7.26 -6.59
O2 PGE BA . -0.29 6.85 -6.16
C3 PGE BA . 0.35 7.84 -5.39
C4 PGE BA . 1.82 7.81 -5.49
O4 PGE BA . 2.05 9.90 -1.35
C6 PGE BA . 2.05 10.07 -2.74
C5 PGE BA . 2.54 8.84 -3.44
O3 PGE BA . 2.37 8.96 -4.84
C1 PGE CA . -3.77 -4.78 -13.64
O1 PGE CA . -3.76 -5.21 -14.99
C2 PGE CA . -2.56 -5.28 -12.90
O2 PGE CA . -1.45 -5.44 -13.78
C3 PGE CA . -0.40 -4.49 -13.65
C4 PGE CA . -0.88 -3.11 -13.92
O4 PGE CA . -1.28 0.70 -15.92
C6 PGE CA . -1.21 -0.67 -15.51
C5 PGE CA . -0.25 -0.87 -14.38
O3 PGE CA . 0.16 -2.23 -14.29
C1 PEG DA . -1.55 18.96 -27.40
O1 PEG DA . -2.25 17.75 -27.61
C2 PEG DA . -2.45 20.05 -26.99
O2 PEG DA . -2.25 21.19 -27.79
C3 PEG DA . -2.99 22.32 -27.35
C4 PEG DA . -3.95 22.75 -28.40
O4 PEG DA . -4.97 23.59 -27.85
C1 PEG EA . 8.12 13.87 -12.10
O1 PEG EA . 7.04 14.21 -11.24
C2 PEG EA . 7.84 12.61 -12.85
O2 PEG EA . 8.78 12.44 -13.90
C3 PEG EA . 9.74 11.44 -13.61
C4 PEG EA . 10.78 11.38 -14.66
O4 PEG EA . 11.95 12.08 -14.25
CA CA FA . 16.90 32.58 -31.43
O5 RIB GA . 14.13 26.81 -29.04
C5 RIB GA . 14.15 28.20 -28.92
C4 RIB GA . 15.15 28.95 -29.69
O4 RIB GA . 15.09 28.65 -31.03
C3 RIB GA . 15.09 30.44 -29.56
O3 RIB GA . 16.40 30.86 -29.61
C2 RIB GA . 14.41 30.82 -30.81
O2 RIB GA . 14.57 32.13 -31.15
C1 RIB GA . 15.04 29.89 -31.82
O1 RIB GA . 16.26 30.28 -32.31
C1 EDO HA . 10.48 28.59 -29.95
O1 EDO HA . 10.16 29.94 -29.70
C2 EDO HA . 10.80 28.53 -31.42
O2 EDO HA . 11.75 29.53 -31.71
C1 EDO IA . 38.22 13.21 -24.69
O1 EDO IA . 38.31 11.94 -24.07
C2 EDO IA . 38.73 14.30 -23.71
O2 EDO IA . 39.21 15.42 -24.45
C1 EDO JA . 4.13 34.80 -46.83
O1 EDO JA . 3.71 35.99 -47.47
C2 EDO JA . 5.06 34.02 -47.79
O2 EDO JA . 6.10 34.84 -48.25
C1 EDO KA . 25.48 49.03 -27.97
O1 EDO KA . 25.75 48.63 -26.63
C2 EDO KA . 25.89 50.50 -28.19
O2 EDO KA . 25.50 50.91 -29.49
C1 EDO LA . 15.86 20.46 -11.53
O1 EDO LA . 14.88 20.92 -10.63
C2 EDO LA . 15.25 20.27 -12.94
O2 EDO LA . 16.26 20.41 -13.91
C1 PEG MA . 18.71 31.37 -6.46
O1 PEG MA . 19.78 32.26 -6.27
C2 PEG MA . 17.95 31.67 -7.72
O2 PEG MA . 16.95 30.69 -7.95
C3 PEG MA . 15.69 31.04 -7.39
C4 PEG MA . 14.72 29.93 -7.59
O4 PEG MA . 13.49 30.22 -6.97
C1 PEG NA . -0.03 24.57 -20.41
O1 PEG NA . -1.39 24.79 -20.76
C2 PEG NA . 0.90 25.35 -21.29
O2 PEG NA . 2.20 25.39 -20.71
C3 PEG NA . 2.79 26.67 -20.73
C4 PEG NA . 3.11 27.14 -19.36
O4 PEG NA . 1.93 27.44 -18.61
C1 PEG OA . 26.89 34.58 -16.02
O1 PEG OA . 27.03 35.16 -17.29
C2 PEG OA . 26.49 33.14 -16.13
O2 PEG OA . 26.50 32.53 -14.84
C3 PEG OA . 27.66 31.77 -14.56
C4 PEG OA . 27.28 30.38 -14.16
O4 PEG OA . 28.40 29.58 -13.84
C1 PEG PA . 30.93 8.10 -2.80
O1 PEG PA . 31.96 7.41 -2.13
C2 PEG PA . 30.68 7.56 -4.17
O2 PEG PA . 29.78 8.41 -4.87
C3 PEG PA . 30.16 8.61 -6.23
C4 PEG PA . 30.24 10.08 -6.53
O4 PEG PA . 30.97 10.32 -7.73
CA CA QA . -35.98 -5.17 -12.95
O5 RIB RA . -34.88 -10.96 -9.51
C5 RIB RA . -34.98 -9.58 -9.40
C4 RIB RA . -35.12 -8.80 -10.64
O4 RIB RA . -36.15 -9.26 -11.42
C3 RIB RA . -35.27 -7.32 -10.48
O3 RIB RA . -34.60 -6.77 -11.56
C2 RIB RA . -36.73 -7.18 -10.66
O2 RIB RA . -37.10 -5.91 -10.95
C1 RIB RA . -37.02 -8.12 -11.78
O1 RIB RA . -36.76 -7.65 -13.03
C1 EDO SA . -47.88 12.96 -11.63
O1 EDO SA . -46.52 12.71 -11.93
C2 EDO SA . -48.79 12.05 -12.48
O2 EDO SA . -49.74 11.38 -11.67
C1 EDO TA . -16.22 -14.60 -23.32
O1 EDO TA . -16.13 -14.21 -21.99
C2 EDO TA . -15.25 -13.85 -24.18
O2 EDO TA . -14.09 -14.61 -24.34
C1 EDO UA . -41.36 -18.23 -7.52
O1 EDO UA . -42.12 -17.30 -6.79
C2 EDO UA . -42.18 -19.03 -8.57
O2 EDO UA . -42.20 -18.33 -9.80
C1 EDO VA . -38.54 -9.79 -7.45
O1 EDO VA . -38.21 -8.55 -6.84
C2 EDO VA . -38.92 -9.56 -8.93
O2 EDO VA . -39.19 -10.82 -9.58
C1 EDO WA . -3.95 -30.62 -14.21
O1 EDO WA . -2.84 -30.22 -14.99
C2 EDO WA . -5.14 -30.91 -15.14
O2 EDO WA . -4.79 -31.98 -16.01
C1 PGE XA . -12.19 -36.32 -8.67
O1 PGE XA . -11.13 -35.83 -7.87
C2 PGE XA . -11.94 -36.12 -10.14
O2 PGE XA . -11.61 -34.77 -10.40
C3 PGE XA . -11.42 -34.48 -11.76
C4 PGE XA . -10.84 -33.11 -11.89
O4 PGE XA . -12.50 -32.38 -16.13
C6 PGE XA . -11.91 -33.10 -15.08
C5 PGE XA . -11.52 -32.20 -13.96
O3 PGE XA . -10.47 -32.78 -13.22
C1 PEG YA . -18.07 -5.76 3.93
O1 PEG YA . -18.45 -5.26 5.22
C2 PEG YA . -17.69 -4.63 3.02
O2 PEG YA . -17.06 -5.12 1.86
C3 PEG YA . -17.36 -4.41 0.67
C4 PEG YA . -16.46 -3.21 0.51
O4 PEG YA . -15.10 -3.55 0.53
C1 PEG ZA . -14.48 -2.94 -12.56
O1 PEG ZA . -14.24 -3.45 -13.87
C2 PEG ZA . -15.62 -3.65 -11.90
O2 PEG ZA . -16.41 -2.75 -11.12
C3 PEG ZA . -17.38 -2.04 -11.89
C4 PEG ZA . -18.54 -1.63 -11.06
O4 PEG ZA . -19.47 -0.92 -11.85
C1 PEG AB . -49.62 -13.67 -4.12
O1 PEG AB . -50.44 -14.56 -3.37
C2 PEG AB . -50.16 -12.28 -4.09
O2 PEG AB . -49.14 -11.31 -4.30
C3 PEG AB . -48.70 -10.66 -3.11
C4 PEG AB . -49.19 -9.24 -3.03
O4 PEG AB . -50.29 -9.13 -2.14
C1 PEG BB . -29.82 12.17 -14.92
O1 PEG BB . -28.76 11.98 -14.01
C2 PEG BB . -29.38 12.18 -16.34
O2 PEG BB . -30.50 12.28 -17.19
C3 PEG BB . -30.56 13.51 -17.92
C4 PEG BB . -31.90 14.13 -17.76
O4 PEG BB . -32.24 14.27 -16.39
CA CA CB . -14.72 -42.71 -3.50
O5 RIB DB . -15.25 -36.23 -5.54
C5 RIB DB . -14.65 -37.08 -4.62
C4 RIB DB . -15.09 -38.48 -4.61
O4 RIB DB . -14.96 -39.06 -5.85
C3 RIB DB . -14.41 -39.38 -3.62
O3 RIB DB . -15.39 -40.27 -3.24
C2 RIB DB . -13.44 -40.06 -4.50
O2 RIB DB . -12.95 -41.19 -3.95
C1 RIB DB . -14.21 -40.32 -5.75
O1 RIB DB . -15.02 -41.41 -5.73
C1 EDO EB . -46.31 -16.96 -1.82
O1 EDO EB . -47.66 -16.97 -1.41
C2 EDO EB . -46.15 -17.95 -2.99
O2 EDO EB . -47.20 -17.78 -3.94
C1 EDO FB . -33.21 -37.82 5.27
O1 EDO FB . -34.59 -37.76 4.90
C2 EDO FB . -32.99 -37.11 6.59
O2 EDO FB . -31.64 -37.18 7.03
C1 EDO GB . 0.52 -57.71 2.38
O1 EDO GB . -0.70 -57.02 2.59
C2 EDO GB . 0.75 -57.86 0.85
O2 EDO GB . 1.27 -56.67 0.30
C1 PGE HB . -2.21 -35.39 -14.31
O1 PGE HB . -1.63 -34.74 -15.43
C2 PGE HB . -1.33 -36.48 -13.79
O2 PGE HB . -1.78 -36.96 -12.52
C3 PGE HB . -1.08 -36.41 -11.41
C4 PGE HB . 0.00 -37.31 -10.87
O4 PGE HB . 4.01 -36.00 -11.88
C6 PGE HB . 3.58 -37.36 -11.74
C5 PGE HB . 2.39 -37.49 -10.85
O3 PGE HB . 1.23 -36.96 -11.48
C1 PGE IB . -21.02 -28.31 16.67
O1 PGE IB . -22.27 -27.69 16.41
C2 PGE IB . -20.33 -28.73 15.42
O2 PGE IB . -20.24 -27.63 14.54
C3 PGE IB . -18.98 -27.50 13.89
C4 PGE IB . -18.71 -26.05 13.65
O4 PGE IB . -16.66 -24.57 15.95
C6 PGE IB . -15.96 -24.40 14.72
C5 PGE IB . -16.89 -24.52 13.56
O3 PGE IB . -17.34 -25.86 13.42
C1 PGE JB . -24.78 -41.09 11.81
O1 PGE JB . -25.77 -40.97 12.82
C2 PGE JB . -25.07 -40.23 10.60
O2 PGE JB . -24.90 -38.85 10.92
C3 PGE JB . -25.87 -38.02 10.30
C4 PGE JB . -26.56 -37.15 11.32
O4 PGE JB . -30.98 -38.09 10.61
C6 PGE JB . -29.96 -37.17 10.24
C5 PGE JB . -28.92 -37.02 11.31
O3 PGE JB . -27.71 -36.54 10.76
C1 PEG KB . -14.65 -57.61 10.64
O1 PEG KB . -14.43 -58.75 11.49
C2 PEG KB . -15.64 -56.65 11.25
O2 PEG KB . -15.63 -55.42 10.51
C3 PEG KB . -16.07 -54.29 11.26
C4 PEG KB . -14.89 -53.51 11.76
O4 PEG KB . -15.24 -52.30 12.39
C1 PEG LB . -41.27 -21.89 2.92
O1 PEG LB . -42.14 -23.00 2.84
C2 PEG LB . -41.57 -21.03 4.11
O2 PEG LB . -40.78 -19.84 4.11
C3 PEG LB . -41.47 -18.70 3.59
C4 PEG LB . -41.89 -17.79 4.68
O4 PEG LB . -43.10 -17.09 4.36
#